data_7KUO
# 
_entry.id   7KUO 
# 
_audit_conform.dict_name       mmcif_pdbx.dic 
_audit_conform.dict_version    5.380 
_audit_conform.dict_location   http://mmcif.pdb.org/dictionaries/ascii/mmcif_pdbx.dic 
# 
loop_
_database_2.database_id 
_database_2.database_code 
_database_2.pdbx_database_accession 
_database_2.pdbx_DOI 
PDB   7KUO         pdb_00007kuo 10.2210/pdb7kuo/pdb 
WWPDB D_1000253080 ?            ?                   
# 
_pdbx_database_status.status_code                     REL 
_pdbx_database_status.status_code_sf                  REL 
_pdbx_database_status.status_code_mr                  ? 
_pdbx_database_status.entry_id                        7KUO 
_pdbx_database_status.recvd_initial_deposition_date   2020-11-25 
_pdbx_database_status.SG_entry                        N 
_pdbx_database_status.deposit_site                    RCSB 
_pdbx_database_status.process_site                    RCSB 
_pdbx_database_status.status_code_cs                  ? 
_pdbx_database_status.status_code_nmr_data            ? 
_pdbx_database_status.methods_development_category    ? 
_pdbx_database_status.pdb_format_compatible           Y 
# 
loop_
_audit_author.name 
_audit_author.pdbx_ordinal 
_audit_author.identifier_ORCID 
'Fang, Z.'      1 0000-0001-8679-6633 
'Giurgiu, C.'   2 0000-0003-0145-0110 
'Szostak, J.W.' 3 0000-0003-4131-1203 
# 
_citation.abstract                  ? 
_citation.abstract_id_CAS           ? 
_citation.book_id_ISBN              ? 
_citation.book_publisher            ? 
_citation.book_publisher_city       ? 
_citation.book_title                ? 
_citation.coordinate_linkage        ? 
_citation.country                   GE 
_citation.database_id_Medline       ? 
_citation.details                   ? 
_citation.id                        primary 
_citation.journal_abbrev            Angew.Chem.Int.Ed.Engl. 
_citation.journal_id_ASTM           ACIEAY 
_citation.journal_id_CSD            0179 
_citation.journal_id_ISSN           1521-3773 
_citation.journal_full              ? 
_citation.journal_issue             ? 
_citation.journal_volume            60 
_citation.language                  ? 
_citation.page_first                22925 
_citation.page_last                 22932 
_citation.title                     'Structure-Activity Relationships in Nonenzymatic Template-Directed RNA Synthesis.' 
_citation.year                      2021 
_citation.database_id_CSD           ? 
_citation.pdbx_database_id_DOI      10.1002/anie.202109714 
_citation.pdbx_database_id_PubMed   34428345 
_citation.unpublished_flag          ? 
# 
loop_
_citation_author.citation_id 
_citation_author.name 
_citation_author.ordinal 
_citation_author.identifier_ORCID 
primary 'Giurgiu, C.'    1 0000-0003-0145-0110 
primary 'Fang, Z.'       2 ?                   
primary 'Aitken, H.R.M.' 3 ?                   
primary 'Kim, S.C.'      4 ?                   
primary 'Pazienza, L.'   5 ?                   
primary 'Mittal, S.'     6 ?                   
primary 'Szostak, J.W.'  7 0000-0003-4131-1203 
# 
_cell.angle_alpha                  90.000 
_cell.angle_alpha_esd              ? 
_cell.angle_beta                   90.000 
_cell.angle_beta_esd               ? 
_cell.angle_gamma                  120.000 
_cell.angle_gamma_esd              ? 
_cell.entry_id                     7KUO 
_cell.details                      ? 
_cell.formula_units_Z              ? 
_cell.length_a                     49.072 
_cell.length_a_esd                 ? 
_cell.length_b                     49.072 
_cell.length_b_esd                 ? 
_cell.length_c                     81.254 
_cell.length_c_esd                 ? 
_cell.volume                       ? 
_cell.volume_esd                   ? 
_cell.Z_PDB                        12 
_cell.reciprocal_angle_alpha       ? 
_cell.reciprocal_angle_beta        ? 
_cell.reciprocal_angle_gamma       ? 
_cell.reciprocal_angle_alpha_esd   ? 
_cell.reciprocal_angle_beta_esd    ? 
_cell.reciprocal_angle_gamma_esd   ? 
_cell.reciprocal_length_a          ? 
_cell.reciprocal_length_b          ? 
_cell.reciprocal_length_c          ? 
_cell.reciprocal_length_a_esd      ? 
_cell.reciprocal_length_b_esd      ? 
_cell.reciprocal_length_c_esd      ? 
_cell.pdbx_unique_axis             ? 
# 
_symmetry.entry_id                         7KUO 
_symmetry.cell_setting                     ? 
_symmetry.Int_Tables_number                150 
_symmetry.space_group_name_Hall            ? 
_symmetry.space_group_name_H-M             'P 3 2 1' 
_symmetry.pdbx_full_space_group_name_H-M   ? 
# 
loop_
_entity.id 
_entity.type 
_entity.src_method 
_entity.pdbx_description 
_entity.formula_weight 
_entity.pdbx_number_of_molecules 
_entity.pdbx_ec 
_entity.pdbx_mutation 
_entity.pdbx_fragment 
_entity.details 
1 polymer     syn 
;RNA (5'-R((LCC)P*(LCC)P*(LCC)P*(LCG)P*AP*CP*UP*UP*AP*AP*GP*UP*CP*(GFL))-3')
;
4434.815 2  ? ? ? ? 
2 non-polymer syn "DIGUANOSINE-5'-TRIPHOSPHATE"                                                 788.406  2  ? ? ? ? 
3 non-polymer syn 'MAGNESIUM ION'                                                               24.305   5  ? ? ? ? 
4 water       nat water                                                                         18.015   47 ? ? ? ? 
# 
_entity_poly.entity_id                      1 
_entity_poly.type                           polyribonucleotide 
_entity_poly.nstd_linkage                   no 
_entity_poly.nstd_monomer                   yes 
_entity_poly.pdbx_seq_one_letter_code       '(LKC)(LCC)(LCC)(LCG)ACUUAAGUC(GFL)' 
_entity_poly.pdbx_seq_one_letter_code_can   NNNGACUUAAGUCG 
_entity_poly.pdbx_strand_id                 A,B 
_entity_poly.pdbx_target_identifier         ? 
# 
loop_
_entity_poly_seq.entity_id 
_entity_poly_seq.num 
_entity_poly_seq.mon_id 
_entity_poly_seq.hetero 
1 1  LKC n 
1 2  LCC n 
1 3  LCC n 
1 4  LCG n 
1 5  A   n 
1 6  C   n 
1 7  U   n 
1 8  U   n 
1 9  A   n 
1 10 A   n 
1 11 G   n 
1 12 U   n 
1 13 C   n 
1 14 GFL n 
# 
_pdbx_entity_src_syn.entity_id              1 
_pdbx_entity_src_syn.pdbx_src_id            1 
_pdbx_entity_src_syn.pdbx_alt_source_flag   sample 
_pdbx_entity_src_syn.pdbx_beg_seq_num       1 
_pdbx_entity_src_syn.pdbx_end_seq_num       14 
_pdbx_entity_src_syn.organism_scientific    'synthetic construct' 
_pdbx_entity_src_syn.organism_common_name   ? 
_pdbx_entity_src_syn.ncbi_taxonomy_id       32630 
_pdbx_entity_src_syn.details                ? 
# 
_struct_ref.id                         1 
_struct_ref.db_name                    PDB 
_struct_ref.db_code                    7KUO 
_struct_ref.pdbx_db_accession          7KUO 
_struct_ref.pdbx_db_isoform            ? 
_struct_ref.entity_id                  1 
_struct_ref.pdbx_seq_one_letter_code   ? 
_struct_ref.pdbx_align_begin           1 
# 
loop_
_struct_ref_seq.align_id 
_struct_ref_seq.ref_id 
_struct_ref_seq.pdbx_PDB_id_code 
_struct_ref_seq.pdbx_strand_id 
_struct_ref_seq.seq_align_beg 
_struct_ref_seq.pdbx_seq_align_beg_ins_code 
_struct_ref_seq.seq_align_end 
_struct_ref_seq.pdbx_seq_align_end_ins_code 
_struct_ref_seq.pdbx_db_accession 
_struct_ref_seq.db_align_beg 
_struct_ref_seq.pdbx_db_align_beg_ins_code 
_struct_ref_seq.db_align_end 
_struct_ref_seq.pdbx_db_align_end_ins_code 
_struct_ref_seq.pdbx_auth_seq_align_beg 
_struct_ref_seq.pdbx_auth_seq_align_end 
1 1 7KUO A 1 ? 14 ? 7KUO 1 ? 19 ? 1 19 
2 1 7KUO B 1 ? 14 ? 7KUO 1 ? 19 ? 1 19 
# 
loop_
_chem_comp.id 
_chem_comp.type 
_chem_comp.mon_nstd_flag 
_chem_comp.name 
_chem_comp.pdbx_synonyms 
_chem_comp.formula 
_chem_comp.formula_weight 
A   'RNA linking' y "ADENOSINE-5'-MONOPHOSPHATE" ?                                              'C10 H14 N5 O7 P'    347.221 
C   'RNA linking' y "CYTIDINE-5'-MONOPHOSPHATE" ?                                              'C9 H14 N3 O8 P'     323.197 
G   'RNA linking' y "GUANOSINE-5'-MONOPHOSPHATE" ?                                              'C10 H14 N5 O8 P'    363.221 
GFL 'DNA linking' n '2-AMINO-9-(2-DEOXY-2-FLUORO-5-O-PHOSPHONO-BETA-D-ARABINOFURANOSYL)-1,9-DIHYDRO-6H-PURIN-6-ONE' 
"2'-FLUORO-2-DEOXY-GUANOSINE-5'-MONOPHOSPHATE" 'C10 H13 F N5 O7 P'  365.212 
GP3 non-polymer   . "DIGUANOSINE-5'-TRIPHOSPHATE" ?                                              'C20 H27 N10 O18 P3' 788.406 
HOH non-polymer   . WATER ?                                              'H2 O'               18.015  
LCC 'RNA linking' . 
'[(1R,3R,4R,7S)-7-HYDROXY-3-(5-METHYLCYTOSIN-1-YL)-2,5-DIOXABICYCLO[2.2.1]HEPT-1-YL]METHYL DIHYDROGEN PHOSPHATE'     ? 
'C11 H16 N3 O8 P'    349.234 
LCG 'RNA linking' n '[(1R,3R,4R,7S)-7-HYDROXY-3-(GUANIN-9-YL)-2,5-DIOXABICYCLO[2.2.1]HEPT-1-YL]METHYL DIHYDROGEN PHOSPHATE' ? 
'C11 H14 N5 O8 P'    375.231 
LKC 'RNA linking' . 
'4-AMINO-1-[(1S,3R,4R,7S)-7-HYDROXY-1-(HYDROXYMETHYL)-2,5-DIOXABICYCLO[2.2.1]HEPT-3-YL]-5-METHYLPYRIMIDIN-2(1H)-ONE' ? 
'C11 H15 N3 O5'      269.254 
MG  non-polymer   . 'MAGNESIUM ION' ?                                              'Mg 2'               24.305  
U   'RNA linking' y "URIDINE-5'-MONOPHOSPHATE" ?                                              'C9 H13 N2 O9 P'     324.181 
# 
_exptl.absorpt_coefficient_mu     ? 
_exptl.absorpt_correction_T_max   ? 
_exptl.absorpt_correction_T_min   ? 
_exptl.absorpt_correction_type    ? 
_exptl.absorpt_process_details    ? 
_exptl.entry_id                   7KUO 
_exptl.crystals_number            1 
_exptl.details                    ? 
_exptl.method                     'X-RAY DIFFRACTION' 
_exptl.method_details             ? 
# 
_exptl_crystal.colour                      ? 
_exptl_crystal.density_diffrn              ? 
_exptl_crystal.density_Matthews            2.82 
_exptl_crystal.density_method              ? 
_exptl_crystal.density_percent_sol         56.47 
_exptl_crystal.description                 ? 
_exptl_crystal.F_000                       ? 
_exptl_crystal.id                          1 
_exptl_crystal.preparation                 ? 
_exptl_crystal.size_max                    ? 
_exptl_crystal.size_mid                    ? 
_exptl_crystal.size_min                    ? 
_exptl_crystal.size_rad                    ? 
_exptl_crystal.colour_lustre               ? 
_exptl_crystal.colour_modifier             ? 
_exptl_crystal.colour_primary              ? 
_exptl_crystal.density_meas                ? 
_exptl_crystal.density_meas_esd            ? 
_exptl_crystal.density_meas_gt             ? 
_exptl_crystal.density_meas_lt             ? 
_exptl_crystal.density_meas_temp           ? 
_exptl_crystal.density_meas_temp_esd       ? 
_exptl_crystal.density_meas_temp_gt        ? 
_exptl_crystal.density_meas_temp_lt        ? 
_exptl_crystal.pdbx_crystal_image_url      ? 
_exptl_crystal.pdbx_crystal_image_format   ? 
_exptl_crystal.pdbx_mosaicity              ? 
_exptl_crystal.pdbx_mosaicity_esd          ? 
# 
_exptl_crystal_grow.apparatus       ? 
_exptl_crystal_grow.atmosphere      ? 
_exptl_crystal_grow.crystal_id      1 
_exptl_crystal_grow.details         ? 
_exptl_crystal_grow.method          'VAPOR DIFFUSION, HANGING DROP' 
_exptl_crystal_grow.method_ref      ? 
_exptl_crystal_grow.pH              7.0 
_exptl_crystal_grow.pressure        ? 
_exptl_crystal_grow.pressure_esd    ? 
_exptl_crystal_grow.seeding         ? 
_exptl_crystal_grow.seeding_ref     ? 
_exptl_crystal_grow.temp            293 
_exptl_crystal_grow.temp_details    ? 
_exptl_crystal_grow.temp_esd        ? 
_exptl_crystal_grow.time            ? 
_exptl_crystal_grow.pdbx_details    '2.4 M Sodium malonate pH 7.0, 50 mM Magnesium chloride' 
_exptl_crystal_grow.pdbx_pH_range   ? 
# 
_diffrn.ambient_environment              ? 
_diffrn.ambient_temp                     99 
_diffrn.ambient_temp_details             ? 
_diffrn.ambient_temp_esd                 ? 
_diffrn.crystal_id                       1 
_diffrn.crystal_support                  ? 
_diffrn.crystal_treatment                ? 
_diffrn.details                          ? 
_diffrn.id                               1 
_diffrn.ambient_pressure                 ? 
_diffrn.ambient_pressure_esd             ? 
_diffrn.ambient_pressure_gt              ? 
_diffrn.ambient_pressure_lt              ? 
_diffrn.ambient_temp_gt                  ? 
_diffrn.ambient_temp_lt                  ? 
_diffrn.pdbx_serial_crystal_experiment   N 
# 
_diffrn_detector.details                      ? 
_diffrn_detector.detector                     PIXEL 
_diffrn_detector.diffrn_id                    1 
_diffrn_detector.type                         'DECTRIS PILATUS3 6M' 
_diffrn_detector.area_resol_mean              ? 
_diffrn_detector.dtime                        ? 
_diffrn_detector.pdbx_frames_total            ? 
_diffrn_detector.pdbx_collection_time_total   ? 
_diffrn_detector.pdbx_collection_date         2020-06-26 
_diffrn_detector.pdbx_frequency               ? 
# 
_diffrn_radiation.collimation                      ? 
_diffrn_radiation.diffrn_id                        1 
_diffrn_radiation.filter_edge                      ? 
_diffrn_radiation.inhomogeneity                    ? 
_diffrn_radiation.monochromator                    ? 
_diffrn_radiation.polarisn_norm                    ? 
_diffrn_radiation.polarisn_ratio                   ? 
_diffrn_radiation.probe                            ? 
_diffrn_radiation.type                             ? 
_diffrn_radiation.xray_symbol                      ? 
_diffrn_radiation.wavelength_id                    1 
_diffrn_radiation.pdbx_monochromatic_or_laue_m_l   M 
_diffrn_radiation.pdbx_wavelength_list             ? 
_diffrn_radiation.pdbx_wavelength                  ? 
_diffrn_radiation.pdbx_diffrn_protocol             'SINGLE WAVELENGTH' 
_diffrn_radiation.pdbx_analyzer                    ? 
_diffrn_radiation.pdbx_scattering_type             x-ray 
# 
_diffrn_radiation_wavelength.id           1 
_diffrn_radiation_wavelength.wavelength   0.977408 
_diffrn_radiation_wavelength.wt           1.0 
# 
_diffrn_source.current                     ? 
_diffrn_source.details                     ? 
_diffrn_source.diffrn_id                   1 
_diffrn_source.power                       ? 
_diffrn_source.size                        ? 
_diffrn_source.source                      SYNCHROTRON 
_diffrn_source.target                      ? 
_diffrn_source.type                        'ALS BEAMLINE 5.0.1' 
_diffrn_source.voltage                     ? 
_diffrn_source.take-off_angle              ? 
_diffrn_source.pdbx_wavelength_list        0.977408 
_diffrn_source.pdbx_wavelength             ? 
_diffrn_source.pdbx_synchrotron_beamline   5.0.1 
_diffrn_source.pdbx_synchrotron_site       ALS 
# 
_reflns.B_iso_Wilson_estimate            ? 
_reflns.entry_id                         7KUO 
_reflns.data_reduction_details           ? 
_reflns.data_reduction_method            ? 
_reflns.d_resolution_high                2.28 
_reflns.d_resolution_low                 50 
_reflns.details                          ? 
_reflns.limit_h_max                      ? 
_reflns.limit_h_min                      ? 
_reflns.limit_k_max                      ? 
_reflns.limit_k_min                      ? 
_reflns.limit_l_max                      ? 
_reflns.limit_l_min                      ? 
_reflns.number_all                       ? 
_reflns.number_obs                       5536 
_reflns.observed_criterion               ? 
_reflns.observed_criterion_F_max         ? 
_reflns.observed_criterion_F_min         ? 
_reflns.observed_criterion_I_max         ? 
_reflns.observed_criterion_I_min         ? 
_reflns.observed_criterion_sigma_F       ? 
_reflns.observed_criterion_sigma_I       ? 
_reflns.percent_possible_obs             100 
_reflns.R_free_details                   ? 
_reflns.Rmerge_F_all                     ? 
_reflns.Rmerge_F_obs                     ? 
_reflns.Friedel_coverage                 ? 
_reflns.number_gt                        ? 
_reflns.threshold_expression             ? 
_reflns.pdbx_redundancy                  18.8 
_reflns.pdbx_Rmerge_I_obs                0.113 
_reflns.pdbx_Rmerge_I_all                ? 
_reflns.pdbx_Rsym_value                  ? 
_reflns.pdbx_netI_over_av_sigmaI         ? 
_reflns.pdbx_netI_over_sigmaI            29.2 
_reflns.pdbx_res_netI_over_av_sigmaI_2   ? 
_reflns.pdbx_res_netI_over_sigmaI_2      ? 
_reflns.pdbx_chi_squared                 0.991 
_reflns.pdbx_scaling_rejects             ? 
_reflns.pdbx_d_res_high_opt              ? 
_reflns.pdbx_d_res_low_opt               ? 
_reflns.pdbx_d_res_opt_method            ? 
_reflns.phase_calculation_details        ? 
_reflns.pdbx_Rrim_I_all                  0.117 
_reflns.pdbx_Rpim_I_all                  0.114 
_reflns.pdbx_d_opt                       ? 
_reflns.pdbx_number_measured_all         ? 
_reflns.pdbx_diffrn_id                   1 
_reflns.pdbx_ordinal                     1 
_reflns.pdbx_CC_half                     0.999 
_reflns.pdbx_CC_star                     1.000 
_reflns.pdbx_R_split                     ? 
# 
_reflns_shell.d_res_high                  2.28 
_reflns_shell.d_res_low                   2.32 
_reflns_shell.meanI_over_sigI_all         ? 
_reflns_shell.meanI_over_sigI_obs         7.5 
_reflns_shell.number_measured_all         ? 
_reflns_shell.number_measured_obs         ? 
_reflns_shell.number_possible             ? 
_reflns_shell.number_unique_all           ? 
_reflns_shell.number_unique_obs           285 
_reflns_shell.percent_possible_all        100 
_reflns_shell.percent_possible_obs        ? 
_reflns_shell.Rmerge_F_all                ? 
_reflns_shell.Rmerge_F_obs                ? 
_reflns_shell.Rmerge_I_all                ? 
_reflns_shell.Rmerge_I_obs                0.491 
_reflns_shell.meanI_over_sigI_gt          ? 
_reflns_shell.meanI_over_uI_all           ? 
_reflns_shell.meanI_over_uI_gt            ? 
_reflns_shell.number_measured_gt          ? 
_reflns_shell.number_unique_gt            ? 
_reflns_shell.percent_possible_gt         ? 
_reflns_shell.Rmerge_F_gt                 ? 
_reflns_shell.Rmerge_I_gt                 ? 
_reflns_shell.pdbx_redundancy             19.2 
_reflns_shell.pdbx_Rsym_value             ? 
_reflns_shell.pdbx_chi_squared            0.992 
_reflns_shell.pdbx_netI_over_sigmaI_all   ? 
_reflns_shell.pdbx_netI_over_sigmaI_obs   ? 
_reflns_shell.pdbx_Rrim_I_all             0.504 
_reflns_shell.pdbx_Rpim_I_all             0.027 
_reflns_shell.pdbx_rejects                ? 
_reflns_shell.pdbx_ordinal                1 
_reflns_shell.pdbx_diffrn_id              1 
_reflns_shell.pdbx_CC_half                0.972 
_reflns_shell.pdbx_CC_star                0.993 
_reflns_shell.pdbx_R_split                ? 
# 
_refine.aniso_B[1][1]                            0.012 
_refine.aniso_B[1][2]                            0.006 
_refine.aniso_B[1][3]                            0.000 
_refine.aniso_B[2][2]                            0.012 
_refine.aniso_B[2][3]                            -0.000 
_refine.aniso_B[3][3]                            -0.039 
_refine.B_iso_max                                ? 
_refine.B_iso_mean                               27.550 
_refine.B_iso_min                                ? 
_refine.correlation_coeff_Fo_to_Fc               0.951 
_refine.correlation_coeff_Fo_to_Fc_free          0.896 
_refine.details                                  'Hydrogens have been added in their riding positions' 
_refine.diff_density_max                         ? 
_refine.diff_density_max_esd                     ? 
_refine.diff_density_min                         ? 
_refine.diff_density_min_esd                     ? 
_refine.diff_density_rms                         ? 
_refine.diff_density_rms_esd                     ? 
_refine.entry_id                                 7KUO 
_refine.pdbx_refine_id                           'X-RAY DIFFRACTION' 
_refine.ls_abs_structure_details                 ? 
_refine.ls_abs_structure_Flack                   ? 
_refine.ls_abs_structure_Flack_esd               ? 
_refine.ls_abs_structure_Rogers                  ? 
_refine.ls_abs_structure_Rogers_esd              ? 
_refine.ls_d_res_high                            2.281 
_refine.ls_d_res_low                             50 
_refine.ls_extinction_coef                       ? 
_refine.ls_extinction_coef_esd                   ? 
_refine.ls_extinction_expression                 ? 
_refine.ls_extinction_method                     ? 
_refine.ls_goodness_of_fit_all                   ? 
_refine.ls_goodness_of_fit_all_esd               ? 
_refine.ls_goodness_of_fit_obs                   ? 
_refine.ls_goodness_of_fit_obs_esd               ? 
_refine.ls_hydrogen_treatment                    ? 
_refine.ls_matrix_type                           ? 
_refine.ls_number_constraints                    ? 
_refine.ls_number_parameters                     ? 
_refine.ls_number_reflns_all                     ? 
_refine.ls_number_reflns_obs                     5536 
_refine.ls_number_reflns_R_free                  298 
_refine.ls_number_reflns_R_work                  5238 
_refine.ls_number_restraints                     ? 
_refine.ls_percent_reflns_obs                    99.982 
_refine.ls_percent_reflns_R_free                 5.383 
_refine.ls_R_factor_all                          0.207 
_refine.ls_R_factor_obs                          ? 
_refine.ls_R_factor_R_free                       0.2630 
_refine.ls_R_factor_R_free_error                 ? 
_refine.ls_R_factor_R_free_error_details         ? 
_refine.ls_R_factor_R_work                       0.2037 
_refine.ls_R_Fsqd_factor_obs                     ? 
_refine.ls_R_I_factor_obs                        ? 
_refine.ls_redundancy_reflns_all                 ? 
_refine.ls_redundancy_reflns_obs                 ? 
_refine.ls_restrained_S_all                      ? 
_refine.ls_restrained_S_obs                      ? 
_refine.ls_shift_over_esd_max                    ? 
_refine.ls_shift_over_esd_mean                   ? 
_refine.ls_structure_factor_coef                 ? 
_refine.ls_weighting_details                     ? 
_refine.ls_weighting_scheme                      ? 
_refine.ls_wR_factor_all                         ? 
_refine.ls_wR_factor_obs                         ? 
_refine.ls_wR_factor_R_free                      ? 
_refine.ls_wR_factor_R_work                      ? 
_refine.occupancy_max                            ? 
_refine.occupancy_min                            ? 
_refine.solvent_model_details                    'MASK BULK SOLVENT' 
_refine.solvent_model_param_bsol                 ? 
_refine.solvent_model_param_ksol                 ? 
_refine.pdbx_R_complete                          ? 
_refine.ls_R_factor_gt                           ? 
_refine.ls_goodness_of_fit_gt                    ? 
_refine.ls_goodness_of_fit_ref                   ? 
_refine.ls_shift_over_su_max                     ? 
_refine.ls_shift_over_su_max_lt                  ? 
_refine.ls_shift_over_su_mean                    ? 
_refine.ls_shift_over_su_mean_lt                 ? 
_refine.pdbx_ls_sigma_I                          ? 
_refine.pdbx_ls_sigma_F                          ? 
_refine.pdbx_ls_sigma_Fsqd                       ? 
_refine.pdbx_data_cutoff_high_absF               ? 
_refine.pdbx_data_cutoff_high_rms_absF           ? 
_refine.pdbx_data_cutoff_low_absF                ? 
_refine.pdbx_isotropic_thermal_model             ? 
_refine.pdbx_ls_cross_valid_method               THROUGHOUT 
_refine.pdbx_method_to_determine_struct          'MOLECULAR REPLACEMENT' 
_refine.pdbx_starting_model                      5UEE 
_refine.pdbx_stereochemistry_target_values       ? 
_refine.pdbx_R_Free_selection_details            ? 
_refine.pdbx_stereochem_target_val_spec_case     ? 
_refine.pdbx_overall_ESU_R                       0.275 
_refine.pdbx_overall_ESU_R_Free                  0.231 
_refine.pdbx_solvent_vdw_probe_radii             1.200 
_refine.pdbx_solvent_ion_probe_radii             0.800 
_refine.pdbx_solvent_shrinkage_radii             0.800 
_refine.pdbx_real_space_R                        ? 
_refine.pdbx_density_correlation                 ? 
_refine.pdbx_pd_number_of_powder_patterns        ? 
_refine.pdbx_pd_number_of_points                 ? 
_refine.pdbx_pd_meas_number_of_points            ? 
_refine.pdbx_pd_proc_ls_prof_R_factor            ? 
_refine.pdbx_pd_proc_ls_prof_wR_factor           ? 
_refine.pdbx_pd_Marquardt_correlation_coeff      ? 
_refine.pdbx_pd_Fsqrd_R_factor                   ? 
_refine.pdbx_pd_ls_matrix_band_width             ? 
_refine.pdbx_overall_phase_error                 ? 
_refine.pdbx_overall_SU_R_free_Cruickshank_DPI   ? 
_refine.pdbx_overall_SU_R_free_Blow_DPI          ? 
_refine.pdbx_overall_SU_R_Blow_DPI               ? 
_refine.pdbx_TLS_residual_ADP_flag               ? 
_refine.pdbx_diffrn_id                           1 
_refine.overall_SU_B                             4.801 
_refine.overall_SU_ML                            0.123 
_refine.overall_SU_R_Cruickshank_DPI             ? 
_refine.overall_SU_R_free                        ? 
_refine.overall_FOM_free_R_set                   ? 
_refine.overall_FOM_work_R_set                   ? 
_refine.pdbx_average_fsc_overall                 ? 
_refine.pdbx_average_fsc_work                    ? 
_refine.pdbx_average_fsc_free                    ? 
# 
_refine_hist.pdbx_refine_id                   'X-RAY DIFFRACTION' 
_refine_hist.cycle_id                         LAST 
_refine_hist.pdbx_number_atoms_protein        0 
_refine_hist.pdbx_number_atoms_nucleic_acid   378 
_refine_hist.pdbx_number_atoms_ligand         327 
_refine_hist.number_atoms_solvent             47 
_refine_hist.number_atoms_total               752 
_refine_hist.d_res_high                       2.281 
_refine_hist.d_res_low                        50 
# 
loop_
_refine_ls_restr.pdbx_refine_id 
_refine_ls_restr.criterion 
_refine_ls_restr.dev_ideal 
_refine_ls_restr.dev_ideal_target 
_refine_ls_restr.number 
_refine_ls_restr.rejects 
_refine_ls_restr.type 
_refine_ls_restr.weight 
_refine_ls_restr.pdbx_restraint_function 
'X-RAY DIFFRACTION' ? 0.027 0.018  788  ? r_bond_refined_d               ? ? 
'X-RAY DIFFRACTION' ? 0.028 0.025  350  ? r_bond_other_d                 ? ? 
'X-RAY DIFFRACTION' ? 3.366 2.144  1196 ? r_angle_refined_deg            ? ? 
'X-RAY DIFFRACTION' ? 3.786 3.208  822  ? r_angle_other_deg              ? ? 
'X-RAY DIFFRACTION' ? 0.520 0.200  142  ? r_chiral_restr                 ? ? 
'X-RAY DIFFRACTION' ? 1.733 0.200  22   ? r_chiral_restr_other           ? ? 
'X-RAY DIFFRACTION' ? 0.014 0.021  400  ? r_gen_planes_refined           ? ? 
'X-RAY DIFFRACTION' ? 0.001 0.023  148  ? r_gen_planes_other             ? ? 
'X-RAY DIFFRACTION' ? 0.112 0.200  94   ? r_nbd_refined                  ? ? 
'X-RAY DIFFRACTION' ? 0.221 0.200  482  ? r_symmetry_nbd_other           ? ? 
'X-RAY DIFFRACTION' ? 0.246 0.200  317  ? r_nbtor_refined                ? ? 
'X-RAY DIFFRACTION' ? 0.277 0.200  170  ? r_symmetry_nbtor_other         ? ? 
'X-RAY DIFFRACTION' ? 0.222 0.200  69   ? r_xyhbond_nbd_refined          ? ? 
'X-RAY DIFFRACTION' ? 0.038 0.200  2    ? r_symmetry_xyhbond_nbd_other   ? ? 
'X-RAY DIFFRACTION' ? 0.144 0.200  14   ? r_symmetry_nbd_refined         ? ? 
'X-RAY DIFFRACTION' ? 0.177 0.200  37   ? r_nbd_other                    ? ? 
'X-RAY DIFFRACTION' ? 0.262 0.200  16   ? r_symmetry_xyhbond_nbd_refined ? ? 
'X-RAY DIFFRACTION' ? 2.296 2.915  788  ? r_scbond_it                    ? ? 
'X-RAY DIFFRACTION' ? 2.294 2.914  789  ? r_scbond_other                 ? ? 
'X-RAY DIFFRACTION' ? 3.247 4.416  1196 ? r_scangle_it                   ? ? 
'X-RAY DIFFRACTION' ? 3.246 4.415  1197 ? r_scangle_other                ? ? 
'X-RAY DIFFRACTION' ? 4.638 26.805 1116 ? r_lrange_it                    ? ? 
'X-RAY DIFFRACTION' ? 4.529 26.661 1102 ? r_lrange_other                 ? ? 
# 
loop_
_refine_ls_shell.pdbx_refine_id 
_refine_ls_shell.d_res_high 
_refine_ls_shell.d_res_low 
_refine_ls_shell.number_reflns_all 
_refine_ls_shell.number_reflns_obs 
_refine_ls_shell.number_reflns_R_free 
_refine_ls_shell.number_reflns_R_work 
_refine_ls_shell.percent_reflns_obs 
_refine_ls_shell.percent_reflns_R_free 
_refine_ls_shell.R_factor_all 
_refine_ls_shell.R_factor_obs 
_refine_ls_shell.R_factor_R_free 
_refine_ls_shell.R_factor_R_free_error 
_refine_ls_shell.R_factor_R_work 
_refine_ls_shell.redundancy_reflns_all 
_refine_ls_shell.redundancy_reflns_obs 
_refine_ls_shell.wR_factor_all 
_refine_ls_shell.wR_factor_obs 
_refine_ls_shell.wR_factor_R_free 
_refine_ls_shell.wR_factor_R_work 
_refine_ls_shell.pdbx_R_complete 
_refine_ls_shell.pdbx_total_number_of_bins_used 
_refine_ls_shell.pdbx_phase_error 
_refine_ls_shell.pdbx_fsc_work 
_refine_ls_shell.pdbx_fsc_free 
'X-RAY DIFFRACTION' 2.281  2.340  . . 23 378 100.0000 . . . 0.253 . 0.232 . . . . . . . . . . . 
'X-RAY DIFFRACTION' 2.340  2.404  . . 20 373 100.0000 . . . 0.221 . 0.203 . . . . . . . . . . . 
'X-RAY DIFFRACTION' 2.404  2.474  . . 12 365 100.0000 . . . 0.237 . 0.181 . . . . . . . . . . . 
'X-RAY DIFFRACTION' 2.474  2.550  . . 9  365 100.0000 . . . 0.271 . 0.159 . . . . . . . . . . . 
'X-RAY DIFFRACTION' 2.550  2.633  . . 12 333 100.0000 . . . 0.129 . .     . . . . . . . . . . . 
'X-RAY DIFFRACTION' 2.633  2.725  . . 23 325 100.0000 . . . 0.421 . 0.253 . . . . . . . . . . . 
'X-RAY DIFFRACTION' 2.725  2.828  . . 22 309 100.0000 . . . 0.230 . .     . . . . . . . . . . . 
'X-RAY DIFFRACTION' 2.828  2.944  . . 22 299 100.0000 . . . 0.299 . 0.219 . . . . . . . . . . . 
'X-RAY DIFFRACTION' 2.944  3.074  . . 6  308 100.0000 . . . 0.220 . .     . . . . . . . . . . . 
'X-RAY DIFFRACTION' 3.074  3.224  . . 19 264 100.0000 . . . 0.244 . 0.224 . . . . . . . . . . . 
'X-RAY DIFFRACTION' 3.224  3.398  . . 16 284 100.0000 . . . 0.281 . 0.200 . . . . . . . . . . . 
'X-RAY DIFFRACTION' 3.398  3.604  . . 13 254 100.0000 . . . 0.311 . 0.196 . . . . . . . . . . . 
'X-RAY DIFFRACTION' 3.604  3.852  . . 12 245 100.0000 . . . 0.341 . 0.194 . . . . . . . . . . . 
'X-RAY DIFFRACTION' 3.852  4.160  . . 18 221 100.0000 . . . 0.300 . 0.182 . . . . . . . . . . . 
'X-RAY DIFFRACTION' 4.160  4.556  . . 14 207 100.0000 . . . 0.136 . 0.135 . . . . . . . . . . . 
'X-RAY DIFFRACTION' 4.556  5.092  . . 16 191 100.0000 . . . 0.264 . 0.177 . . . . . . . . . . . 
'X-RAY DIFFRACTION' 5.092  5.876  . . 11 174 100.0000 . . . 0.236 . 0.153 . . . . . . . . . . . 
'X-RAY DIFFRACTION' 5.876  7.187  . . 19 138 100.0000 . . . 0.246 . 0.223 . . . . . . . . . . . 
'X-RAY DIFFRACTION' 7.187  10.124 . . 9  119 100.0000 . . . 0.444 . 0.256 . . . . . . . . . . . 
'X-RAY DIFFRACTION' 10.124 50     . . 2  86  100.0000 . . . 0.439 . 0.281 . . . . . . . . . . . 
# 
_struct.entry_id                     7KUO 
_struct.title                        
;FANA modification at 3' end of RNA primer complex with guanosine dinucleotide ligand G(5')ppp(5')G
;
_struct.pdbx_model_details           ? 
_struct.pdbx_formula_weight          ? 
_struct.pdbx_formula_weight_method   ? 
_struct.pdbx_model_type_details      ? 
_struct.pdbx_CASP_flag               N 
# 
_struct_keywords.entry_id        7KUO 
_struct_keywords.text            'RNA, nonenzymatic RNA extension' 
_struct_keywords.pdbx_keywords   RNA 
# 
loop_
_struct_asym.id 
_struct_asym.pdbx_blank_PDB_chainid_flag 
_struct_asym.pdbx_modified 
_struct_asym.entity_id 
_struct_asym.details 
A N N 1 ? 
B N N 1 ? 
C N N 2 ? 
D N N 3 ? 
E N N 3 ? 
F N N 3 ? 
G N N 2 ? 
H N N 3 ? 
I N N 3 ? 
J N N 4 ? 
K N N 4 ? 
# 
loop_
_struct_conn.id 
_struct_conn.conn_type_id 
_struct_conn.pdbx_leaving_atom_flag 
_struct_conn.pdbx_PDB_id 
_struct_conn.ptnr1_label_asym_id 
_struct_conn.ptnr1_label_comp_id 
_struct_conn.ptnr1_label_seq_id 
_struct_conn.ptnr1_label_atom_id 
_struct_conn.pdbx_ptnr1_label_alt_id 
_struct_conn.pdbx_ptnr1_PDB_ins_code 
_struct_conn.pdbx_ptnr1_standard_comp_id 
_struct_conn.ptnr1_symmetry 
_struct_conn.ptnr2_label_asym_id 
_struct_conn.ptnr2_label_comp_id 
_struct_conn.ptnr2_label_seq_id 
_struct_conn.ptnr2_label_atom_id 
_struct_conn.pdbx_ptnr2_label_alt_id 
_struct_conn.pdbx_ptnr2_PDB_ins_code 
_struct_conn.ptnr1_auth_asym_id 
_struct_conn.ptnr1_auth_comp_id 
_struct_conn.ptnr1_auth_seq_id 
_struct_conn.ptnr2_auth_asym_id 
_struct_conn.ptnr2_auth_comp_id 
_struct_conn.ptnr2_auth_seq_id 
_struct_conn.ptnr2_symmetry 
_struct_conn.pdbx_ptnr3_label_atom_id 
_struct_conn.pdbx_ptnr3_label_seq_id 
_struct_conn.pdbx_ptnr3_label_comp_id 
_struct_conn.pdbx_ptnr3_label_asym_id 
_struct_conn.pdbx_ptnr3_label_alt_id 
_struct_conn.pdbx_ptnr3_PDB_ins_code 
_struct_conn.details 
_struct_conn.pdbx_dist_value 
_struct_conn.pdbx_value_order 
_struct_conn.pdbx_role 
covale1  covale both ? A LKC 1  "O3'" ? ? ? 1_555 A LCC 2  P   ? ? A LKC 1   A LCC 2   1_555 ? ? ? ? ? ? ?            1.530 ? ? 
covale2  covale both ? A LCC 2  "O3'" ? ? ? 1_555 A LCC 3  P   ? ? A LCC 2   A LCC 3   1_555 ? ? ? ? ? ? ?            1.551 ? ? 
covale3  covale both ? A LCC 3  "O3'" ? ? ? 1_555 A LCG 4  P   ? ? A LCC 3   A LCG 4   1_555 ? ? ? ? ? ? ?            1.634 ? ? 
covale4  covale both ? A LCG 4  "O3'" ? ? ? 1_555 A A   5  P   ? ? A LCG 4   A A   9   1_555 ? ? ? ? ? ? ?            1.603 ? ? 
covale5  covale both ? A C   13 "O3'" ? ? ? 1_555 A GFL 14 P   ? ? A C   17  A GFL 19  1_555 ? ? ? ? ? ? ?            1.611 ? ? 
covale6  covale both ? B LKC 1  "O3'" ? ? ? 1_555 B LCC 2  P   ? ? B LKC 1   B LCC 2   1_555 ? ? ? ? ? ? ?            1.535 ? ? 
covale7  covale both ? B LCC 2  "O3'" ? ? ? 1_555 B LCC 3  P   ? ? B LCC 2   B LCC 3   1_555 ? ? ? ? ? ? ?            1.552 ? ? 
covale8  covale both ? B LCC 3  "O3'" ? ? ? 1_555 B LCG 4  P   ? ? B LCC 3   B LCG 4   1_555 ? ? ? ? ? ? ?            1.630 ? ? 
covale9  covale both ? B LCG 4  "O3'" ? ? ? 1_555 B A   5  P   ? ? B LCG 4   B A   9   1_555 ? ? ? ? ? ? ?            1.611 ? ? 
covale10 covale both ? B C   13 "O3'" ? ? ? 1_555 B GFL 14 P   ? ? B C   17  B GFL 19  1_555 ? ? ? ? ? ? ?            1.616 ? ? 
metalc1  metalc ?    ? C GP3 .  O3D   ? ? ? 1_555 H MG  .  MG  ? ? A GP3 101 B MG  102 1_555 ? ? ? ? ? ? ?            2.072 ? ? 
metalc2  metalc ?    ? C GP3 .  O2D   ? ? ? 1_555 H MG  .  MG  ? ? A GP3 101 B MG  102 1_555 ? ? ? ? ? ? ?            2.073 ? ? 
metalc3  metalc ?    ? C GP3 .  O3D   ? ? ? 1_555 H MG  .  MG  ? ? A GP3 101 B MG  102 2_745 ? ? ? ? ? ? ?            2.446 ? ? 
metalc4  metalc ?    ? C GP3 .  O2D   ? ? ? 1_555 H MG  .  MG  ? ? A GP3 101 B MG  102 3_875 ? ? ? ? ? ? ?            2.576 ? ? 
metalc5  metalc ?    ? D MG  .  MG    ? ? ? 1_555 G GP3 .  O3D ? ? A MG  102 B GP3 101 1_555 ? ? ? ? ? ? ?            2.069 ? ? 
metalc6  metalc ?    ? D MG  .  MG    ? ? ? 1_555 G GP3 .  O2D ? ? A MG  102 B GP3 101 1_555 ? ? ? ? ? ? ?            2.075 ? ? 
metalc7  metalc ?    ? D MG  .  MG    ? ? ? 1_555 G GP3 .  O3D ? ? A MG  102 B GP3 101 2_745 ? ? ? ? ? ? ?            2.463 ? ? 
metalc8  metalc ?    ? D MG  .  MG    ? ? ? 1_555 G GP3 .  O2D ? ? A MG  102 B GP3 101 2_745 ? ? ? ? ? ? ?            2.590 ? ? 
metalc9  metalc ?    ? E MG  .  MG    ? ? ? 1_555 J HOH .  O   ? ? A MG  103 A HOH 222 1_555 ? ? ? ? ? ? ?            2.131 ? ? 
metalc10 metalc ?    ? E MG  .  MG    ? ? ? 1_555 J HOH .  O   ? ? A MG  103 A HOH 222 2_745 ? ? ? ? ? ? ?            2.576 ? ? 
metalc11 metalc ?    ? E MG  .  MG    ? ? ? 1_555 K HOH .  O   ? ? A MG  103 B HOH 225 1_555 ? ? ? ? ? ? ?            2.558 ? ? 
metalc12 metalc ?    ? E MG  .  MG    ? ? ? 1_555 K HOH .  O   ? ? A MG  103 B HOH 225 2_745 ? ? ? ? ? ? ?            2.206 ? ? 
metalc13 metalc ?    ? F MG  .  MG    ? ? ? 1_555 J HOH .  O   ? ? A MG  104 A HOH 207 1_555 ? ? ? ? ? ? ?            2.805 ? ? 
metalc14 metalc ?    ? F MG  .  MG    ? ? ? 1_555 J HOH .  O   ? ? A MG  104 A HOH 207 3_875 ? ? ? ? ? ? ?            2.805 ? ? 
metalc15 metalc ?    ? I MG  .  MG    ? ? ? 1_555 K HOH .  O   ? ? B MG  103 B HOH 204 1_555 ? ? ? ? ? ? ?            2.784 ? ? 
metalc16 metalc ?    ? I MG  .  MG    ? ? ? 1_555 K HOH .  O   ? ? B MG  103 B HOH 204 2_745 ? ? ? ? ? ? ?            2.784 ? ? 
hydrog1  hydrog ?    ? A LCG 4  N1    ? ? ? 1_555 B C   13 N3  ? ? A LCG 4   B C   17  1_555 ? ? ? ? ? ? WATSON-CRICK ?     ? ? 
hydrog2  hydrog ?    ? A LCG 4  N2    ? ? ? 1_555 B C   13 O2  ? ? A LCG 4   B C   17  1_555 ? ? ? ? ? ? WATSON-CRICK ?     ? ? 
hydrog3  hydrog ?    ? A LCG 4  O6    ? ? ? 1_555 B C   13 N4  ? ? A LCG 4   B C   17  1_555 ? ? ? ? ? ? WATSON-CRICK ?     ? ? 
hydrog4  hydrog ?    ? A A   5  N1    ? ? ? 1_555 B U   12 N3  ? ? A A   9   B U   16  1_555 ? ? ? ? ? ? WATSON-CRICK ?     ? ? 
hydrog5  hydrog ?    ? A A   5  N6    ? ? ? 1_555 B U   12 O4  ? ? A A   9   B U   16  1_555 ? ? ? ? ? ? WATSON-CRICK ?     ? ? 
hydrog6  hydrog ?    ? A C   6  N3    ? ? ? 1_555 B G   11 N1  ? ? A C   10  B G   15  1_555 ? ? ? ? ? ? WATSON-CRICK ?     ? ? 
hydrog7  hydrog ?    ? A C   6  N4    ? ? ? 1_555 B G   11 O6  ? ? A C   10  B G   15  1_555 ? ? ? ? ? ? WATSON-CRICK ?     ? ? 
hydrog8  hydrog ?    ? A C   6  O2    ? ? ? 1_555 B G   11 N2  ? ? A C   10  B G   15  1_555 ? ? ? ? ? ? WATSON-CRICK ?     ? ? 
hydrog9  hydrog ?    ? A U   7  N3    ? ? ? 1_555 B A   10 N1  ? ? A U   11  B A   14  1_555 ? ? ? ? ? ? WATSON-CRICK ?     ? ? 
hydrog10 hydrog ?    ? A U   7  O4    ? ? ? 1_555 B A   10 N6  ? ? A U   11  B A   14  1_555 ? ? ? ? ? ? WATSON-CRICK ?     ? ? 
hydrog11 hydrog ?    ? A U   8  N3    ? ? ? 1_555 B A   9  N1  ? ? A U   12  B A   13  1_555 ? ? ? ? ? ? WATSON-CRICK ?     ? ? 
hydrog12 hydrog ?    ? A U   8  O4    ? ? ? 1_555 B A   9  N6  ? ? A U   12  B A   13  1_555 ? ? ? ? ? ? WATSON-CRICK ?     ? ? 
hydrog13 hydrog ?    ? A A   9  N1    ? ? ? 1_555 B U   8  N3  ? ? A A   13  B U   12  1_555 ? ? ? ? ? ? WATSON-CRICK ?     ? ? 
hydrog14 hydrog ?    ? A A   9  N6    ? ? ? 1_555 B U   8  O4  ? ? A A   13  B U   12  1_555 ? ? ? ? ? ? WATSON-CRICK ?     ? ? 
hydrog15 hydrog ?    ? A A   10 N1    ? ? ? 1_555 B U   7  N3  ? ? A A   14  B U   11  1_555 ? ? ? ? ? ? WATSON-CRICK ?     ? ? 
hydrog16 hydrog ?    ? A A   10 N6    ? ? ? 1_555 B U   7  O4  ? ? A A   14  B U   11  1_555 ? ? ? ? ? ? WATSON-CRICK ?     ? ? 
hydrog17 hydrog ?    ? A G   11 N1    ? ? ? 1_555 B C   6  N3  ? ? A G   15  B C   10  1_555 ? ? ? ? ? ? WATSON-CRICK ?     ? ? 
hydrog18 hydrog ?    ? A G   11 N2    ? ? ? 1_555 B C   6  O2  ? ? A G   15  B C   10  1_555 ? ? ? ? ? ? WATSON-CRICK ?     ? ? 
hydrog19 hydrog ?    ? A G   11 O6    ? ? ? 1_555 B C   6  N4  ? ? A G   15  B C   10  1_555 ? ? ? ? ? ? WATSON-CRICK ?     ? ? 
hydrog20 hydrog ?    ? A U   12 N3    ? ? ? 1_555 B A   5  N1  ? ? A U   16  B A   9   1_555 ? ? ? ? ? ? WATSON-CRICK ?     ? ? 
hydrog21 hydrog ?    ? A U   12 O4    ? ? ? 1_555 B A   5  N6  ? ? A U   16  B A   9   1_555 ? ? ? ? ? ? WATSON-CRICK ?     ? ? 
hydrog22 hydrog ?    ? A C   13 N3    ? ? ? 1_555 B LCG 4  N1  ? ? A C   17  B LCG 4   1_555 ? ? ? ? ? ? WATSON-CRICK ?     ? ? 
hydrog23 hydrog ?    ? A C   13 N4    ? ? ? 1_555 B LCG 4  O6  ? ? A C   17  B LCG 4   1_555 ? ? ? ? ? ? WATSON-CRICK ?     ? ? 
hydrog24 hydrog ?    ? A C   13 O2    ? ? ? 1_555 B LCG 4  N2  ? ? A C   17  B LCG 4   1_555 ? ? ? ? ? ? WATSON-CRICK ?     ? ? 
# 
loop_
_struct_conn_type.id 
_struct_conn_type.criteria 
_struct_conn_type.reference 
covale ? ? 
metalc ? ? 
hydrog ? ? 
# 
_atom_sites.entry_id                    7KUO 
_atom_sites.Cartn_transf_matrix[1][1]   ? 
_atom_sites.Cartn_transf_matrix[1][2]   ? 
_atom_sites.Cartn_transf_matrix[1][3]   ? 
_atom_sites.Cartn_transf_matrix[2][1]   ? 
_atom_sites.Cartn_transf_matrix[2][2]   ? 
_atom_sites.Cartn_transf_matrix[2][3]   ? 
_atom_sites.Cartn_transf_matrix[3][1]   ? 
_atom_sites.Cartn_transf_matrix[3][2]   ? 
_atom_sites.Cartn_transf_matrix[3][3]   ? 
_atom_sites.Cartn_transf_vector[1]      ? 
_atom_sites.Cartn_transf_vector[2]      ? 
_atom_sites.Cartn_transf_vector[3]      ? 
_atom_sites.fract_transf_matrix[1][1]   -0.00114747 
_atom_sites.fract_transf_matrix[1][2]   -0.02261502 
_atom_sites.fract_transf_matrix[1][3]   -0.00639705 
_atom_sites.fract_transf_matrix[2][1]   0.00524173 
_atom_sites.fract_transf_matrix[2][2]   -0.00626528 
_atom_sites.fract_transf_matrix[2][3]   -0.02206759 
_atom_sites.fract_transf_matrix[3][1]   0.01177996 
_atom_sites.fract_transf_matrix[3][2]   -0.00151050 
_atom_sites.fract_transf_matrix[3][3]   0.00322696 
_atom_sites.fract_transf_vector[1]      1.796453 
_atom_sites.fract_transf_vector[2]      0.593602 
_atom_sites.fract_transf_vector[3]      2.250023 
_atom_sites.solution_primary            ? 
_atom_sites.solution_secondary          ? 
_atom_sites.solution_hydrogens          ? 
_atom_sites.special_details             ? 
# 
loop_
_atom_type.symbol 
_atom_type.pdbx_scat_Z 
_atom_type.pdbx_N_electrons 
_atom_type.scat_Cromer_Mann_a1 
_atom_type.scat_Cromer_Mann_b1 
_atom_type.scat_Cromer_Mann_a2 
_atom_type.scat_Cromer_Mann_b2 
_atom_type.scat_Cromer_Mann_a3 
_atom_type.scat_Cromer_Mann_b3 
_atom_type.scat_Cromer_Mann_a4 
_atom_type.scat_Cromer_Mann_b4 
_atom_type.scat_Cromer_Mann_c 
C  6  6  2.310  20.844 1.020 10.208 1.589 0.569  0.865 51.651 0.216   
F  9  9  3.539  10.282 2.641 4.294  1.517 0.262  1.024 26.148 0.278   
H  1  1  0.493  10.511 0.323 26.126 0.140 3.142  0.041 57.800 0.003   
MG 12 12 5.427  2.828  2.176 79.261 1.228 0.381  2.310 7.194  0.859   
N  7  7  12.222 0.006  3.135 9.893  2.014 28.997 1.167 0.583  -11.538 
O  8  8  3.049  13.277 2.287 5.701  1.546 0.324  0.867 32.909 0.251   
P  15 15 6.435  1.907  4.179 27.157 1.780 0.526  1.491 68.164 1.115   
# 
loop_
_atom_site.group_PDB 
_atom_site.id 
_atom_site.type_symbol 
_atom_site.label_atom_id 
_atom_site.label_alt_id 
_atom_site.label_comp_id 
_atom_site.label_asym_id 
_atom_site.label_entity_id 
_atom_site.label_seq_id 
_atom_site.pdbx_PDB_ins_code 
_atom_site.Cartn_x 
_atom_site.Cartn_y 
_atom_site.Cartn_z 
_atom_site.occupancy 
_atom_site.B_iso_or_equiv 
_atom_site.pdbx_formal_charge 
_atom_site.auth_seq_id 
_atom_site.auth_comp_id 
_atom_site.auth_asym_id 
_atom_site.auth_atom_id 
_atom_site.pdbx_PDB_model_num 
_atom_site.calc_flag 
HETATM 1   N  N1    . LKC A 1 1  ? 15.775  -13.020 6.592   1.000 24.686 0 1   LKC A N1    1 ? 
HETATM 2   C  C2    . LKC A 1 1  ? 15.927  -11.865 7.266   1.000 23.075 0 1   LKC A C2    1 ? 
HETATM 3   N  N3    . LKC A 1 1  ? 16.373  -10.775 6.665   1.000 23.132 0 1   LKC A N3    1 ? 
HETATM 4   C  C4    . LKC A 1 1  ? 16.642  -10.812 5.358   1.000 24.266 0 1   LKC A C4    1 ? 
HETATM 5   C  C5    . LKC A 1 1  ? 16.536  -11.982 4.559   1.000 25.778 0 1   LKC A C5    1 ? 
HETATM 6   C  C6    . LKC A 1 1  ? 16.097  -13.116 5.220   1.000 22.795 0 1   LKC A C6    1 ? 
HETATM 7   O  O2    . LKC A 1 1  ? 15.663  -11.816 8.452   1.000 20.762 0 1   LKC A O2    1 ? 
HETATM 8   N  N4    . LKC A 1 1  ? 17.074  -9.706  4.810   1.000 23.967 0 1   LKC A N4    1 ? 
HETATM 9   C  "C1'" . LKC A 1 1  ? 15.314  -14.209 7.366   1.000 21.912 0 1   LKC A "C1'" 1 ? 
HETATM 10  C  "C2'" . LKC A 1 1  ? 13.829  -14.204 7.700   1.000 21.680 0 1   LKC A "C2'" 1 ? 
HETATM 11  C  "C3'" . LKC A 1 1  ? 13.288  -14.748 6.370   1.000 20.961 0 1   LKC A "C3'" 1 ? 
HETATM 12  C  "C4'" . LKC A 1 1  ? 14.136  -15.994 6.449   1.000 20.678 0 1   LKC A "C4'" 1 ? 
HETATM 13  O  "O4'" . LKC A 1 1  ? 15.502  -15.352 6.456   1.000 21.640 0 1   LKC A "O4'" 1 ? 
HETATM 14  O  "O3'" . LKC A 1 1  ? 11.844  -15.000 6.345   1.000 22.435 0 1   LKC A "O3'" 1 ? 
HETATM 15  C  "C5'" . LKC A 1 1  ? 13.886  -16.972 5.311   1.000 20.790 0 1   LKC A "C5'" 1 ? 
HETATM 16  O  "O5'" . LKC A 1 1  ? 14.374  -16.282 4.131   1.000 18.116 0 1   LKC A "O5'" 1 ? 
HETATM 17  C  C5A   . LKC A 1 1  ? 16.833  -12.047 3.145   1.000 24.680 0 1   LKC A C5A   1 ? 
HETATM 18  O  "O2'" . LKC A 1 1  ? 13.602  -15.280 8.666   1.000 21.585 0 1   LKC A "O2'" 1 ? 
HETATM 19  C  "C6'" . LKC A 1 1  ? 13.918  -16.587 7.862   1.000 20.396 0 1   LKC A "C6'" 1 ? 
HETATM 20  O  "O5'" . LCC A 1 2  ? 10.892  -13.077 7.543   1.000 20.032 0 2   LCC A "O5'" 1 ? 
HETATM 21  C  "C5'" . LCC A 1 2  ? 10.342  -13.531 8.840   1.000 22.531 0 2   LCC A "C5'" 1 ? 
HETATM 22  C  "C4'" . LCC A 1 2  ? 10.646  -12.307 9.701   1.000 23.054 0 2   LCC A "C4'" 1 ? 
HETATM 23  O  "O4'" . LCC A 1 2  ? 12.026  -12.014 9.625   1.000 19.981 0 2   LCC A "O4'" 1 ? 
HETATM 24  C  "C1'" . LCC A 1 2  ? 12.018  -10.583 9.939   1.000 21.782 0 2   LCC A "C1'" 1 ? 
HETATM 25  N  N1    . LCC A 1 2  ? 12.608  -9.719  8.914   1.000 20.889 0 2   LCC A N1    1 ? 
HETATM 26  C  C6    . LCC A 1 2  ? 12.747  -10.154 7.626   1.000 18.889 0 2   LCC A C6    1 ? 
HETATM 27  C  C5    . LCC A 1 2  ? 13.295  -9.320  6.670   1.000 19.468 0 2   LCC A C5    1 ? 
HETATM 28  C  C5M   . LCC A 1 2  ? 13.376  -9.835  5.334   1.000 19.243 0 2   LCC A C5M   1 ? 
HETATM 29  C  C4    . LCC A 1 2  ? 13.763  -8.059  7.104   1.000 19.930 0 2   LCC A C4    1 ? 
HETATM 30  N  N4    . LCC A 1 2  ? 14.319  -7.221  6.183   1.000 19.006 0 2   LCC A N4    1 ? 
HETATM 31  N  N3    . LCC A 1 2  ? 13.614  -7.649  8.405   1.000 19.713 0 2   LCC A N3    1 ? 
HETATM 32  C  C2    . LCC A 1 2  ? 13.021  -8.486  9.297   1.000 21.576 0 2   LCC A C2    1 ? 
HETATM 33  O  O2    . LCC A 1 2  ? 12.860  -8.157  10.483  1.000 21.067 0 2   LCC A O2    1 ? 
HETATM 34  C  "C3'" . LCC A 1 2  ? 9.936   -11.047 9.207   1.000 21.583 0 2   LCC A "C3'" 1 ? 
HETATM 35  C  "C2'" . LCC A 1 2  ? 10.581  -10.233 10.211  1.000 21.048 0 2   LCC A "C2'" 1 ? 
HETATM 36  O  "O2'" . LCC A 1 2  ? 10.254  -10.873 11.459  1.000 22.730 0 2   LCC A "O2'" 1 ? 
HETATM 37  O  "O3'" . LCC A 1 2  ? 8.504   -11.092 9.376   1.000 21.656 0 2   LCC A "O3'" 1 ? 
HETATM 38  C  "C6'" . LCC A 1 2  ? 10.213  -12.364 11.170  1.000 23.248 0 2   LCC A "C6'" 1 ? 
HETATM 39  P  P     . LCC A 1 2  ? 10.680  -14.023 6.160   1.000 20.055 0 2   LCC A P     1 ? 
HETATM 40  O  O1P   . LCC A 1 2  ? 10.806  -13.138 5.011   1.000 18.770 0 2   LCC A O1P   1 ? 
HETATM 41  O  O2P   . LCC A 1 2  ? 9.564   -14.870 6.394   1.000 18.422 0 2   LCC A O2P   1 ? 
HETATM 42  O  "O5'" . LCC A 1 3  ? 7.649   -8.779  9.471   1.000 19.734 0 3   LCC A "O5'" 1 ? 
HETATM 43  C  "C5'" . LCC A 1 3  ? 7.334   -8.724  10.874  1.000 20.652 0 3   LCC A "C5'" 1 ? 
HETATM 44  C  "C4'" . LCC A 1 3  ? 7.985   -7.384  11.255  1.000 21.012 0 3   LCC A "C4'" 1 ? 
HETATM 45  O  "O4'" . LCC A 1 3  ? 9.421   -7.305  11.111  1.000 19.684 0 3   LCC A "O4'" 1 ? 
HETATM 46  C  "C1'" . LCC A 1 3  ? 9.623   -5.824  10.862  1.000 19.636 0 3   LCC A "C1'" 1 ? 
HETATM 47  N  N1    . LCC A 1 3  ? 10.123  -5.534  9.503   1.000 19.173 0 3   LCC A N1    1 ? 
HETATM 48  C  C6    . LCC A 1 3  ? 9.982   -6.439  8.442   1.000 18.563 0 3   LCC A C6    1 ? 
HETATM 49  C  C5    . LCC A 1 3  ? 10.500  -6.167  7.204   1.000 19.370 0 3   LCC A C5    1 ? 
HETATM 50  C  C5M   . LCC A 1 3  ? 10.278  -7.152  6.200   1.000 20.153 0 3   LCC A C5M   1 ? 
HETATM 51  C  C4    . LCC A 1 3  ? 11.212  -4.950  7.041   1.000 19.410 0 3   LCC A C4    1 ? 
HETATM 52  N  N4    . LCC A 1 3  ? 11.790  -4.645  5.861   1.000 18.170 0 3   LCC A N4    1 ? 
HETATM 53  N  N3    . LCC A 1 3  ? 11.353  -4.114  8.058   1.000 18.357 0 3   LCC A N3    1 ? 
HETATM 54  C  C2    . LCC A 1 3  ? 10.807  -4.401  9.281   1.000 19.626 0 3   LCC A C2    1 ? 
HETATM 55  O  O2    . LCC A 1 3  ? 10.912  -3.614  10.208  1.000 18.521 0 3   LCC A O2    1 ? 
HETATM 56  C  "C3'" . LCC A 1 3  ? 7.481   -6.210  10.415  1.000 20.162 0 3   LCC A "C3'" 1 ? 
HETATM 57  C  "C2'" . LCC A 1 3  ? 8.304   -5.213  11.125  1.000 20.342 0 3   LCC A "C2'" 1 ? 
HETATM 58  O  "O2'" . LCC A 1 3  ? 8.003   -5.416  12.485  1.000 20.928 0 3   LCC A "O2'" 1 ? 
HETATM 59  O  "O3'" . LCC A 1 3  ? 6.097   -5.975  10.583  1.000 23.497 0 3   LCC A "O3'" 1 ? 
HETATM 60  C  "C6'" . LCC A 1 3  ? 7.702   -6.951  12.662  1.000 20.649 0 3   LCC A "C6'" 1 ? 
HETATM 61  P  P     . LCC A 1 3  ? 7.464   -10.184 8.671   1.000 21.859 0 3   LCC A P     1 ? 
HETATM 62  O  O1P   . LCC A 1 3  ? 7.751   -9.979  7.247   1.000 18.884 0 3   LCC A O1P   1 ? 
HETATM 63  O  O2P   . LCC A 1 3  ? 6.162   -10.676 9.049   1.000 18.322 0 3   LCC A O2P   1 ? 
HETATM 64  P  P     . LCG A 1 4  ? 4.889   -5.379  9.658   1.000 22.499 0 4   LCG A P     1 ? 
HETATM 65  O  OP1   . LCG A 1 4  ? 3.492   -5.615  10.107  1.000 21.438 0 4   LCG A OP1   1 ? 
HETATM 66  O  "O5'" . LCG A 1 4  ? 5.313   -3.814  9.640   1.000 22.077 0 4   LCG A "O5'" 1 ? 
HETATM 67  C  "C5'" . LCG A 1 4  ? 5.096   -3.028  10.805  1.000 21.371 0 4   LCG A "C5'" 1 ? 
HETATM 68  C  "C3'" . LCG A 1 4  ? 5.327   -1.089  9.230   1.000 21.732 0 4   LCG A "C3'" 1 ? 
HETATM 69  C  "C6'" . LCG A 1 4  ? 5.365   -0.600  11.574  1.000 21.082 0 4   LCG A "C6'" 1 ? 
HETATM 70  N  N9    . LCG A 1 4  ? 8.179   -1.073  8.358   1.000 20.675 0 4   LCG A N9    1 ? 
HETATM 71  C  C8    . LCG A 1 4  ? 8.157   -2.305  7.827   1.000 21.214 0 4   LCG A C8    1 ? 
HETATM 72  C  C4    . LCG A 1 4  ? 8.842   -0.306  7.512   1.000 19.954 0 4   LCG A C4    1 ? 
HETATM 73  N  N7    . LCG A 1 4  ? 8.815   -2.323  6.664   1.000 20.373 0 4   LCG A N7    1 ? 
HETATM 74  C  C5    . LCG A 1 4  ? 9.245   -1.067  6.484   1.000 22.407 0 4   LCG A C5    1 ? 
HETATM 75  C  C6    . LCG A 1 4  ? 9.955   -0.523  5.474   1.000 21.660 0 4   LCG A C6    1 ? 
HETATM 76  C  "C2'" . LCG A 1 4  ? 6.257   0.124   9.454   1.000 21.702 0 4   LCG A "C2'" 1 ? 
HETATM 77  O  O6    . LCG A 1 4  ? 10.337  -1.206  4.532   1.000 19.896 0 4   LCG A O6    1 ? 
HETATM 78  C  "C4'" . LCG A 1 4  ? 5.725   -1.693  10.564  1.000 21.112 0 4   LCG A "C4'" 1 ? 
HETATM 79  C  "C1'" . LCG A 1 4  ? 7.549   -0.628  9.696   1.000 19.734 0 4   LCG A "C1'" 1 ? 
HETATM 80  C  C2    . LCG A 1 4  ? 9.827   1.570   6.555   1.000 20.128 0 4   LCG A C2    1 ? 
HETATM 81  N  N1    . LCG A 1 4  ? 10.238  0.817   5.491   1.000 19.908 0 4   LCG A N1    1 ? 
HETATM 82  O  "O4'" . LCG A 1 4  ? 7.150   -1.809  10.507  1.000 19.854 0 4   LCG A "O4'" 1 ? 
HETATM 83  O  OP2   . LCG A 1 4  ? 5.307   -5.979  8.412   1.000 24.356 0 4   LCG A OP2   1 ? 
HETATM 84  N  N2    . LCG A 1 4  ? 10.153  2.878   6.579   1.000 20.857 0 4   LCG A N2    1 ? 
HETATM 85  N  N3    . LCG A 1 4  ? 9.135   0.986   7.560   1.000 19.128 0 4   LCG A N3    1 ? 
HETATM 86  O  "O2'" . LCG A 1 4  ? 5.803   0.639   10.688  1.000 22.883 0 4   LCG A "O2'" 1 ? 
HETATM 87  O  "O3'" . LCG A 1 4  ? 3.945   -0.863  9.189   1.000 20.533 0 4   LCG A "O3'" 1 ? 
ATOM   88  P  P     . A   A 1 5  ? 3.065   -0.732  7.856   1.000 23.159 0 9   A   A P     1 ? 
ATOM   89  O  OP1   . A   A 1 5  ? 1.711   -0.819  8.414   1.000 21.617 0 9   A   A OP1   1 ? 
ATOM   90  O  OP2   . A   A 1 5  ? 3.509   -1.671  6.820   1.000 25.327 0 9   A   A OP2   1 ? 
ATOM   91  O  "O5'" . A   A 1 5  ? 3.346   0.731   7.268   1.000 23.292 0 9   A   A "O5'" 1 ? 
ATOM   92  C  "C5'" . A   A 1 5  ? 3.206   1.880   8.100   1.000 24.676 0 9   A   A "C5'" 1 ? 
ATOM   93  C  "C4'" . A   A 1 5  ? 3.933   3.050   7.487   1.000 26.219 0 9   A   A "C4'" 1 ? 
ATOM   94  O  "O4'" . A   A 1 5  ? 5.362   2.796   7.517   1.000 27.098 0 9   A   A "O4'" 1 ? 
ATOM   95  C  "C3'" . A   A 1 5  ? 3.633   3.349   6.018   1.000 24.982 0 9   A   A "C3'" 1 ? 
ATOM   96  O  "O3'" . A   A 1 5  ? 2.458   4.135   5.886   1.000 23.894 0 9   A   A "O3'" 1 ? 
ATOM   97  C  "C2'" . A   A 1 5  ? 4.872   4.139   5.629   1.000 23.858 0 9   A   A "C2'" 1 ? 
ATOM   98  O  "O2'" . A   A 1 5  ? 4.738   5.461   6.090   1.000 24.845 0 9   A   A "O2'" 1 ? 
ATOM   99  C  "C1'" . A   A 1 5  ? 5.965   3.367   6.374   1.000 25.633 0 9   A   A "C1'" 1 ? 
ATOM   100 N  N9    . A   A 1 5  ? 6.484   2.293   5.540   1.000 23.414 0 9   A   A N9    1 ? 
ATOM   101 C  C8    . A   A 1 5  ? 6.183   0.953   5.552   1.000 22.257 0 9   A   A C8    1 ? 
ATOM   102 N  N7    . A   A 1 5  ? 6.791   0.268   4.615   1.000 21.242 0 9   A   A N7    1 ? 
ATOM   103 C  C5    . A   A 1 5  ? 7.470   1.237   3.885   1.000 21.891 0 9   A   A C5    1 ? 
ATOM   104 C  C6    . A   A 1 5  ? 8.327   1.153   2.778   1.000 20.834 0 9   A   A C6    1 ? 
ATOM   105 N  N6    . A   A 1 5  ? 8.584   0.013   2.133   1.000 21.107 0 9   A   A N6    1 ? 
ATOM   106 N  N1    . A   A 1 5  ? 8.885   2.294   2.325   1.000 20.517 0 9   A   A N1    1 ? 
ATOM   107 C  C2    . A   A 1 5  ? 8.603   3.440   2.957   1.000 22.421 0 9   A   A C2    1 ? 
ATOM   108 N  N3    . A   A 1 5  ? 7.834   3.645   4.026   1.000 22.657 0 9   A   A N3    1 ? 
ATOM   109 C  C4    . A   A 1 5  ? 7.299   2.485   4.450   1.000 22.245 0 9   A   A C4    1 ? 
ATOM   110 P  P     . C   A 1 6  ? 1.491   4.042   4.564   1.000 27.090 0 10  C   A P     1 ? 
ATOM   111 O  OP1   . C   A 1 6  ? 0.181   4.649   4.950   1.000 26.255 0 10  C   A OP1   1 ? 
ATOM   112 O  OP2   . C   A 1 6  ? 1.544   2.683   4.039   1.000 25.738 0 10  C   A OP2   1 ? 
ATOM   113 O  "O5'" . C   A 1 6  ? 2.254   4.878   3.458   1.000 24.877 0 10  C   A "O5'" 1 ? 
ATOM   114 C  "C5'" . C   A 1 6  ? 2.780   6.163   3.721   1.000 26.797 0 10  C   A "C5'" 1 ? 
ATOM   115 C  "C4'" . C   A 1 6  ? 3.767   6.519   2.642   1.000 26.823 0 10  C   A "C4'" 1 ? 
ATOM   116 O  "O4'" . C   A 1 6  ? 4.931   5.684   2.800   1.000 27.830 0 10  C   A "O4'" 1 ? 
ATOM   117 C  "C3'" . C   A 1 6  ? 3.340   6.259   1.197   1.000 29.527 0 10  C   A "C3'" 1 ? 
ATOM   118 O  "O3'" . C   A 1 6  ? 2.485   7.271   0.653   1.000 33.872 0 10  C   A "O3'" 1 ? 
ATOM   119 C  "C2'" . C   A 1 6  ? 4.691   6.214   0.497   1.000 30.624 0 10  C   A "C2'" 1 ? 
ATOM   120 O  "O2'" . C   A 1 6  ? 5.242   7.490   0.267   1.000 32.281 0 10  C   A "O2'" 1 ? 
ATOM   121 C  "C1'" . C   A 1 6  ? 5.537   5.463   1.529   1.000 29.526 0 10  C   A "C1'" 1 ? 
ATOM   122 N  N1    . C   A 1 6  ? 5.583   4.020   1.261   1.000 27.579 0 10  C   A N1    1 ? 
ATOM   123 C  C2    . C   A 1 6  ? 6.435   3.555   0.254   1.000 27.911 0 10  C   A C2    1 ? 
ATOM   124 O  O2    . C   A 1 6  ? 7.120   4.375   -0.377  1.000 33.344 0 10  C   A O2    1 ? 
ATOM   125 N  N3    . C   A 1 6  ? 6.487   2.231   -0.009  1.000 24.919 0 10  C   A N3    1 ? 
ATOM   126 C  C4    . C   A 1 6  ? 5.693   1.384   0.654   1.000 25.929 0 10  C   A C4    1 ? 
ATOM   127 N  N4    . C   A 1 6  ? 5.765   0.085   0.347   1.000 25.897 0 10  C   A N4    1 ? 
ATOM   128 C  C5    . C   A 1 6  ? 4.813   1.828   1.682   1.000 24.903 0 10  C   A C5    1 ? 
ATOM   129 C  C6    . C   A 1 6  ? 4.771   3.146   1.934   1.000 28.766 0 10  C   A C6    1 ? 
ATOM   130 P  P     . U   A 1 7  ? 1.500   6.999   -0.645  1.000 33.797 0 11  U   A P     1 ? 
ATOM   131 O  OP1   . U   A 1 7  ? 0.571   8.134   -0.706  1.000 35.669 0 11  U   A OP1   1 ? 
ATOM   132 O  OP2   . U   A 1 7  ? 0.952   5.624   -0.563  1.000 33.779 0 11  U   A OP2   1 ? 
ATOM   133 O  "O5'" . U   A 1 7  ? 2.505   6.920   -1.875  1.000 33.746 0 11  U   A "O5'" 1 ? 
ATOM   134 C  "C5'" . U   A 1 7  ? 3.206   8.080   -2.329  1.000 37.840 0 11  U   A "C5'" 1 ? 
ATOM   135 C  "C4'" . U   A 1 7  ? 4.104   7.712   -3.479  1.000 38.243 0 11  U   A "C4'" 1 ? 
ATOM   136 O  "O4'" . U   A 1 7  ? 5.063   6.709   -3.064  1.000 37.739 0 11  U   A "O4'" 1 ? 
ATOM   137 C  "C3'" . U   A 1 7  ? 3.407   7.057   -4.658  1.000 39.785 0 11  U   A "C3'" 1 ? 
ATOM   138 O  "O3'" . U   A 1 7  ? 2.871   8.049   -5.500  1.000 45.463 0 11  U   A "O3'" 1 ? 
ATOM   139 C  "C2'" . U   A 1 7  ? 4.556   6.373   -5.364  1.000 39.068 0 11  U   A "C2'" 1 ? 
ATOM   140 O  "O2'" . U   A 1 7  ? 5.334   7.268   -6.141  1.000 41.520 0 11  U   A "O2'" 1 ? 
ATOM   141 C  "C1'" . U   A 1 7  ? 5.365   5.872   -4.169  1.000 38.353 0 11  U   A "C1'" 1 ? 
ATOM   142 N  N1    . U   A 1 7  ? 5.064   4.477   -3.823  1.000 37.455 0 11  U   A N1    1 ? 
ATOM   143 C  C2    . U   A 1 7  ? 5.604   3.521   -4.658  1.000 39.407 0 11  U   A C2    1 ? 
ATOM   144 O  O2    . U   A 1 7  ? 6.290   3.803   -5.630  1.000 43.091 0 11  U   A O2    1 ? 
ATOM   145 N  N3    . U   A 1 7  ? 5.359   2.227   -4.283  1.000 34.695 0 11  U   A N3    1 ? 
ATOM   146 C  C4    . U   A 1 7  ? 4.626   1.795   -3.198  1.000 36.187 0 11  U   A C4    1 ? 
ATOM   147 O  O4    . U   A 1 7  ? 4.468   0.589   -3.018  1.000 28.454 0 11  U   A O4    1 ? 
ATOM   148 C  C5    . U   A 1 7  ? 4.065   2.846   -2.404  1.000 34.795 0 11  U   A C5    1 ? 
ATOM   149 C  C6    . U   A 1 7  ? 4.293   4.120   -2.739  1.000 35.369 0 11  U   A C6    1 ? 
ATOM   150 P  P     . U   A 1 8  ? 1.476   7.814   -6.205  1.000 42.458 0 12  U   A P     1 ? 
ATOM   151 O  OP1   . U   A 1 8  ? 1.016   9.152   -6.651  1.000 51.619 0 12  U   A OP1   1 ? 
ATOM   152 O  OP2   . U   A 1 8  ? 0.605   7.024   -5.310  1.000 43.698 0 12  U   A OP2   1 ? 
ATOM   153 O  "O5'" . U   A 1 8  ? 1.872   6.876   -7.427  1.000 43.961 0 12  U   A "O5'" 1 ? 
ATOM   154 C  "C5'" . U   A 1 8  ? 2.876   7.301   -8.353  1.000 46.170 0 12  U   A "C5'" 1 ? 
ATOM   155 C  "C4'" . U   A 1 8  ? 3.254   6.166   -9.257  1.000 49.404 0 12  U   A "C4'" 1 ? 
ATOM   156 O  "O4'" . U   A 1 8  ? 4.088   5.231   -8.530  1.000 50.576 0 12  U   A "O4'" 1 ? 
ATOM   157 C  "C3'" . U   A 1 8  ? 2.120   5.294   -9.776  1.000 50.196 0 12  U   A "C3'" 1 ? 
ATOM   158 O  "O3'" . U   A 1 8  ? 1.430   5.846   -10.880 1.000 55.556 0 12  U   A "O3'" 1 ? 
ATOM   159 C  "C2'" . U   A 1 8  ? 2.878   4.044   -10.183 1.000 50.627 0 12  U   A "C2'" 1 ? 
ATOM   160 O  "O2'" . U   A 1 8  ? 3.610   4.190   -11.378 1.000 46.579 0 12  U   A "O2'" 1 ? 
ATOM   161 C  "C1'" . U   A 1 8  ? 3.859   3.917   -9.020  1.000 50.730 0 12  U   A "C1'" 1 ? 
ATOM   162 N  N1    . U   A 1 8  ? 3.331   3.090   -7.926  1.000 45.295 0 12  U   A N1    1 ? 
ATOM   163 C  C2    . U   A 1 8  ? 3.625   1.742   -7.962  1.000 44.180 0 12  U   A C2    1 ? 
ATOM   164 O  O2    . U   A 1 8  ? 4.266   1.229   -8.864  1.000 39.476 0 12  U   A O2    1 ? 
ATOM   165 N  N3    . U   A 1 8  ? 3.124   1.015   -6.909  1.000 39.946 0 12  U   A N3    1 ? 
ATOM   166 C  C4    . U   A 1 8  ? 2.359   1.482   -5.859  1.000 40.837 0 12  U   A C4    1 ? 
ATOM   167 O  O4    . U   A 1 8  ? 1.978   0.696   -4.990  1.000 43.273 0 12  U   A O4    1 ? 
ATOM   168 C  C5    . U   A 1 8  ? 2.103   2.889   -5.891  1.000 38.938 0 12  U   A C5    1 ? 
ATOM   169 C  C6    . U   A 1 8  ? 2.571   3.625   -6.908  1.000 41.301 0 12  U   A C6    1 ? 
ATOM   170 P  P     . A   A 1 9  ? -0.139  5.535   -11.103 1.000 56.194 0 13  A   A P     1 ? 
ATOM   171 O  OP1   . A   A 1 9  ? -0.622  6.416   -12.184 1.000 65.005 0 13  A   A OP1   1 ? 
ATOM   172 O  OP2   . A   A 1 9  ? -0.828  5.540   -9.794  1.000 60.490 0 13  A   A OP2   1 ? 
ATOM   173 O  "O5'" . A   A 1 9  ? -0.126  4.045   -11.644 1.000 50.493 0 13  A   A "O5'" 1 ? 
ATOM   174 C  "C5'" . A   A 1 9  ? 0.526   3.745   -12.877 1.000 48.509 0 13  A   A "C5'" 1 ? 
ATOM   175 C  "C4'" . A   A 1 9  ? 0.483   2.260   -13.115 1.000 49.346 0 13  A   A "C4'" 1 ? 
ATOM   176 O  "O4'" . A   A 1 9  ? 1.355   1.586   -12.166 1.000 45.738 0 13  A   A "O4'" 1 ? 
ATOM   177 C  "C3'" . A   A 1 9  ? -0.873  1.589   -12.905 1.000 46.111 0 13  A   A "C3'" 1 ? 
ATOM   178 O  "O3'" . A   A 1 9  ? -1.716  1.711   -14.035 1.000 47.023 0 13  A   A "O3'" 1 ? 
ATOM   179 C  "C2'" . A   A 1 9  ? -0.457  0.145   -12.691 1.000 43.333 0 13  A   A "C2'" 1 ? 
ATOM   180 O  "O2'" . A   A 1 9  ? -0.028  -0.473  -13.876 1.000 43.139 0 13  A   A "O2'" 1 ? 
ATOM   181 C  "C1'" . A   A 1 9  ? 0.784   0.329   -11.824 1.000 45.100 0 13  A   A "C1'" 1 ? 
ATOM   182 N  N9    . A   A 1 9  ? 0.478   0.327   -10.398 1.000 42.715 0 13  A   A N9    1 ? 
ATOM   183 C  C8    . A   A 1 9  ? 0.168   1.373   -9.564  1.000 40.641 0 13  A   A C8    1 ? 
ATOM   184 N  N7    . A   A 1 9  ? -0.038  1.012   -8.321  1.000 39.986 0 13  A   A N7    1 ? 
ATOM   185 C  C5    . A   A 1 9  ? 0.106   -0.370  -8.349  1.000 39.465 0 13  A   A C5    1 ? 
ATOM   186 C  C6    . A   A 1 9  ? 0.013   -1.351  -7.348  1.000 32.591 0 13  A   A C6    1 ? 
ATOM   187 N  N6    . A   A 1 9  ? -0.273  -1.082  -6.076  1.000 35.130 0 13  A   A N6    1 ? 
ATOM   188 N  N1    . A   A 1 9  ? 0.210   -2.637  -7.708  1.000 32.938 0 13  A   A N1    1 ? 
ATOM   189 C  C2    . A   A 1 9  ? 0.507   -2.907  -8.985  1.000 35.189 0 13  A   A C2    1 ? 
ATOM   190 N  N3    . A   A 1 9  ? 0.626   -2.073  -10.014 1.000 37.602 0 13  A   A N3    1 ? 
ATOM   191 C  C4    . A   A 1 9  ? 0.423   -0.803  -9.621  1.000 38.430 0 13  A   A C4    1 ? 
ATOM   192 P  P     . A   A 1 10 ? -3.305  1.700   -13.864 1.000 50.578 0 14  A   A P     1 ? 
ATOM   193 O  OP1   . A   A 1 10 ? -3.888  1.991   -15.181 1.000 51.292 0 14  A   A OP1   1 ? 
ATOM   194 O  OP2   . A   A 1 10 ? -3.657  2.547   -12.691 1.000 56.421 0 14  A   A OP2   1 ? 
ATOM   195 O  "O5'" . A   A 1 10 ? -3.643  0.184   -13.536 1.000 49.735 0 14  A   A "O5'" 1 ? 
ATOM   196 C  "C5'" . A   A 1 10 ? -3.523  -0.796  -14.571 1.000 50.639 0 14  A   A "C5'" 1 ? 
ATOM   197 C  "C4'" . A   A 1 10 ? -3.642  -2.166  -13.973 1.000 51.977 0 14  A   A "C4'" 1 ? 
ATOM   198 O  "O4'" . A   A 1 10 ? -2.622  -2.320  -12.951 1.000 47.528 0 14  A   A "O4'" 1 ? 
ATOM   199 C  "C3'" . A   A 1 10 ? -4.941  -2.470  -13.235 1.000 52.681 0 14  A   A "C3'" 1 ? 
ATOM   200 O  "O3'" . A   A 1 10 ? -6.046  -2.793  -14.079 1.000 54.189 0 14  A   A "O3'" 1 ? 
ATOM   201 C  "C2'" . A   A 1 10 ? -4.509  -3.631  -12.348 1.000 52.359 0 14  A   A "C2'" 1 ? 
ATOM   202 O  "O2'" . A   A 1 10 ? -4.502  -4.896  -12.968 1.000 54.191 0 14  A   A "O2'" 1 ? 
ATOM   203 C  "C1'" . A   A 1 10 ? -3.102  -3.186  -11.940 1.000 48.911 0 14  A   A "C1'" 1 ? 
ATOM   204 N  N9    . A   A 1 10 ? -3.146  -2.440  -10.690 1.000 43.691 0 14  A   A N9    1 ? 
ATOM   205 C  C8    . A   A 1 10 ? -3.281  -1.087  -10.489 1.000 43.232 0 14  A   A C8    1 ? 
ATOM   206 N  N7    . A   A 1 10 ? -3.340  -0.745  -9.225  1.000 40.042 0 14  A   A N7    1 ? 
ATOM   207 C  C5    . A   A 1 10 ? -3.274  -1.956  -8.551  1.000 38.206 0 14  A   A C5    1 ? 
ATOM   208 C  C6    . A   A 1 10 ? -3.269  -2.275  -7.187  1.000 36.460 0 14  A   A C6    1 ? 
ATOM   209 N  N6    . A   A 1 10 ? -3.365  -1.367  -6.219  1.000 37.474 0 14  A   A N6    1 ? 
ATOM   210 N  N1    . A   A 1 10 ? -3.187  -3.580  -6.846  1.000 38.377 0 14  A   A N1    1 ? 
ATOM   211 C  C2    . A   A 1 10 ? -3.091  -4.493  -7.822  1.000 38.009 0 14  A   A C2    1 ? 
ATOM   212 N  N3    . A   A 1 10 ? -3.067  -4.314  -9.139  1.000 40.574 0 14  A   A N3    1 ? 
ATOM   213 C  C4    . A   A 1 10 ? -3.172  -3.008  -9.440  1.000 40.287 0 14  A   A C4    1 ? 
ATOM   214 P  P     . G   A 1 11 ? -7.557  -2.379  -13.655 1.000 61.778 0 15  G   A P     1 ? 
ATOM   215 O  OP1   . G   A 1 11 ? -8.496  -2.838  -14.745 1.000 62.035 0 15  G   A OP1   1 ? 
ATOM   216 O  OP2   . G   A 1 11 ? -7.616  -0.891  -13.332 1.000 56.213 0 15  G   A OP2   1 ? 
ATOM   217 O  "O5'" . G   A 1 11 ? -7.846  -3.219  -12.299 1.000 53.406 0 15  G   A "O5'" 1 ? 
ATOM   218 C  "C5'" . G   A 1 11 ? -8.133  -4.625  -12.450 1.000 54.234 0 15  G   A "C5'" 1 ? 
ATOM   219 C  "C4'" . G   A 1 11 ? -7.986  -5.350  -11.138 1.000 54.069 0 15  G   A "C4'" 1 ? 
ATOM   220 O  "O4'" . G   A 1 11 ? -6.770  -4.970  -10.445 1.000 52.139 0 15  G   A "O4'" 1 ? 
ATOM   221 C  "C3'" . G   A 1 11 ? -9.047  -5.088  -10.065 1.000 52.171 0 15  G   A "C3'" 1 ? 
ATOM   222 O  "O3'" . G   A 1 11 ? -10.314 -5.635  -10.401 1.000 54.921 0 15  G   A "O3'" 1 ? 
ATOM   223 C  "C2'" . G   A 1 11 ? -8.357  -5.806  -8.904  1.000 48.787 0 15  G   A "C2'" 1 ? 
ATOM   224 O  "O2'" . G   A 1 11 ? -8.393  -7.214  -9.021  1.000 45.364 0 15  G   A "O2'" 1 ? 
ATOM   225 C  "C1'" . G   A 1 11 ? -6.943  -5.247  -9.066  1.000 46.449 0 15  G   A "C1'" 1 ? 
ATOM   226 N  N9    . G   A 1 11 ? -6.752  -4.018  -8.301  1.000 43.302 0 15  G   A N9    1 ? 
ATOM   227 C  C8    . G   A 1 11 ? -6.680  -2.736  -8.791  1.000 39.701 0 15  G   A C8    1 ? 
ATOM   228 N  N7    . G   A 1 11 ? -6.539  -1.830  -7.851  1.000 38.321 0 15  G   A N7    1 ? 
ATOM   229 C  C5    . G   A 1 11 ? -6.545  -2.565  -6.668  1.000 37.553 0 15  G   A C5    1 ? 
ATOM   230 C  C6    . G   A 1 11 ? -6.423  -2.123  -5.322  1.000 35.929 0 15  G   A C6    1 ? 
ATOM   231 O  O6    . G   A 1 11 ? -6.291  -0.966  -4.891  1.000 35.232 0 15  G   A O6    1 ? 
ATOM   232 N  N1    . G   A 1 11 ? -6.495  -3.187  -4.432  1.000 31.184 0 15  G   A N1    1 ? 
ATOM   233 C  C2    . G   A 1 11 ? -6.634  -4.507  -4.778  1.000 31.897 0 15  G   A C2    1 ? 
ATOM   234 N  N2    . G   A 1 11 ? -6.679  -5.363  -3.755  1.000 28.592 0 15  G   A N2    1 ? 
ATOM   235 N  N3    . G   A 1 11 ? -6.756  -4.937  -6.041  1.000 34.317 0 15  G   A N3    1 ? 
ATOM   236 C  C4    . G   A 1 11 ? -6.684  -3.912  -6.929  1.000 35.509 0 15  G   A C4    1 ? 
ATOM   237 P  P     . U   A 1 12 ? -11.673 -4.999  -9.802  1.000 49.939 0 16  U   A P     1 ? 
ATOM   238 O  OP1   . U   A 1 12 ? -12.808 -5.538  -10.602 1.000 48.276 0 16  U   A OP1   1 ? 
ATOM   239 O  OP2   . U   A 1 12 ? -11.507 -3.516  -9.686  1.000 48.274 0 16  U   A OP2   1 ? 
ATOM   240 O  "O5'" . U   A 1 12 ? -11.716 -5.598  -8.330  1.000 42.640 0 16  U   A "O5'" 1 ? 
ATOM   241 C  "C5'" . U   A 1 12 ? -11.576 -6.997  -8.081  1.000 41.007 0 16  U   A "C5'" 1 ? 
ATOM   242 C  "C4'" . U   A 1 12 ? -11.419 -7.230  -6.592  1.000 42.074 0 16  U   A "C4'" 1 ? 
ATOM   243 O  "O4'" . U   A 1 12 ? -10.171 -6.645  -6.139  1.000 41.582 0 16  U   A "O4'" 1 ? 
ATOM   244 C  "C3'" . U   A 1 12 ? -12.454 -6.597  -5.660  1.000 40.906 0 16  U   A "C3'" 1 ? 
ATOM   245 O  "O3'" . U   A 1 12 ? -13.690 -7.317  -5.574  1.000 38.175 0 16  U   A "O3'" 1 ? 
ATOM   246 C  "C2'" . U   A 1 12 ? -11.713 -6.625  -4.331  1.000 37.400 0 16  U   A "C2'" 1 ? 
ATOM   247 O  "O2'" . U   A 1 12 ? -11.719 -7.910  -3.753  1.000 41.748 0 16  U   A "O2'" 1 ? 
ATOM   248 C  "C1'" . U   A 1 12 ? -10.300 -6.238  -4.772  1.000 40.466 0 16  U   A "C1'" 1 ? 
ATOM   249 N  N1    . U   A 1 12 ? -10.070 -4.786  -4.705  1.000 37.019 0 16  U   A N1    1 ? 
ATOM   250 C  C2    . U   A 1 12 ? -9.822  -4.209  -3.473  1.000 33.502 0 16  U   A C2    1 ? 
ATOM   251 O  O2    . U   A 1 12 ? -9.751  -4.853  -2.435  1.000 34.938 0 16  U   A O2    1 ? 
ATOM   252 N  N3    . U   A 1 12 ? -9.651  -2.850  -3.503  1.000 33.283 0 16  U   A N3    1 ? 
ATOM   253 C  C4    . U   A 1 12 ? -9.702  -2.025  -4.605  1.000 33.891 0 16  U   A C4    1 ? 
ATOM   254 O  O4    . U   A 1 12 ? -9.534  -0.819  -4.465  1.000 30.021 0 16  U   A O4    1 ? 
ATOM   255 C  C5    . U   A 1 12 ? -10.016 -2.689  -5.830  1.000 38.213 0 16  U   A C5    1 ? 
ATOM   256 C  C6    . U   A 1 12 ? -10.196 -4.012  -5.837  1.000 37.027 0 16  U   A C6    1 ? 
ATOM   257 P  P     . C   A 1 13 ? -15.080 -6.534  -5.360  1.000 36.564 0 17  C   A P     1 ? 
ATOM   258 O  OP1   . C   A 1 13 ? -16.167 -7.498  -5.652  1.000 42.976 0 17  C   A OP1   1 ? 
ATOM   259 O  OP2   . C   A 1 13 ? -15.028 -5.195  -6.015  1.000 36.308 0 17  C   A OP2   1 ? 
ATOM   260 O  "O5'" . C   A 1 13 ? -15.107 -6.167  -3.809  1.000 29.970 0 17  C   A "O5'" 1 ? 
ATOM   261 C  "C5'" . C   A 1 13 ? -15.020 -7.209  -2.842  1.000 26.414 0 17  C   A "C5'" 1 ? 
ATOM   262 C  "C4'" . C   A 1 13 ? -14.631 -6.600  -1.525  1.000 24.682 0 17  C   A "C4'" 1 ? 
ATOM   263 O  "O4'" . C   A 1 13 ? -13.394 -5.865  -1.660  1.000 22.808 0 17  C   A "O4'" 1 ? 
ATOM   264 C  "C3'" . C   A 1 13 ? -15.584 -5.545  -1.000  1.000 22.151 0 17  C   A "C3'" 1 ? 
ATOM   265 O  "O3'" . C   A 1 13 ? -16.739 -6.134  -0.455  1.000 24.745 0 17  C   A "O3'" 1 ? 
ATOM   266 C  "C2'" . C   A 1 13 ? -14.721 -4.846  0.032   1.000 20.876 0 17  C   A "C2'" 1 ? 
ATOM   267 O  "O2'" . C   A 1 13 ? -14.561 -5.535  1.252   1.000 18.558 0 17  C   A "O2'" 1 ? 
ATOM   268 C  "C1'" . C   A 1 13 ? -13.386 -4.808  -0.707  1.000 20.914 0 17  C   A "C1'" 1 ? 
ATOM   269 N  N1    . C   A 1 13 ? -13.149 -3.547  -1.411  1.000 19.662 0 17  C   A N1    1 ? 
ATOM   270 C  C2    . C   A 1 13 ? -12.659 -2.464  -0.674  1.000 19.309 0 17  C   A C2    1 ? 
ATOM   271 O  O2    . C   A 1 13 ? -12.495 -2.593  0.554   1.000 17.863 0 17  C   A O2    1 ? 
ATOM   272 N  N3    . C   A 1 13 ? -12.376 -1.310  -1.310  1.000 18.702 0 17  C   A N3    1 ? 
ATOM   273 C  C4    . C   A 1 13 ? -12.535 -1.220  -2.631  1.000 21.008 0 17  C   A C4    1 ? 
ATOM   274 N  N4    . C   A 1 13 ? -12.254 -0.052  -3.211  1.000 20.901 0 17  C   A N4    1 ? 
ATOM   275 C  C5    . C   A 1 13 ? -13.044 -2.304  -3.406  1.000 20.490 0 17  C   A C5    1 ? 
ATOM   276 C  C6    . C   A 1 13 ? -13.321 -3.443  -2.763  1.000 19.286 0 17  C   A C6    1 ? 
HETATM 277 P  P     . GFL A 1 14 ? -18.136 -5.354  -0.268  1.000 24.040 0 19  GFL A P     1 ? 
HETATM 278 O  O1P   . GFL A 1 14 ? -18.483 -4.960  -1.650  1.000 22.863 0 19  GFL A O1P   1 ? 
HETATM 279 O  O2P   . GFL A 1 14 ? -19.000 -6.278  0.489   1.000 24.854 0 19  GFL A O2P   1 ? 
HETATM 280 O  "O5'" . GFL A 1 14 ? -17.862 -4.018  0.565   1.000 21.945 0 19  GFL A "O5'" 1 ? 
HETATM 281 C  "C5'" . GFL A 1 14 ? -17.530 -3.953  1.975   1.000 20.384 0 19  GFL A "C5'" 1 ? 
HETATM 282 C  "C4'" . GFL A 1 14 ? -17.124 -2.512  2.290   1.000 19.205 0 19  GFL A "C4'" 1 ? 
HETATM 283 O  "O4'" . GFL A 1 14 ? -16.115 -2.123  1.319   1.000 19.049 0 19  GFL A "O4'" 1 ? 
HETATM 284 C  "C3'" . GFL A 1 14 ? -18.247 -1.591  1.914   1.000 19.321 0 19  GFL A "C3'" 1 ? 
HETATM 285 O  "O3'" . GFL A 1 14 ? -19.113 -1.349  2.962   1.000 16.742 0 19  GFL A "O3'" 1 ? 
HETATM 286 C  "C2'" . GFL A 1 14 ? -17.476 -0.334  1.550   1.000 19.507 0 19  GFL A "C2'" 1 ? 
HETATM 287 C  "C1'" . GFL A 1 14 ? -16.044 -0.703  1.358   1.000 18.186 0 19  GFL A "C1'" 1 ? 
HETATM 288 N  N9    . GFL A 1 14 ? -15.602 0.006   0.115   1.000 19.685 0 19  GFL A N9    1 ? 
HETATM 289 C  C8    . GFL A 1 14 ? -15.685 -0.347  -1.174  1.000 18.626 0 19  GFL A C8    1 ? 
HETATM 290 N  N7    . GFL A 1 14 ? -15.214 0.644   -1.890  1.000 18.192 0 19  GFL A N7    1 ? 
HETATM 291 C  C5    . GFL A 1 14 ? -14.909 1.648   -1.041  1.000 18.642 0 19  GFL A C5    1 ? 
HETATM 292 C  C6    . GFL A 1 14 ? -14.435 2.860   -1.250  1.000 17.722 0 19  GFL A C6    1 ? 
HETATM 293 O  O6    . GFL A 1 14 ? -14.185 3.259   -2.371  1.000 17.818 0 19  GFL A O6    1 ? 
HETATM 294 N  N1    . GFL A 1 14 ? -14.204 3.696   -0.213  1.000 19.263 0 19  GFL A N1    1 ? 
HETATM 295 C  C2    . GFL A 1 14 ? -14.483 3.249   1.074   1.000 19.122 0 19  GFL A C2    1 ? 
HETATM 296 N  N2    . GFL A 1 14 ? -14.258 4.008   2.091   1.000 17.269 0 19  GFL A N2    1 ? 
HETATM 297 N  N3    . GFL A 1 14 ? -14.932 2.028   1.247   1.000 17.939 0 19  GFL A N3    1 ? 
HETATM 298 C  C4    . GFL A 1 14 ? -15.139 1.253   0.184   1.000 18.252 0 19  GFL A C4    1 ? 
HETATM 299 F  F     . GFL A 1 14 ? -18.219 -0.023  0.314   1.000 23.513 0 19  GFL A F     1 ? 
HETATM 300 N  N1    . LKC B 1 1  ? -15.443 12.580  -8.064  1.000 23.990 0 1   LKC B N1    1 ? 
HETATM 301 C  C2    . LKC B 1 1  ? -16.020 11.911  -7.044  1.000 22.066 0 1   LKC B C2    1 ? 
HETATM 302 N  N3    . LKC B 1 1  ? -16.303 10.625  -7.139  1.000 21.905 0 1   LKC B N3    1 ? 
HETATM 303 C  C4    . LKC B 1 1  ? -15.980 9.960   -8.254  1.000 22.436 0 1   LKC B C4    1 ? 
HETATM 304 C  C5    . LKC B 1 1  ? -15.382 10.555  -9.383  1.000 24.107 0 1   LKC B C5    1 ? 
HETATM 305 C  C6    . LKC B 1 1  ? -15.124 11.918  -9.279  1.000 21.886 0 1   LKC B C6    1 ? 
HETATM 306 O  O2    . LKC B 1 1  ? -16.292 12.485  -6.013  1.000 19.750 0 1   LKC B O2    1 ? 
HETATM 307 N  N4    . LKC B 1 1  ? -16.277 8.680   -8.290  1.000 22.622 0 1   LKC B N4    1 ? 
HETATM 308 C  "C1'" . LKC B 1 1  ? -15.214 14.026  -7.868  1.000 21.047 0 1   LKC B "C1'" 1 ? 
HETATM 309 C  "C2'" . LKC B 1 1  ? -14.009 14.353  -6.996  1.000 21.302 0 1   LKC B "C2'" 1 ? 
HETATM 310 C  "C3'" . LKC B 1 1  ? -12.892 14.205  -8.052  1.000 20.612 0 1   LKC B "C3'" 1 ? 
HETATM 311 C  "C4'" . LKC B 1 1  ? -13.548 15.221  -8.973  1.000 20.078 0 1   LKC B "C4'" 1 ? 
HETATM 312 O  "O4'" . LKC B 1 1  ? -14.857 14.521  -9.195  1.000 21.090 0 1   LKC B "O4'" 1 ? 
HETATM 313 O  "O3'" . LKC B 1 1  ? -11.550 14.583  -7.590  1.000 22.479 0 1   LKC B "O3'" 1 ? 
HETATM 314 C  "C5'" . LKC B 1 1  ? -12.742 15.511  -10.220 1.000 21.042 0 1   LKC B "C5'" 1 ? 
HETATM 315 O  "O5'" . LKC B 1 1  ? -12.725 14.268  -10.976 1.000 18.888 0 1   LKC B "O5'" 1 ? 
HETATM 316 C  C5A   . LKC B 1 1  ? -15.044 9.833   -10.594 1.000 23.899 0 1   LKC B C5A   1 ? 
HETATM 317 O  "O2'" . LKC B 1 1  ? -14.054 15.786  -6.724  1.000 20.300 0 1   LKC B "O2'" 1 ? 
HETATM 318 C  "C6'" . LKC B 1 1  ? -13.855 16.471  -8.107  1.000 19.772 0 1   LKC B "C6'" 1 ? 
HETATM 319 O  "O5'" . LCC B 1 2  ? -11.443 13.657  -5.384  1.000 20.361 0 2   LCC B "O5'" 1 ? 
HETATM 320 C  "C5'" . LCC B 1 2  ? -11.418 14.743  -4.373  1.000 22.704 0 2   LCC B "C5'" 1 ? 
HETATM 321 C  "C4'" . LCC B 1 2  ? -12.187 14.092  -3.215  1.000 23.419 0 2   LCC B "C4'" 1 ? 
HETATM 322 O  "O4'" . LCC B 1 2  ? -13.395 13.605  -3.724  1.000 20.084 0 2   LCC B "O4'" 1 ? 
HETATM 323 C  "C1'" . LCC B 1 2  ? -13.713 12.570  -2.776  1.000 21.864 0 2   LCC B "C1'" 1 ? 
HETATM 324 N  N1    . LCC B 1 2  ? -13.932 11.242  -3.347  1.000 21.060 0 2   LCC B N1    1 ? 
HETATM 325 C  C6    . LCC B 1 2  ? -13.455 10.948  -4.608  1.000 19.063 0 2   LCC B C6    1 ? 
HETATM 326 C  C5    . LCC B 1 2  ? -13.674 9.699   -5.144  1.000 19.675 0 2   LCC B C5    1 ? 
HETATM 327 C  C5M   . LCC B 1 2  ? -13.126 9.443   -6.437  1.000 19.108 0 2   LCC B C5M   1 ? 
HETATM 328 C  C4    . LCC B 1 2  ? -14.429 8.787   -4.372  1.000 20.001 0 2   LCC B C4    1 ? 
HETATM 329 N  N4    . LCC B 1 2  ? -14.654 7.545   -4.880  1.000 19.072 0 2   LCC B N4    1 ? 
HETATM 330 N  N3    . LCC B 1 2  ? -14.888 9.110   -3.124  1.000 19.729 0 2   LCC B N3    1 ? 
HETATM 331 C  C2    . LCC B 1 2  ? -14.628 10.341  -2.614  1.000 21.635 0 2   LCC B C2    1 ? 
HETATM 332 O  O2    . LCC B 1 2  ? -15.046 10.671  -1.483  1.000 21.477 0 2   LCC B O2    1 ? 
HETATM 333 C  "C3'" . LCC B 1 2  ? -11.483 12.867  -2.656  1.000 22.236 0 2   LCC B "C3'" 1 ? 
HETATM 334 C  "C2'" . LCC B 1 2  ? -12.584 12.590  -1.777  1.000 21.681 0 2   LCC B "C2'" 1 ? 
HETATM 335 O  "O2'" . LCC B 1 2  ? -12.774 13.802  -1.017  1.000 23.917 0 2   LCC B "O2'" 1 ? 
HETATM 336 O  "O3'" . LCC B 1 2  ? -10.247 13.171  -1.928  1.000 22.476 0 2   LCC B "O3'" 1 ? 
HETATM 337 C  "C6'" . LCC B 1 2  ? -12.471 14.945  -1.958  1.000 23.990 0 2   LCC B "C6'" 1 ? 
HETATM 338 P  P     . LCC B 1 2  ? -10.533 13.747  -6.802  1.000 20.111 0 2   LCC B P     1 ? 
HETATM 339 O  O1P   . LCC B 1 2  ? -9.528  14.700  -6.558  1.000 17.447 0 2   LCC B O1P   1 ? 
HETATM 340 O  O2P   . LCC B 1 2  ? -10.274 12.337  -7.137  1.000 19.842 0 2   LCC B O2P   1 ? 
HETATM 341 O  "O5'" . LCC B 1 3  ? -9.756  11.290  -0.351  1.000 18.732 0 3   LCC B "O5'" 1 ? 
HETATM 342 C  "C5'" . LCC B 1 3  ? -10.198 12.011  0.815   1.000 19.438 0 3   LCC B "C5'" 1 ? 
HETATM 343 C  "C4'" . LCC B 1 3  ? -11.051 10.954  1.534   1.000 19.984 0 3   LCC B "C4'" 1 ? 
HETATM 344 O  "O4'" . LCC B 1 3  ? -12.293 10.621  0.871   1.000 18.810 0 3   LCC B "O4'" 1 ? 
HETATM 345 C  "C1'" . LCC B 1 3  ? -12.499 9.197   1.332   1.000 19.165 0 3   LCC B "C1'" 1 ? 
HETATM 346 N  N1    . LCC B 1 3  ? -12.414 8.248   0.229   1.000 19.390 0 3   LCC B N1    1 ? 
HETATM 347 C  C6    . LCC B 1 3  ? -11.729 8.540   -0.972  1.000 17.824 0 3   LCC B C6    1 ? 
HETATM 348 C  C5    . LCC B 1 3  ? -11.738 7.641   -1.994  1.000 18.693 0 3   LCC B C5    1 ? 
HETATM 349 C  C5M   . LCC B 1 3  ? -11.022 8.015   -3.166  1.000 19.185 0 3   LCC B C5M   1 ? 
HETATM 350 C  C4    . LCC B 1 3  ? -12.460 6.428   -1.806  1.000 18.177 0 3   LCC B C4    1 ? 
HETATM 351 N  N4    . LCC B 1 3  ? -12.545 5.511   -2.792  1.000 16.482 0 3   LCC B N4    1 ? 
HETATM 352 N  N3    . LCC B 1 3  ? -13.097 6.189   -0.677  1.000 17.989 0 3   LCC B N3    1 ? 
HETATM 353 C  C2    . LCC B 1 3  ? -13.067 7.091   0.341   1.000 19.555 0 3   LCC B C2    1 ? 
HETATM 354 O  O2    . LCC B 1 3  ? -13.624 6.853   1.398   1.000 18.789 0 3   LCC B O2    1 ? 
HETATM 355 C  "C3'" . LCC B 1 3  ? -10.349 9.607   1.672   1.000 19.018 0 3   LCC B "C3'" 1 ? 
HETATM 356 C  "C2'" . LCC B 1 3  ? -11.483 8.979   2.366   1.000 19.967 0 3   LCC B "C2'" 1 ? 
HETATM 357 O  "O2'" . LCC B 1 3  ? -11.784 9.866   3.453   1.000 20.611 0 3   LCC B "O2'" 1 ? 
HETATM 358 O  "O3'" . LCC B 1 3  ? -9.229  9.664   2.516   1.000 21.735 0 3   LCC B "O3'" 1 ? 
HETATM 359 C  "C6'" . LCC B 1 3  ? -11.399 11.292  2.947   1.000 20.393 0 3   LCC B "C6'" 1 ? 
HETATM 360 P  P     . LCC B 1 3  ? -9.158  12.108  -1.627  1.000 21.865 0 3   LCC B P     1 ? 
HETATM 361 O  O1P   . LCC B 1 3  ? -8.099  12.961  -1.117  1.000 18.323 0 3   LCC B O1P   1 ? 
HETATM 362 O  O2P   . LCC B 1 3  ? -8.870  11.204  -2.754  1.000 20.159 0 3   LCC B O2P   1 ? 
HETATM 363 P  P     . LCG B 1 4  ? -7.848  8.805   2.608   1.000 22.323 0 4   LCG B P     1 ? 
HETATM 364 O  OP1   . LCG B 1 4  ? -6.781  9.434   3.445   1.000 20.310 0 4   LCG B OP1   1 ? 
HETATM 365 O  "O5'" . LCG B 1 4  ? -8.399  7.365   3.158   1.000 20.875 0 4   LCG B "O5'" 1 ? 
HETATM 366 C  "C5'" . LCG B 1 4  ? -8.738  7.329   4.521   1.000 20.890 0 4   LCG B "C5'" 1 ? 
HETATM 367 C  "C3'" . LCG B 1 4  ? -8.580  4.859   4.304   1.000 20.846 0 4   LCG B "C3'" 1 ? 
HETATM 368 C  "C6'" . LCG B 1 4  ? -9.674  5.718   6.282   1.000 20.847 0 4   LCG B "C6'" 1 ? 
HETATM 369 N  N9    . LCG B 1 4  ? -10.755 4.103   2.430   1.000 20.340 0 4   LCG B N9    1 ? 
HETATM 370 C  C8    . LCG B 1 4  ? -10.350 4.882   1.427   1.000 19.975 0 4   LCG B C8    1 ? 
HETATM 371 C  C4    . LCG B 1 4  ? -11.096 2.936   1.900   1.000 19.484 0 4   LCG B C4    1 ? 
HETATM 372 N  N7    . LCG B 1 4  ? -10.460 4.217   0.270   1.000 20.129 0 4   LCG B N7    1 ? 
HETATM 373 C  C5    . LCG B 1 4  ? -10.929 3.002   0.567   1.000 21.508 0 4   LCG B C5    1 ? 
HETATM 374 C  C6    . LCG B 1 4  ? -11.213 1.926   -0.212  1.000 20.580 0 4   LCG B C6    1 ? 
HETATM 375 C  "C2'" . LCG B 1 4  ? -9.650  3.862   4.734   1.000 21.094 0 4   LCG B "C2'" 1 ? 
HETATM 376 O  O6    . LCG B 1 4  ? -11.090 1.940   -1.431  1.000 18.739 0 4   LCG B O6    1 ? 
HETATM 377 C  "C4'" . LCG B 1 4  ? -9.417  6.021   4.803   1.000 20.912 0 4   LCG B "C4'" 1 ? 
HETATM 378 C  "C1'" . LCG B 1 4  ? -10.822 4.457   3.961   1.000 19.592 0 4   LCG B "C1'" 1 ? 
HETATM 379 C  C2    . LCG B 1 4  ? -11.810 0.722   1.740   1.000 19.677 0 4   LCG B C2    1 ? 
HETATM 380 N  N1    . LCG B 1 4  ? -11.648 0.767   0.377   1.000 18.879 0 4   LCG B N1    1 ? 
HETATM 381 O  "O4'" . LCG B 1 4  ? -10.666 5.892   4.108   1.000 20.036 0 4   LCG B "O4'" 1 ? 
HETATM 382 O  OP2   . LCG B 1 4  ? -7.582  8.681   1.182   1.000 21.982 0 4   LCG B OP2   1 ? 
HETATM 383 N  N2    . LCG B 1 4  ? -12.275 -0.426  2.305   1.000 20.218 0 4   LCG B N2    1 ? 
HETATM 384 N  N3    . LCG B 1 4  ? -11.532 1.822   2.480   1.000 19.052 0 4   LCG B N3    1 ? 
HETATM 385 O  "O2'" . LCG B 1 4  ? -9.767  4.180   6.123   1.000 22.567 0 4   LCG B "O2'" 1 ? 
HETATM 386 O  "O3'" . LCG B 1 4  ? -7.342  4.830   4.970   1.000 18.974 0 4   LCG B "O3'" 1 ? 
ATOM   387 P  P     . A   B 1 5  ? -6.013  4.150   4.367   1.000 22.902 0 9   A   B P     1 ? 
ATOM   388 O  OP1   . A   B 1 5  ? -4.974  4.687   5.282   1.000 21.839 0 9   A   B OP1   1 ? 
ATOM   389 O  OP2   . A   B 1 5  ? -5.903  4.389   2.921   1.000 25.132 0 9   A   B OP2   1 ? 
ATOM   390 O  "O5'" . A   B 1 5  ? -6.096  2.562   4.534   1.000 20.987 0 9   A   B "O5'" 1 ? 
ATOM   391 C  "C5'" . A   B 1 5  ? -6.566  1.995   5.753   1.000 23.898 0 9   A   B "C5'" 1 ? 
ATOM   392 C  "C4'" . A   B 1 5  ? -7.081  0.594   5.517   1.000 25.222 0 9   A   B "C4'" 1 ? 
ATOM   393 O  "O4'" . A   B 1 5  ? -8.337  0.651   4.801   1.000 24.909 0 9   A   B "O4'" 1 ? 
ATOM   394 C  "C3'" . A   B 1 5  ? -6.215  -0.339  4.672   1.000 24.144 0 9   A   B "C3'" 1 ? 
ATOM   395 O  "O3'" . A   B 1 5  ? -5.193  -0.898  5.482   1.000 23.573 0 9   A   B "O3'" 1 ? 
ATOM   396 C  "C2'" . A   B 1 5  ? -7.245  -1.380  4.267   1.000 23.192 0 9   A   B "C2'" 1 ? 
ATOM   397 O  "O2'" . A   B 1 5  ? -7.438  -2.228  5.382   1.000 24.497 0 9   A   B "O2'" 1 ? 
ATOM   398 C  "C1'" . A   B 1 5  ? -8.453  -0.485  3.966   1.000 24.480 0 9   A   B "C1'" 1 ? 
ATOM   399 N  N9    . A   B 1 5  ? -8.434  -0.032  2.584   1.000 22.011 0 9   A   B N9    1 ? 
ATOM   400 C  C8    . A   B 1 5  ? -8.005  1.173   2.089   1.000 21.443 0 9   A   B C8    1 ? 
ATOM   401 N  N7    . A   B 1 5  ? -8.067  1.260   0.784   1.000 21.142 0 9   A   B N7    1 ? 
ATOM   402 C  C5    . A   B 1 5  ? -8.488  -0.004  0.388   1.000 20.627 0 9   A   B C5    1 ? 
ATOM   403 C  C6    . A   B 1 5  ? -8.778  -0.546  -0.870  1.000 19.667 0 9   A   B C6    1 ? 
ATOM   404 N  N6    . A   B 1 5  ? -8.592  0.114   -2.014  1.000 20.130 0 9   A   B N6    1 ? 
ATOM   405 N  N1    . A   B 1 5  ? -9.236  -1.815  -0.919  1.000 20.061 0 9   A   B N1    1 ? 
ATOM   406 C  C2    . A   B 1 5  ? -9.391  -2.485  0.228   1.000 20.799 0 9   A   B C2    1 ? 
ATOM   407 N  N3    . A   B 1 5  ? -9.187  -2.071  1.477   1.000 21.468 0 9   A   B N3    1 ? 
ATOM   408 C  C4    . A   B 1 5  ? -8.731  -0.804  1.486   1.000 21.615 0 9   A   B C4    1 ? 
ATOM   409 P  P     . C   B 1 6  ? -3.755  -1.380  4.873   1.000 26.365 0 10  C   B P     1 ? 
ATOM   410 O  OP1   . C   B 1 6  ? -2.847  -1.575  6.045   1.000 23.582 0 10  C   B OP1   1 ? 
ATOM   411 O  OP2   . C   B 1 6  ? -3.365  -0.483  3.789   1.000 26.461 0 10  C   B OP2   1 ? 
ATOM   412 O  "O5'" . C   B 1 6  ? -4.088  -2.723  4.103   1.000 24.539 0 10  C   B "O5'" 1 ? 
ATOM   413 C  "C5'" . C   B 1 6  ? -4.804  -3.775  4.733   1.000 25.671 0 10  C   B "C5'" 1 ? 
ATOM   414 C  "C4'" . C   B 1 6  ? -5.277  -4.743  3.677   1.000 26.267 0 10  C   B "C4'" 1 ? 
ATOM   415 O  "O4'" . C   B 1 6  ? -6.302  -4.104  2.894   1.000 26.825 0 10  C   B "O4'" 1 ? 
ATOM   416 C  "C3'" . C   B 1 6  ? -4.256  -5.184  2.628   1.000 27.718 0 10  C   B "C3'" 1 ? 
ATOM   417 O  "O3'" . C   B 1 6  ? -3.372  -6.203  3.099   1.000 32.543 0 10  C   B "O3'" 1 ? 
ATOM   418 C  "C2'" . C   B 1 6  ? -5.168  -5.670  1.511   1.000 29.781 0 10  C   B "C2'" 1 ? 
ATOM   419 O  "O2'" . C   B 1 6  ? -5.686  -6.963  1.736   1.000 30.613 0 10  C   B "O2'" 1 ? 
ATOM   420 C  "C1'" . C   B 1 6  ? -6.288  -4.626  1.562   1.000 28.608 0 10  C   B "C1'" 1 ? 
ATOM   421 N  N1    . C   B 1 6  ? -6.053  -3.517  0.625   1.000 27.884 0 10  C   B N1    1 ? 
ATOM   422 C  C2    . C   B 1 6  ? -6.350  -3.696  -0.730  1.000 27.215 0 10  C   B C2    1 ? 
ATOM   423 O  O2    . C   B 1 6  ? -6.814  -4.785  -1.106  1.000 30.986 0 10  C   B O2    1 ? 
ATOM   424 N  N3    . C   B 1 6  ? -6.138  -2.675  -1.593  1.000 23.432 0 10  C   B N3    1 ? 
ATOM   425 C  C4    . C   B 1 6  ? -5.585  -1.537  -1.160  1.000 25.371 0 10  C   B C4    1 ? 
ATOM   426 N  N4    . C   B 1 6  ? -5.372  -0.562  -2.050  1.000 25.227 0 10  C   B N4    1 ? 
ATOM   427 C  C5    . C   B 1 6  ? -5.256  -1.335  0.210   1.000 25.206 0 10  C   B C5    1 ? 
ATOM   428 C  C6    . C   B 1 6  ? -5.491  -2.348  1.059   1.000 27.909 0 10  C   B C6    1 ? 
ATOM   429 P  P     . U   B 1 7  ? -1.907  -6.515  2.381   1.000 33.552 0 11  U   B P     1 ? 
ATOM   430 O  OP1   . U   B 1 7  ? -1.192  -7.430  3.276   1.000 36.641 0 11  U   B OP1   1 ? 
ATOM   431 O  OP2   . U   B 1 7  ? -1.273  -5.239  1.989   1.000 31.289 0 11  U   B OP2   1 ? 
ATOM   432 O  "O5'" . U   B 1 7  ? -2.302  -7.180  0.995   1.000 33.444 0 11  U   B "O5'" 1 ? 
ATOM   433 C  "C5'" . U   B 1 7  ? -2.877  -8.485  0.949   1.000 38.298 0 11  U   B "C5'" 1 ? 
ATOM   434 C  "C4'" . U   B 1 7  ? -3.177  -8.845  -0.481  1.000 39.170 0 11  U   B "C4'" 1 ? 
ATOM   435 O  "O4'" . U   B 1 7  ? -4.094  -7.881  -1.058  1.000 37.546 0 11  U   B "O4'" 1 ? 
ATOM   436 C  "C3'" . U   B 1 7  ? -1.986  -8.790  -1.423  1.000 40.298 0 11  U   B "C3'" 1 ? 
ATOM   437 O  "O3'" . U   B 1 7  ? -1.264  -9.997  -1.347  1.000 46.218 0 11  U   B "O3'" 1 ? 
ATOM   438 C  "C2'" . U   B 1 7  ? -2.659  -8.695  -2.773  1.000 39.593 0 11  U   B "C2'" 1 ? 
ATOM   439 O  "O2'" . U   B 1 7  ? -3.175  -9.943  -3.210  1.000 43.364 0 11  U   B "O2'" 1 ? 
ATOM   440 C  "C1'" . U   B 1 7  ? -3.818  -7.758  -2.447  1.000 38.628 0 11  U   B "C1'" 1 ? 
ATOM   441 N  N1    . U   B 1 7  ? -3.524  -6.357  -2.767  1.000 37.637 0 11  U   B N1    1 ? 
ATOM   442 C  C2    . U   B 1 7  ? -3.559  -6.023  -4.106  1.000 39.812 0 11  U   B C2    1 ? 
ATOM   443 O  O2    . U   B 1 7  ? -3.809  -6.836  -4.985  1.000 41.839 0 11  U   B O2    1 ? 
ATOM   444 N  N3    . U   B 1 7  ? -3.328  -4.699  -4.375  1.000 35.767 0 11  U   B N3    1 ? 
ATOM   445 C  C4    . U   B 1 7  ? -3.068  -3.697  -3.464  1.000 37.319 0 11  U   B C4    1 ? 
ATOM   446 O  O4    . U   B 1 7  ? -2.871  -2.555  -3.868  1.000 30.857 0 11  U   B O4    1 ? 
ATOM   447 C  C5    . U   B 1 7  ? -3.013  -4.128  -2.102  1.000 34.539 0 11  U   B C5    1 ? 
ATOM   448 C  C6    . U   B 1 7  ? -3.239  -5.412  -1.807  1.000 35.346 0 11  U   B C6    1 ? 
ATOM   449 P  P     . U   B 1 8  ? 0.320   -9.972  -1.386  1.000 44.162 0 12  U   B P     1 ? 
ATOM   450 O  OP1   . U   B 1 8  ? 0.765   -11.272 -0.824  1.000 50.138 0 12  U   B OP1   1 ? 
ATOM   451 O  OP2   . U   B 1 8  ? 0.797   -8.715  -0.764  1.000 46.474 0 12  U   B OP2   1 ? 
ATOM   452 O  "O5'" . U   B 1 8  ? 0.613   -9.854  -2.942  1.000 44.604 0 12  U   B "O5'" 1 ? 
ATOM   453 C  "C5'" . U   B 1 8  ? 0.044   -10.810 -3.842  1.000 47.175 0 12  U   B "C5'" 1 ? 
ATOM   454 C  "C4'" . U   B 1 8  ? 0.190   -10.321 -5.252  1.000 49.591 0 12  U   B "C4'" 1 ? 
ATOM   455 O  "O4'" . U   B 1 8  ? -0.759  -9.253  -5.485  1.000 49.588 0 12  U   B "O4'" 1 ? 
ATOM   456 C  "C3'" . U   B 1 8  ? 1.520   -9.685  -5.621  1.000 50.361 0 12  U   B "C3'" 1 ? 
ATOM   457 O  "O3'" . U   B 1 8  ? 2.534   -10.622 -5.935  1.000 54.051 0 12  U   B "O3'" 1 ? 
ATOM   458 C  "C2'" . U   B 1 8  ? 1.133   -8.909  -6.863  1.000 49.763 0 12  U   B "C2'" 1 ? 
ATOM   459 O  "O2'" . U   B 1 8  ? 0.941   -9.734  -7.986  1.000 45.625 0 12  U   B "O2'" 1 ? 
ATOM   460 C  "C1'" . U   B 1 8  ? -0.218  -8.346  -6.434  1.000 49.866 0 12  U   B "C1'" 1 ? 
ATOM   461 N  N1    . U   B 1 8  ? -0.099  -7.020  -5.812  1.000 46.030 0 12  U   B N1    1 ? 
ATOM   462 C  C2    . U   B 1 8  ? -0.145  -5.930  -6.656  1.000 43.271 0 12  U   B C2    1 ? 
ATOM   463 O  O2    . U   B 1 8  ? -0.254  -6.036  -7.865  1.000 39.370 0 12  U   B O2    1 ? 
ATOM   464 N  N3    . U   B 1 8  ? -0.039  -4.712  -6.031  1.000 41.369 0 12  U   B N3    1 ? 
ATOM   465 C  C4    . U   B 1 8  ? 0.133   -4.476  -4.682  1.000 41.954 0 12  U   B C4    1 ? 
ATOM   466 O  O4    . U   B 1 8  ? 0.212   -3.315  -4.274  1.000 40.690 0 12  U   B O4    1 ? 
ATOM   467 C  C5    . U   B 1 8  ? 0.169   -5.657  -3.873  1.000 38.927 0 12  U   B C5    1 ? 
ATOM   468 C  C6    . U   B 1 8  ? 0.077   -6.859  -4.453  1.000 40.844 0 12  U   B C6    1 ? 
ATOM   469 P  P     . A   B 1 9  ? 4.084   -10.307 -5.600  1.000 54.036 0 13  A   B P     1 ? 
ATOM   470 O  OP1   . A   B 1 9  ? 4.832   -11.569 -5.744  1.000 61.144 0 13  A   B OP1   1 ? 
ATOM   471 O  OP2   . A   B 1 9  ? 4.172   -9.541  -4.336  1.000 60.233 0 13  A   B OP2   1 ? 
ATOM   472 O  "O5'" . A   B 1 9  ? 4.506   -9.318  -6.763  1.000 50.150 0 13  A   B "O5'" 1 ? 
ATOM   473 C  "C5'" . A   B 1 9  ? 4.362   -9.712  -8.127  1.000 47.944 0 13  A   B "C5'" 1 ? 
ATOM   474 C  "C4'" . A   B 1 9  ? 4.716   -8.558  -9.026  1.000 48.099 0 13  A   B "C4'" 1 ? 
ATOM   475 O  "O4'" . A   B 1 9  ? 3.623   -7.595  -9.059  1.000 43.557 0 13  A   B "O4'" 1 ? 
ATOM   476 C  "C3'" . A   B 1 9  ? 5.928   -7.722  -8.613  1.000 44.121 0 13  A   B "C3'" 1 ? 
ATOM   477 O  "O3'" . A   B 1 9  ? 7.137   -8.355  -8.996  1.000 46.869 0 13  A   B "O3'" 1 ? 
ATOM   478 C  "C2'" . A   B 1 9  ? 5.669   -6.442  -9.387  1.000 42.810 0 13  A   B "C2'" 1 ? 
ATOM   479 O  "O2'" . A   B 1 9  ? 5.851   -6.562  -10.775 1.000 42.625 0 13  A   B "O2'" 1 ? 
ATOM   480 C  "C1'" . A   B 1 9  ? 4.164   -6.286  -9.176  1.000 43.942 0 13  A   B "C1'" 1 ? 
ATOM   481 N  N9    . A   B 1 9  ? 3.850   -5.548  -7.960  1.000 41.634 0 13  A   B N9    1 ? 
ATOM   482 C  C8    . A   B 1 9  ? 3.663   -6.021  -6.683  1.000 40.498 0 13  A   B C8    1 ? 
ATOM   483 N  N7    . A   B 1 9  ? 3.383   -5.085  -5.811  1.000 39.808 0 13  A   B N7    1 ? 
ATOM   484 C  C5    . A   B 1 9  ? 3.423   -3.913  -6.557  1.000 39.864 0 13  A   B C5    1 ? 
ATOM   485 C  C6    . A   B 1 9  ? 3.220   -2.567  -6.215  1.000 33.462 0 13  A   B C6    1 ? 
ATOM   486 N  N6    . A   B 1 9  ? 2.927   -2.155  -4.982  1.000 35.647 0 13  A   B N6    1 ? 
ATOM   487 N  N1    . A   B 1 9  ? 3.342   -1.645  -7.192  1.000 33.806 0 13  A   B N1    1 ? 
ATOM   488 C  C2    . A   B 1 9  ? 3.632   -2.060  -8.434  1.000 35.375 0 13  A   B C2    1 ? 
ATOM   489 N  N3    . A   B 1 9  ? 3.848   -3.294  -8.876  1.000 37.687 0 13  A   B N3    1 ? 
ATOM   490 C  C4    . A   B 1 9  ? 3.723   -4.184  -7.878  1.000 38.686 0 13  A   B C4    1 ? 
ATOM   491 P  P     . A   B 1 10 ? 8.524   -8.017  -8.259  1.000 49.505 0 14  A   B P     1 ? 
ATOM   492 O  OP1   . A   B 1 10 ? 9.566   -8.853  -8.879  1.000 54.171 0 14  A   B OP1   1 ? 
ATOM   493 O  OP2   . A   B 1 10 ? 8.306   -8.064  -6.790  1.000 53.445 0 14  A   B OP2   1 ? 
ATOM   494 O  "O5'" . A   B 1 10 ? 8.816   -6.514  -8.671  1.000 47.758 0 14  A   B "O5'" 1 ? 
ATOM   495 C  "C5'" . A   B 1 10 ? 9.265   -6.222  -9.993  1.000 49.137 0 14  A   B "C5'" 1 ? 
ATOM   496 C  "C4'" . A   B 1 10 ? 9.325   -4.732  -10.175 1.000 50.038 0 14  A   B "C4'" 1 ? 
ATOM   497 O  "O4'" . A   B 1 10 ? 8.006   -4.173  -9.931  1.000 45.804 0 14  A   B "O4'" 1 ? 
ATOM   498 C  "C3'" . A   B 1 10 ? 10.230  -3.966  -9.216  1.000 50.451 0 14  A   B "C3'" 1 ? 
ATOM   499 O  "O3'" . A   B 1 10 ? 11.620  -4.008  -9.551  1.000 54.126 0 14  A   B "O3'" 1 ? 
ATOM   500 C  "C2'" . A   B 1 10 ? 9.643   -2.566  -9.322  1.000 51.237 0 14  A   B "C2'" 1 ? 
ATOM   501 O  "O2'" . A   B 1 10 ? 10.075  -1.827  -10.441 1.000 51.743 0 14  A   B "O2'" 1 ? 
ATOM   502 C  "C1'" . A   B 1 10 ? 8.143   -2.875  -9.377  1.000 48.755 0 14  A   B "C1'" 1 ? 
ATOM   503 N  N9    . A   B 1 10 ? 7.578   -2.891  -8.032  1.000 43.985 0 14  A   B N9    1 ? 
ATOM   504 C  C8    . A   B 1 10 ? 7.465   -3.948  -7.161  1.000 42.900 0 14  A   B C8    1 ? 
ATOM   505 N  N7    . A   B 1 10 ? 6.960   -3.619  -5.996  1.000 40.171 0 14  A   B N7    1 ? 
ATOM   506 C  C5    . A   B 1 10 ? 6.751   -2.252  -6.099  1.000 37.631 0 14  A   B C5    1 ? 
ATOM   507 C  C6    . A   B 1 10 ? 6.211   -1.311  -5.212  1.000 36.194 0 14  A   B C6    1 ? 
ATOM   508 N  N6    . A   B 1 10 ? 5.799   -1.611  -3.983  1.000 36.723 0 14  A   B N6    1 ? 
ATOM   509 N  N1    . A   B 1 10 ? 6.142   -0.026  -5.623  1.000 36.730 0 14  A   B N1    1 ? 
ATOM   510 C  C2    . A   B 1 10 ? 6.564   0.277   -6.860  1.000 36.459 0 14  A   B C2    1 ? 
ATOM   511 N  N3    . A   B 1 10 ? 7.061   -0.525  -7.796  1.000 37.617 0 14  A   B N3    1 ? 
ATOM   512 C  C4    . A   B 1 10 ? 7.137   -1.789  -7.345  1.000 40.099 0 14  A   B C4    1 ? 
ATOM   513 P  P     . G   B 1 11 ? 12.760  -3.917  -8.390  1.000 62.562 0 15  G   B P     1 ? 
ATOM   514 O  OP1   . G   B 1 11 ? 14.116  -3.991  -9.055  1.000 61.948 0 15  G   B OP1   1 ? 
ATOM   515 O  OP2   . G   B 1 11 ? 12.509  -4.989  -7.334  1.000 55.366 0 15  G   B OP2   1 ? 
ATOM   516 O  "O5'" . G   B 1 11 ? 12.535  -2.465  -7.706  1.000 51.523 0 15  G   B "O5'" 1 ? 
ATOM   517 C  "C5'" . G   B 1 11 ? 13.016  -1.306  -8.415  1.000 54.070 0 15  G   B "C5'" 1 ? 
ATOM   518 C  "C4'" . G   B 1 11 ? 12.457  -0.039  -7.817  1.000 54.015 0 15  G   B "C4'" 1 ? 
ATOM   519 O  "O4'" . G   B 1 11 ? 11.028  -0.139  -7.591  1.000 52.285 0 15  G   B "O4'" 1 ? 
ATOM   520 C  "C3'" . G   B 1 11 ? 12.961  0.378   -6.433  1.000 53.625 0 15  G   B "C3'" 1 ? 
ATOM   521 O  "O3'" . G   B 1 11 ? 14.300  0.856   -6.443  1.000 56.933 0 15  G   B "O3'" 1 ? 
ATOM   522 C  "C2'" . G   B 1 11 ? 11.957  1.498   -6.159  1.000 49.280 0 15  G   B "C2'" 1 ? 
ATOM   523 O  "O2'" . G   B 1 11 ? 12.205  2.662   -6.920  1.000 46.751 0 15  G   B "O2'" 1 ? 
ATOM   524 C  "C1'" . G   B 1 11 ? 10.670  0.794   -6.586  1.000 46.710 0 15  G   B "C1'" 1 ? 
ATOM   525 N  N9    . G   B 1 11 ? 10.036  0.092   -5.474  1.000 41.600 0 15  G   B N9    1 ? 
ATOM   526 C  C8    . G   B 1 11 ? 10.023  -1.261  -5.229  1.000 38.648 0 15  G   B C8    1 ? 
ATOM   527 N  N7    . G   B 1 11 ? 9.383   -1.584  -4.127  1.000 35.908 0 15  G   B N7    1 ? 
ATOM   528 C  C5    . G   B 1 11 ? 8.978   -0.360  -3.602  1.000 36.820 0 15  G   B C5    1 ? 
ATOM   529 C  C6    . G   B 1 11 ? 8.241   -0.074  -2.420  1.000 34.553 0 15  G   B C6    1 ? 
ATOM   530 O  O6    . G   B 1 11 ? 7.803   -0.862  -1.563  1.000 33.292 0 15  G   B O6    1 ? 
ATOM   531 N  N1    . G   B 1 11 ? 8.073   1.293   -2.252  1.000 30.311 0 15  G   B N1    1 ? 
ATOM   532 C  C2    . G   B 1 11 ? 8.502   2.267   -3.117  1.000 30.960 0 15  G   B C2    1 ? 
ATOM   533 N  N2    . G   B 1 11 ? 8.221   3.524   -2.757  1.000 27.397 0 15  G   B N2    1 ? 
ATOM   534 N  N3    . G   B 1 11 ? 9.205   2.013   -4.227  1.000 32.465 0 15  G   B N3    1 ? 
ATOM   535 C  C4    . G   B 1 11 ? 9.388   0.681   -4.411  1.000 34.714 0 15  G   B C4    1 ? 
ATOM   536 P  P     . U   B 1 12 ? 15.196  0.801   -5.114  1.000 51.181 0 16  U   B P     1 ? 
ATOM   537 O  OP1   . U   B 1 12 ? 16.589  1.128   -5.510  1.000 53.975 0 16  U   B OP1   1 ? 
ATOM   538 O  OP2   . U   B 1 12 ? 14.923  -0.484  -4.397  1.000 51.445 0 16  U   B OP2   1 ? 
ATOM   539 O  "O5'" . U   B 1 12 ? 14.611  1.996   -4.244  1.000 43.760 0 16  U   B "O5'" 1 ? 
ATOM   540 C  "C5'" . U   B 1 12 ? 14.649  3.336   -4.739  1.000 41.293 0 16  U   B "C5'" 1 ? 
ATOM   541 C  "C4'" . U   B 1 12 ? 13.904  4.258   -3.803  1.000 41.014 0 16  U   B "C4'" 1 ? 
ATOM   542 O  "O4'" . U   B 1 12 ? 12.517  3.850   -3.698  1.000 41.809 0 16  U   B "O4'" 1 ? 
ATOM   543 C  "C3'" . U   B 1 12 ? 14.359  4.300   -2.346  1.000 39.525 0 16  U   B "C3'" 1 ? 
ATOM   544 O  "O3'" . U   B 1 12 ? 15.520  5.107   -2.130  1.000 37.961 0 16  U   B "O3'" 1 ? 
ATOM   545 C  "C2'" . U   B 1 12 ? 13.145  4.920   -1.673  1.000 36.400 0 16  U   B "C2'" 1 ? 
ATOM   546 O  "O2'" . U   B 1 12 ? 13.104  6.317   -1.876  1.000 39.031 0 16  U   B "O2'" 1 ? 
ATOM   547 C  "C1'" . U   B 1 12 ? 12.007  4.214   -2.413  1.000 39.176 0 16  U   B "C1'" 1 ? 
ATOM   548 N  N1    . U   B 1 12 ? 11.588  2.981   -1.738  1.000 36.475 0 16  U   B N1    1 ? 
ATOM   549 C  C2    . U   B 1 12 ? 10.756  3.068   -0.635  1.000 33.403 0 16  U   B C2    1 ? 
ATOM   550 O  O2    . U   B 1 12 ? 10.319  4.125   -0.207  1.000 36.409 0 16  U   B O2    1 ? 
ATOM   551 N  N3    . U   B 1 12 ? 10.449  1.863   -0.059  1.000 32.216 0 16  U   B N3    1 ? 
ATOM   552 C  C4    . U   B 1 12 ? 10.859  0.613   -0.469  1.000 32.792 0 16  U   B C4    1 ? 
ATOM   553 O  O4    . U   B 1 12 ? 10.499  -0.379  0.158   1.000 31.654 0 16  U   B O4    1 ? 
ATOM   554 C  C5    . U   B 1 12 ? 11.761  0.615   -1.576  1.000 37.567 0 16  U   B C5    1 ? 
ATOM   555 C  C6    . U   B 1 12 ? 12.099  1.771   -2.148  1.000 35.002 0 16  U   B C6    1 ? 
ATOM   556 P  P     . C   B 1 13 ? 16.578  4.696   -1.009  1.000 37.390 0 17  C   B P     1 ? 
ATOM   557 O  OP1   . C   B 1 13 ? 17.778  5.535   -1.224  1.000 42.411 0 17  C   B OP1   1 ? 
ATOM   558 O  OP2   . C   B 1 13 ? 16.652  3.208   -0.900  1.000 36.392 0 17  C   B OP2   1 ? 
ATOM   559 O  "O5'" . C   B 1 13 ? 15.883  5.117   0.365   1.000 29.840 0 17  C   B "O5'" 1 ? 
ATOM   560 C  "C5'" . C   B 1 13 ? 15.561  6.493   0.564   1.000 26.186 0 17  C   B "C5'" 1 ? 
ATOM   561 C  "C4'" . C   B 1 13 ? 14.579  6.600   1.692   1.000 23.784 0 17  C   B "C4'" 1 ? 
ATOM   562 O  "O4'" . C   B 1 13 ? 13.423  5.780   1.425   1.000 21.832 0 17  C   B "O4'" 1 ? 
ATOM   563 C  "C3'" . C   B 1 13 ? 15.065  6.063   3.022   1.000 21.625 0 17  C   B "C3'" 1 ? 
ATOM   564 O  "O3'" . C   B 1 13 ? 15.962  6.959   3.628   1.000 24.068 0 17  C   B "O3'" 1 ? 
ATOM   565 C  "C2'" . C   B 1 13 ? 13.758  5.910   3.772   1.000 20.106 0 17  C   B "C2'" 1 ? 
ATOM   566 O  "O2'" . C   B 1 13 ? 13.175  7.130   4.188   1.000 18.255 0 17  C   B "O2'" 1 ? 
ATOM   567 C  "C1'" . C   B 1 13 ? 12.886  5.327   2.669   1.000 19.738 0 17  C   B "C1'" 1 ? 
ATOM   568 N  N1    . C   B 1 13 ? 12.826  3.864   2.658   1.000 18.735 0 17  C   B N1    1 ? 
ATOM   569 C  C2    . C   B 1 13 ? 11.939  3.241   3.538   1.000 19.054 0 17  C   B C2    1 ? 
ATOM   570 O  O2    . C   B 1 13 ? 11.280  3.941   4.329   1.000 18.606 0 17  C   B O2    1 ? 
ATOM   571 N  N3    . C   B 1 13 ? 11.813  1.901   3.508   1.000 19.303 0 17  C   B N3    1 ? 
ATOM   572 C  C4    . C   B 1 13 ? 12.496  1.187   2.615   1.000 21.259 0 17  C   B C4    1 ? 
ATOM   573 N  N4    . C   B 1 13 ? 12.340  -0.138  2.635   1.000 21.834 0 17  C   B N4    1 ? 
ATOM   574 C  C5    . C   B 1 13 ? 13.428  1.791   1.718   1.000 19.868 0 17  C   B C5    1 ? 
ATOM   575 C  C6    . C   B 1 13 ? 13.541  3.124   1.756   1.000 18.612 0 17  C   B C6    1 ? 
HETATM 576 P  P     . GFL B 1 14 ? 17.071  6.574   4.738   1.000 24.453 0 19  GFL B P     1 ? 
HETATM 577 O  O1P   . GFL B 1 14 ? 17.646  7.860   5.174   1.000 23.673 0 19  GFL B O1P   1 ? 
HETATM 578 O  O2P   . GFL B 1 14 ? 17.878  5.592   4.004   1.000 23.048 0 19  GFL B O2P   1 ? 
HETATM 579 O  "O5'" . GFL B 1 14 ? 16.345  5.793   5.955   1.000 23.792 0 19  GFL B "O5'" 1 ? 
HETATM 580 C  "C5'" . GFL B 1 14 ? 15.411  6.411   6.882   1.000 20.490 0 19  GFL B "C5'" 1 ? 
HETATM 581 C  "C4'" . GFL B 1 14 ? 14.757  5.292   7.664   1.000 19.625 0 19  GFL B "C4'" 1 ? 
HETATM 582 O  "O4'" . GFL B 1 14 ? 14.189  4.355   6.677   1.000 20.045 0 19  GFL B "O4'" 1 ? 
HETATM 583 C  "C3'" . GFL B 1 14 ? 15.826  4.446   8.313   1.000 18.858 0 19  GFL B "C3'" 1 ? 
HETATM 584 O  "O3'" . GFL B 1 14 ? 16.120  4.823   9.608   1.000 15.831 0 19  GFL B "O3'" 1 ? 
HETATM 585 C  "C2'" . GFL B 1 14 ? 15.149  3.100   8.294   1.000 19.162 0 19  GFL B "C2'" 1 ? 
HETATM 586 C  "C1'" . GFL B 1 14 ? 13.955  3.172   7.387   1.000 18.150 0 19  GFL B "C1'" 1 ? 
HETATM 587 N  N9    . GFL B 1 14 ? 13.995  1.902   6.608   1.000 19.644 0 19  GFL B N9    1 ? 
HETATM 588 C  C8    . GFL B 1 14 ? 14.645  1.567   5.482   1.000 18.984 0 19  GFL B C8    1 ? 
HETATM 589 N  N7    . GFL B 1 14 ? 14.406  0.297   5.237   1.000 18.178 0 19  GFL B N7    1 ? 
HETATM 590 C  C5    . GFL B 1 14 ? 13.677  -0.171  6.260   1.000 18.552 0 19  GFL B C5    1 ? 
HETATM 591 C  C6    . GFL B 1 14 ? 13.197  -1.370  6.510   1.000 17.926 0 19  GFL B C6    1 ? 
HETATM 592 O  O6    . GFL B 1 14 ? 13.393  -2.308  5.761   1.000 17.691 0 19  GFL B O6    1 ? 
HETATM 593 N  N1    . GFL B 1 14 ? 12.452  -1.584  7.618   1.000 19.396 0 19  GFL B N1    1 ? 
HETATM 594 C  C2    . GFL B 1 14 ? 12.213  -0.549  8.485   1.000 18.960 0 19  GFL B C2    1 ? 
HETATM 595 N  N2    . GFL B 1 14 ? 11.496  -0.761  9.535   1.000 17.483 0 19  GFL B N2    1 ? 
HETATM 596 N  N3    . GFL B 1 14 ? 12.670  0.654   8.193   1.000 17.916 0 19  GFL B N3    1 ? 
HETATM 597 C  C4    . GFL B 1 14 ? 13.409  0.813   7.093   1.000 18.131 0 19  GFL B C4    1 ? 
HETATM 598 F  F     . GFL B 1 14 ? 16.366  2.317   7.830   1.000 22.454 0 19  GFL B F     1 ? 
HETATM 599 N  N9A   . GP3 C 2 .  ? 15.323  -1.308  9.989   1.000 17.776 0 101 GP3 A N9A   1 ? 
HETATM 600 C  C8A   . GP3 C 2 .  ? 15.966  -0.977  8.828   1.000 18.842 0 101 GP3 A C8A   1 ? 
HETATM 601 N  N7A   . GP3 C 2 .  ? 15.957  -2.002  7.985   1.000 17.306 0 101 GP3 A N7A   1 ? 
HETATM 602 C  C5A   . GP3 C 2 .  ? 15.281  -3.011  8.621   1.000 18.758 0 101 GP3 A C5A   1 ? 
HETATM 603 C  C6A   . GP3 C 2 .  ? 14.979  -4.253  8.217   1.000 18.143 0 101 GP3 A C6A   1 ? 
HETATM 604 O  O6A   . GP3 C 2 .  ? 15.286  -4.687  7.101   1.000 16.722 0 101 GP3 A O6A   1 ? 
HETATM 605 N  N1A   . GP3 C 2 .  ? 14.264  -5.094  9.064   1.000 19.246 0 101 GP3 A N1A   1 ? 
HETATM 606 C  C2A   . GP3 C 2 .  ? 13.879  -4.636  10.371  1.000 20.198 0 101 GP3 A C2A   1 ? 
HETATM 607 N  N2A   . GP3 C 2 .  ? 13.200  -5.458  11.171  1.000 18.968 0 101 GP3 A N2A   1 ? 
HETATM 608 N  N3A   . GP3 C 2 .  ? 14.186  -3.378  10.741  1.000 18.842 0 101 GP3 A N3A   1 ? 
HETATM 609 C  C4A   . GP3 C 2 .  ? 14.885  -2.575  9.864   1.000 19.068 0 101 GP3 A C4A   1 ? 
HETATM 610 O  O5D   . GP3 C 2 .  ? 18.164  1.012   10.058  1.000 20.230 0 101 GP3 A O5D   1 ? 
HETATM 611 C  C5D   . GP3 C 2 .  ? 17.705  2.025   10.930  1.000 19.241 0 101 GP3 A C5D   1 ? 
HETATM 612 C  C4D   . GP3 C 2 .  ? 16.617  1.324   11.726  1.000 18.198 0 101 GP3 A C4D   1 ? 
HETATM 613 O  O4D   . GP3 C 2 .  ? 15.594  0.976   10.848  1.000 18.254 0 101 GP3 A O4D   1 ? 
HETATM 614 C  C3D   . GP3 C 2 .  ? 17.106  0.005   12.331  1.000 18.066 0 101 GP3 A C3D   1 ? 
HETATM 615 O  O3D   . GP3 C 2 .  ? 17.523  0.172   13.636  1.000 16.577 0 101 GP3 A O3D   1 ? 
HETATM 616 C  C2D   . GP3 C 2 .  ? 15.793  -0.798  12.363  1.000 19.542 0 101 GP3 A C2D   1 ? 
HETATM 617 O  O2D   . GP3 C 2 .  ? 15.004  -0.335  13.464  1.000 18.123 0 101 GP3 A O2D   1 ? 
HETATM 618 C  C1D   . GP3 C 2 .  ? 15.103  -0.398  11.123  1.000 18.045 0 101 GP3 A C1D   1 ? 
HETATM 619 P  PA    . GP3 C 2 .  ? 19.497  1.268   9.178   1.000 19.560 0 101 GP3 A PA    1 ? 
HETATM 620 O  O1A   . GP3 C 2 .  ? 20.359  2.392   9.590   1.000 17.897 0 101 GP3 A O1A   1 ? 
HETATM 621 O  O2A   . GP3 C 2 .  ? 19.718  0.350   8.034   1.000 22.748 0 101 GP3 A O2A   1 ? 
HETATM 622 O  O3A   . GP3 C 2 .  ? 20.268  0.080   10.179  1.000 19.486 0 101 GP3 A O3A   1 ? 
HETATM 623 P  PB    . GP3 C 2 .  ? 21.822  0.585   10.707  1.000 23.815 0 101 GP3 A PB    1 ? 
HETATM 624 O  O1B   . GP3 C 2 .  ? 21.791  1.373   12.002  1.000 23.031 0 101 GP3 A O1B   1 ? 
HETATM 625 O  O2B   . GP3 C 2 .  ? 22.985  0.304   9.893   1.000 24.462 0 101 GP3 A O2B   1 ? 
HETATM 626 O  O3B   . GP3 C 2 .  ? 21.914  -0.781  11.693  1.000 22.832 0 101 GP3 A O3B   1 ? 
HETATM 627 P  PG    . GP3 C 2 .  ? 22.081  -2.424  11.214  1.000 26.740 0 101 GP3 A PG    1 ? 
HETATM 628 O  O1G   . GP3 C 2 .  ? 22.444  -3.400  12.282  1.000 26.536 0 101 GP3 A O1G   1 ? 
HETATM 629 O  O2G   . GP3 C 2 .  ? 21.874  -2.736  9.806   1.000 23.786 0 101 GP3 A O2G   1 ? 
HETATM 630 O  O5E   . GP3 C 2 .  ? 20.484  -2.764  11.556  1.000 20.409 0 101 GP3 A O5E   1 ? 
HETATM 631 C  C5E   . GP3 C 2 .  ? 19.920  -2.587  12.878  1.000 20.695 0 101 GP3 A C5E   1 ? 
HETATM 632 C  C4E   . GP3 C 2 .  ? 18.919  -3.650  13.317  1.000 19.760 0 101 GP3 A C4E   1 ? 
HETATM 633 O  O4E   . GP3 C 2 .  ? 17.783  -3.506  12.435  1.000 19.807 0 101 GP3 A O4E   1 ? 
HETATM 634 C  C3E   . GP3 C 2 .  ? 19.399  -5.086  13.131  1.000 19.636 0 101 GP3 A C3E   1 ? 
HETATM 635 O  O3E   . GP3 C 2 .  ? 20.038  -5.545  14.363  1.000 19.541 0 101 GP3 A O3E   1 ? 
HETATM 636 C  C2E   . GP3 C 2 .  ? 18.107  -5.771  12.951  1.000 19.269 0 101 GP3 A C2E   1 ? 
HETATM 637 O  O2E   . GP3 C 2 .  ? 17.414  -5.950  14.210  1.000 18.249 0 101 GP3 A O2E   1 ? 
HETATM 638 C  C1E   . GP3 C 2 .  ? 17.331  -4.843  12.050  1.000 18.398 0 101 GP3 A C1E   1 ? 
HETATM 639 N  N9B   . GP3 C 2 .  ? 17.573  -5.168  10.600  1.000 17.661 0 101 GP3 A N9B   1 ? 
HETATM 640 C  C8B   . GP3 C 2 .  ? 18.174  -4.443  9.641   1.000 18.364 0 101 GP3 A C8B   1 ? 
HETATM 641 N  N7B   . GP3 C 2 .  ? 18.190  -5.139  8.472   1.000 17.510 0 101 GP3 A N7B   1 ? 
HETATM 642 C  C5B   . GP3 C 2 .  ? 17.603  -6.312  8.723   1.000 17.624 0 101 GP3 A C5B   1 ? 
HETATM 643 C  C6B   . GP3 C 2 .  ? 17.376  -7.358  7.937   1.000 16.097 0 101 GP3 A C6B   1 ? 
HETATM 644 O  O6B   . GP3 C 2 .  ? 17.710  -7.398  6.770   1.000 16.724 0 101 GP3 A O6B   1 ? 
HETATM 645 N  N1B   . GP3 C 2 .  ? 16.779  -8.469  8.428   1.000 16.518 0 101 GP3 A N1B   1 ? 
HETATM 646 C  C2B   . GP3 C 2 .  ? 16.380  -8.470  9.763   1.000 16.496 0 101 GP3 A C2B   1 ? 
HETATM 647 N  N2B   . GP3 C 2 .  ? 15.772  -9.552  10.165  1.000 15.467 0 101 GP3 A N2B   1 ? 
HETATM 648 N  N3B   . GP3 C 2 .  ? 16.620  -7.416  10.562  1.000 15.378 0 101 GP3 A N3B   1 ? 
HETATM 649 C  C4B   . GP3 C 2 .  ? 17.217  -6.338  10.035  1.000 17.143 0 101 GP3 A C4B   1 ? 
HETATM 650 MG MG    . MG  D 3 .  ? -20.889 5.327   4.889   0.330 18.519 0 102 MG  A MG    1 ? 
HETATM 651 MG MG    . MG  E 3 .  ? -2.288  3.299   9.977   0.330 14.861 0 103 MG  A MG    1 ? 
HETATM 652 MG MG    . MG  F 3 .  ? 2.745   2.262   11.804  0.330 37.740 0 104 MG  A MG    1 ? 
HETATM 653 N  N9A   . GP3 G 2 .  ? -17.818 4.279   0.558   1.000 17.342 0 101 GP3 B N9A   1 ? 
HETATM 654 C  C8A   . GP3 G 2 .  ? -17.959 3.353   -0.437  1.000 19.670 0 101 GP3 B C8A   1 ? 
HETATM 655 N  N7A   . GP3 G 2 .  ? -17.501 3.806   -1.590  1.000 16.916 0 101 GP3 B N7A   1 ? 
HETATM 656 C  C5A   . GP3 G 2 .  ? -17.044 5.056   -1.314  1.000 18.467 0 101 GP3 B C5A   1 ? 
HETATM 657 C  C6A   . GP3 G 2 .  ? -16.457 5.941   -2.131  1.000 17.575 0 101 GP3 B C6A   1 ? 
HETATM 658 O  O6A   . GP3 G 2 .  ? -16.236 5.684   -3.330  1.000 17.550 0 101 GP3 B O6A   1 ? 
HETATM 659 N  N1A   . GP3 G 2 .  ? -16.060 7.168   -1.608  1.000 17.902 0 101 GP3 B N1A   1 ? 
HETATM 660 C  C2A   . GP3 G 2 .  ? -16.312 7.476   -0.209  1.000 18.395 0 101 GP3 B C2A   1 ? 
HETATM 661 N  N2A   . GP3 G 2 .  ? -15.928 8.638   0.277   1.000 17.280 0 101 GP3 B N2A   1 ? 
HETATM 662 N  N3A   . GP3 G 2 .  ? -16.873 6.554   0.586   1.000 17.837 0 101 GP3 B N3A   1 ? 
HETATM 663 C  C4A   . GP3 G 2 .  ? -17.245 5.349   0.022   1.000 18.274 0 101 GP3 B C4A   1 ? 
HETATM 664 O  O5D   . GP3 G 2 .  ? -20.710 2.000   0.628   1.000 20.526 0 101 GP3 B O5D   1 ? 
HETATM 665 C  C5D   . GP3 G 2 .  ? -20.815 1.619   1.979   1.000 18.834 0 101 GP3 B C5D   1 ? 
HETATM 666 C  C4D   . GP3 G 2 .  ? -20.047 2.736   2.657   1.000 18.680 0 101 GP3 B C4D   1 ? 
HETATM 667 O  O4D   . GP3 G 2 .  ? -18.692 2.688   2.225   1.000 18.587 0 101 GP3 B O4D   1 ? 
HETATM 668 C  C3D   . GP3 G 2 .  ? -20.555 4.102   2.225   1.000 18.057 0 101 GP3 B C3D   1 ? 
HETATM 669 O  O3D   . GP3 G 2 .  ? -21.568 4.588   3.080   1.000 16.381 0 101 GP3 B O3D   1 ? 
HETATM 670 C  C2D   . GP3 G 2 .  ? -19.300 4.936   2.428   1.000 19.504 0 101 GP3 B C2D   1 ? 
HETATM 671 O  O2D   . GP3 G 2 .  ? -19.121 5.145   3.818   1.000 19.141 0 101 GP3 B O2D   1 ? 
HETATM 672 C  C1D   . GP3 G 2 .  ? -18.209 4.051   1.959   1.000 18.491 0 101 GP3 B C1D   1 ? 
HETATM 673 P  PA    . GP3 G 2 .  ? -21.567 1.197   -0.513  1.000 18.927 0 101 GP3 B PA    1 ? 
HETATM 674 O  O1A   . GP3 G 2 .  ? -22.596 0.229   -0.195  1.000 17.658 0 101 GP3 B O1A   1 ? 
HETATM 675 O  O2A   . GP3 G 2 .  ? -21.110 1.367   -1.900  1.000 20.362 0 101 GP3 B O2A   1 ? 
HETATM 676 O  O3A   . GP3 G 2 .  ? -22.548 2.623   -0.656  1.000 18.771 0 101 GP3 B O3A   1 ? 
HETATM 677 P  PB    . GP3 G 2 .  ? -24.230 2.297   -0.694  1.000 23.903 0 101 GP3 B PB    1 ? 
HETATM 678 O  O1B   . GP3 G 2 .  ? -24.840 2.087   0.574   1.000 23.509 0 101 GP3 B O1B   1 ? 
HETATM 679 O  O2B   . GP3 G 2 .  ? -24.863 2.045   -1.956  1.000 23.548 0 101 GP3 B O2B   1 ? 
HETATM 680 O  O3B   . GP3 G 2 .  ? -24.566 3.942   -0.609  1.000 23.940 0 101 GP3 B O3B   1 ? 
HETATM 681 P  PG    . GP3 G 2 .  ? -24.332 5.042   -1.902  1.000 26.105 0 101 GP3 B PG    1 ? 
HETATM 682 O  O1G   . GP3 G 2 .  ? -25.011 6.361   -1.841  1.000 28.063 0 101 GP3 B O1G   1 ? 
HETATM 683 O  O2G   . GP3 G 2 .  ? -23.518 4.553   -3.011  1.000 23.609 0 101 GP3 B O2G   1 ? 
HETATM 684 O  O5E   . GP3 G 2 .  ? -23.007 5.733   -1.175  1.000 21.793 0 101 GP3 B O5E   1 ? 
HETATM 685 C  C5E   . GP3 G 2 .  ? -23.034 6.252   0.179   1.000 21.480 0 101 GP3 B C5E   1 ? 
HETATM 686 C  C4E   . GP3 G 2 .  ? -22.166 7.481   0.400   1.000 20.859 0 101 GP3 B C4E   1 ? 
HETATM 687 O  O4E   . GP3 G 2 .  ? -20.785 7.001   0.206   1.000 20.391 0 101 GP3 B O4E   1 ? 
HETATM 688 C  C3E   . GP3 G 2 .  ? -22.359 8.591   -0.665  1.000 20.613 0 101 GP3 B C3E   1 ? 
HETATM 689 O  O3E   . GP3 G 2 .  ? -23.360 9.598   -0.211  1.000 20.958 0 101 GP3 B O3E   1 ? 
HETATM 690 C  C2E   . GP3 G 2 .  ? -21.039 9.197   -0.631  1.000 19.584 0 101 GP3 B C2E   1 ? 
HETATM 691 O  O2E   . GP3 G 2 .  ? -20.900 10.036  0.541   1.000 18.130 0 101 GP3 B O2E   1 ? 
HETATM 692 C  C1E   . GP3 G 2 .  ? -20.065 8.039   -0.537  1.000 19.125 0 101 GP3 B C1E   1 ? 
HETATM 693 N  N9B   . GP3 G 2 .  ? -19.619 7.626   -1.896  1.000 17.935 0 101 GP3 B N9B   1 ? 
HETATM 694 C  C8B   . GP3 G 2 .  ? -19.851 6.461   -2.510  1.000 18.503 0 101 GP3 B C8B   1 ? 
HETATM 695 N  N7B   . GP3 G 2 .  ? -19.309 6.492   -3.743  1.000 17.819 0 101 GP3 B N7B   1 ? 
HETATM 696 C  C5B   . GP3 G 2 .  ? -18.755 7.689   -3.894  1.000 17.762 0 101 GP3 B C5B   1 ? 
HETATM 697 C  C6B   . GP3 G 2 .  ? -18.100 8.203   -4.920  1.000 16.242 0 101 GP3 B C6B   1 ? 
HETATM 698 O  O6B   . GP3 G 2 .  ? -17.933 7.590   -5.951  1.000 18.244 0 101 GP3 B O6B   1 ? 
HETATM 699 N  N1B   . GP3 G 2 .  ? -17.649 9.462   -4.874  1.000 16.869 0 101 GP3 B N1B   1 ? 
HETATM 700 C  C2B   . GP3 G 2 .  ? -17.831 10.183  -3.701  1.000 16.531 0 101 GP3 B C2B   1 ? 
HETATM 701 N  N2B   . GP3 G 2 .  ? -17.342 11.386  -3.696  1.000 15.583 0 101 GP3 B N2B   1 ? 
HETATM 702 N  N3B   . GP3 G 2 .  ? -18.490 9.662   -2.650  1.000 15.828 0 101 GP3 B N3B   1 ? 
HETATM 703 C  C4B   . GP3 G 2 .  ? -18.942 8.404   -2.755  1.000 17.442 0 101 GP3 B C4B   1 ? 
HETATM 704 MG MG    . MG  H 3 .  ? 16.072  0.346   15.105  0.330 17.110 0 102 MG  B MG    1 ? 
HETATM 705 MG MG    . MG  I 3 .  ? -7.612  3.590   8.967   0.330 40.123 0 103 MG  B MG    1 ? 
HETATM 706 O  O     . HOH J 4 .  ? 21.422  3.634   11.001  1.000 17.578 0 201 HOH A O     1 ? 
HETATM 707 O  O     . HOH J 4 .  ? 20.066  1.141   13.791  1.000 22.853 0 202 HOH A O     1 ? 
HETATM 708 O  O     . HOH J 4 .  ? 20.272  -2.242  7.933   1.000 28.215 0 203 HOH A O     1 ? 
HETATM 709 O  O     . HOH J 4 .  ? -19.568 -8.710  0.005   1.000 23.434 0 204 HOH A O     1 ? 
HETATM 710 O  O     . HOH J 4 .  ? -21.206 -5.576  1.556   1.000 17.371 0 205 HOH A O     1 ? 
HETATM 711 O  O     . HOH J 4 .  ? 22.253  -5.827  13.086  1.000 29.380 0 206 HOH A O     1 ? 
HETATM 712 O  O     . HOH J 4 .  ? 1.137   0.230   10.731  1.000 20.921 0 207 HOH A O     1 ? 
HETATM 713 O  O     . HOH J 4 .  ? -15.802 3.343   -4.416  1.000 27.086 0 208 HOH A O     1 ? 
HETATM 714 O  O     . HOH J 4 .  ? -17.280 -3.000  -2.887  1.000 27.952 0 209 HOH A O     1 ? 
HETATM 715 O  O     . HOH J 4 .  ? 7.821   6.256   4.379   1.000 40.697 0 210 HOH A O     1 ? 
HETATM 716 O  O     . HOH J 4 .  ? -21.273 -2.875  2.892   1.000 19.015 0 211 HOH A O     1 ? 
HETATM 717 O  O     . HOH J 4 .  ? 17.597  -2.321  5.916   1.000 26.809 0 212 HOH A O     1 ? 
HETATM 718 O  O     . HOH J 4 .  ? 8.036   6.788   -1.134  1.000 45.099 0 213 HOH A O     1 ? 
HETATM 719 O  O     . HOH J 4 .  ? 19.334  -3.743  6.455   1.000 17.159 0 214 HOH A O     1 ? 
HETATM 720 O  O     . HOH J 4 .  ? -15.837 0.846   -4.518  1.000 30.234 0 215 HOH A O     1 ? 
HETATM 721 O  O     . HOH J 4 .  ? 12.966  -2.369  13.100  1.000 23.650 0 216 HOH A O     1 ? 
HETATM 722 O  O     . HOH J 4 .  ? 7.940   -4.677  5.290   1.000 31.372 0 217 HOH A O     1 ? 
HETATM 723 O  O     . HOH J 4 .  ? 15.248  -7.386  3.230   1.000 30.318 0 218 HOH A O     1 ? 
HETATM 724 O  O     . HOH J 4 .  ? 18.911  -8.636  14.831  1.000 32.916 0 219 HOH A O     1 ? 
HETATM 725 O  O     . HOH J 4 .  ? 14.795  -15.754 11.838  1.000 28.197 0 220 HOH A O     1 ? 
HETATM 726 O  O     . HOH J 4 .  ? -15.950 1.106   4.485   1.000 33.295 0 221 HOH A O     1 ? 
HETATM 727 O  O     . HOH J 4 .  ? -0.459  3.178   8.889   1.000 19.458 0 222 HOH A O     1 ? 
HETATM 728 O  O     . HOH K 4 .  ? -24.259 -0.150  1.205   1.000 16.289 0 201 HOH B O     1 ? 
HETATM 729 O  O     . HOH K 4 .  ? -9.577  -3.932  2.977   1.000 34.310 0 202 HOH B O     1 ? 
HETATM 730 O  O     . HOH K 4 .  ? 0.713   -2.733  -1.932  1.000 33.859 0 203 HOH B O     1 ? 
HETATM 731 O  O     . HOH K 4 .  ? -5.564  4.963   7.675   1.000 20.422 0 204 HOH B O     1 ? 
HETATM 732 O  O     . HOH K 4 .  ? 15.619  -3.163  4.975   1.000 25.531 0 205 HOH B O     1 ? 
HETATM 733 O  O     . HOH K 4 .  ? 19.099  7.974   7.228   1.000 15.255 0 206 HOH B O     1 ? 
HETATM 734 O  O     . HOH K 4 .  ? -21.309 3.426   -3.548  1.000 28.998 0 207 HOH B O     1 ? 
HETATM 735 O  O     . HOH K 4 .  ? 17.267  3.148   3.629   1.000 27.979 0 208 HOH B O     1 ? 
HETATM 736 O  O     . HOH K 4 .  ? 18.692  9.864   3.909   1.000 21.282 0 209 HOH B O     1 ? 
HETATM 737 O  O     . HOH K 4 .  ? -24.866 8.962   -2.238  1.000 27.353 0 210 HOH B O     1 ? 
HETATM 738 O  O     . HOH K 4 .  ? -9.814  10.588  -5.200  1.000 26.583 0 211 HOH B O     1 ? 
HETATM 739 O  O     . HOH K 4 .  ? -24.027 3.578   2.709   1.000 24.040 0 212 HOH B O     1 ? 
HETATM 740 O  O     . HOH K 4 .  ? 18.274  6.431   9.752   1.000 19.256 0 213 HOH B O     1 ? 
HETATM 741 O  O     . HOH K 4 .  ? 16.037  -1.133  3.621   1.000 29.634 0 214 HOH B O     1 ? 
HETATM 742 O  O     . HOH K 4 .  ? -19.641 4.128   -5.028  1.000 17.472 0 215 HOH B O     1 ? 
HETATM 743 O  O     . HOH K 4 .  ? -16.883 7.086   3.361   1.000 26.694 0 216 HOH B O     1 ? 
HETATM 744 O  O     . HOH K 4 .  ? -18.059 2.553   -4.073  1.000 28.099 0 217 HOH B O     1 ? 
HETATM 745 O  O     . HOH K 4 .  ? -8.823  5.581   -1.668  1.000 30.297 0 218 HOH B O     1 ? 
HETATM 746 O  O     . HOH K 4 .  ? -17.189 4.552   -5.942  1.000 36.063 0 219 HOH B O     1 ? 
HETATM 747 O  O     . HOH K 4 .  ? -14.161 6.110   -7.527  1.000 27.121 0 220 HOH B O     1 ? 
HETATM 748 O  O     . HOH K 4 .  ? -1.207  1.369   4.956   1.000 22.450 0 221 HOH B O     1 ? 
HETATM 749 O  O     . HOH K 4 .  ? -22.310 12.627  -1.062  1.000 29.156 0 222 HOH B O     1 ? 
HETATM 750 O  O     . HOH K 4 .  ? 9.054   6.490   1.961   1.000 30.442 0 223 HOH B O     1 ? 
HETATM 751 O  O     . HOH K 4 .  ? 12.207  3.109   10.723  1.000 39.208 0 224 HOH B O     1 ? 
HETATM 752 O  O     . HOH K 4 .  ? -3.699  1.729   8.534   1.000 18.285 0 225 HOH B O     1 ? 
# 
loop_
_pdbx_poly_seq_scheme.asym_id 
_pdbx_poly_seq_scheme.entity_id 
_pdbx_poly_seq_scheme.seq_id 
_pdbx_poly_seq_scheme.mon_id 
_pdbx_poly_seq_scheme.ndb_seq_num 
_pdbx_poly_seq_scheme.pdb_seq_num 
_pdbx_poly_seq_scheme.auth_seq_num 
_pdbx_poly_seq_scheme.pdb_mon_id 
_pdbx_poly_seq_scheme.auth_mon_id 
_pdbx_poly_seq_scheme.pdb_strand_id 
_pdbx_poly_seq_scheme.pdb_ins_code 
_pdbx_poly_seq_scheme.hetero 
A 1 1  LKC 1  1  1  LKC LCC A . n 
A 1 2  LCC 2  2  2  LCC LCC A . n 
A 1 3  LCC 3  3  3  LCC LCC A . n 
A 1 4  LCG 4  4  4  LCG LCG A . n 
A 1 5  A   5  9  5  A   A   A . n 
A 1 6  C   6  10 6  C   C   A . n 
A 1 7  U   7  11 7  U   U   A . n 
A 1 8  U   8  12 8  U   U   A . n 
A 1 9  A   9  13 9  A   A   A . n 
A 1 10 A   10 14 10 A   A   A . n 
A 1 11 G   11 15 11 G   G   A . n 
A 1 12 U   12 16 12 U   U   A . n 
A 1 13 C   13 17 13 C   C   A . n 
A 1 14 GFL 14 19 14 GFL FAG A . n 
B 1 1  LKC 1  1  1  LKC LCC B . n 
B 1 2  LCC 2  2  2  LCC LCC B . n 
B 1 3  LCC 3  3  3  LCC LCC B . n 
B 1 4  LCG 4  4  4  LCG LCG B . n 
B 1 5  A   5  9  5  A   A   B . n 
B 1 6  C   6  10 6  C   C   B . n 
B 1 7  U   7  11 7  U   U   B . n 
B 1 8  U   8  12 8  U   U   B . n 
B 1 9  A   9  13 9  A   A   B . n 
B 1 10 A   10 14 10 A   A   B . n 
B 1 11 G   11 15 11 G   G   B . n 
B 1 12 U   12 16 12 U   U   B . n 
B 1 13 C   13 17 13 C   C   B . n 
B 1 14 GFL 14 19 14 GFL FAG B . n 
# 
loop_
_pdbx_nonpoly_scheme.asym_id 
_pdbx_nonpoly_scheme.entity_id 
_pdbx_nonpoly_scheme.mon_id 
_pdbx_nonpoly_scheme.ndb_seq_num 
_pdbx_nonpoly_scheme.pdb_seq_num 
_pdbx_nonpoly_scheme.auth_seq_num 
_pdbx_nonpoly_scheme.pdb_mon_id 
_pdbx_nonpoly_scheme.auth_mon_id 
_pdbx_nonpoly_scheme.pdb_strand_id 
_pdbx_nonpoly_scheme.pdb_ins_code 
C 2 GP3 1  101 101 GP3 GP3 A . 
D 3 MG  1  102 1   MG  MG  A . 
E 3 MG  1  103 5   MG  MG  A . 
F 3 MG  1  104 7   MG  MG  A . 
G 2 GP3 1  101 101 GP3 GP3 B . 
H 3 MG  1  102 2   MG  MG  B . 
I 3 MG  1  103 6   MG  MG  B . 
J 4 HOH 1  201 11  HOH HOH A . 
J 4 HOH 2  202 12  HOH HOH A . 
J 4 HOH 3  203 22  HOH HOH A . 
J 4 HOH 4  204 26  HOH HOH A . 
J 4 HOH 5  205 27  HOH HOH A . 
J 4 HOH 6  206 32  HOH HOH A . 
J 4 HOH 7  207 1   HOH HOH A . 
J 4 HOH 8  208 29  HOH HOH A . 
J 4 HOH 9  209 25  HOH HOH A . 
J 4 HOH 10 210 48  HOH HOH A . 
J 4 HOH 11 211 10  HOH HOH A . 
J 4 HOH 12 212 6   HOH HOH A . 
J 4 HOH 13 213 46  HOH HOH A . 
J 4 HOH 14 214 44  HOH HOH A . 
J 4 HOH 15 215 30  HOH HOH A . 
J 4 HOH 16 216 8   HOH HOH A . 
J 4 HOH 17 217 41  HOH HOH A . 
J 4 HOH 18 218 7   HOH HOH A . 
J 4 HOH 19 219 23  HOH HOH A . 
J 4 HOH 20 220 51  HOH HOH A . 
J 4 HOH 21 221 37  HOH HOH A . 
J 4 HOH 22 222 2   HOH HOH A . 
K 4 HOH 1  201 14  HOH HOH B . 
K 4 HOH 2  202 42  HOH HOH B . 
K 4 HOH 3  203 40  HOH HOH B . 
K 4 HOH 4  204 4   HOH HOH B . 
K 4 HOH 5  205 17  HOH HOH B . 
K 4 HOH 6  206 21  HOH HOH B . 
K 4 HOH 7  207 28  HOH HOH B . 
K 4 HOH 8  208 19  HOH HOH B . 
K 4 HOH 9  209 20  HOH HOH B . 
K 4 HOH 10 210 35  HOH HOH B . 
K 4 HOH 11 211 38  HOH HOH B . 
K 4 HOH 12 212 15  HOH HOH B . 
K 4 HOH 13 213 13  HOH HOH B . 
K 4 HOH 14 214 18  HOH HOH B . 
K 4 HOH 15 215 49  HOH HOH B . 
K 4 HOH 16 216 9   HOH HOH B . 
K 4 HOH 17 217 5   HOH HOH B . 
K 4 HOH 18 218 24  HOH HOH B . 
K 4 HOH 19 219 34  HOH HOH B . 
K 4 HOH 20 220 31  HOH HOH B . 
K 4 HOH 21 221 50  HOH HOH B . 
K 4 HOH 22 222 36  HOH HOH B . 
K 4 HOH 23 223 47  HOH HOH B . 
K 4 HOH 24 224 43  HOH HOH B . 
K 4 HOH 25 225 3   HOH HOH B . 
# 
_pdbx_struct_assembly.id                   1 
_pdbx_struct_assembly.details              author_and_software_defined_assembly 
_pdbx_struct_assembly.method_details       PISA 
_pdbx_struct_assembly.oligomeric_details   dimeric 
_pdbx_struct_assembly.oligomeric_count     2 
# 
_pdbx_struct_assembly_gen.assembly_id       1 
_pdbx_struct_assembly_gen.oper_expression   1 
_pdbx_struct_assembly_gen.asym_id_list      A,B,C,D,E,F,G,H,I,J,K 
# 
loop_
_pdbx_struct_assembly_prop.biol_id 
_pdbx_struct_assembly_prop.type 
_pdbx_struct_assembly_prop.value 
_pdbx_struct_assembly_prop.details 
1 'ABSA (A^2)' 3310 ? 
1 MORE         14   ? 
1 'SSA (A^2)'  5150 ? 
# 
_pdbx_struct_oper_list.id                   1 
_pdbx_struct_oper_list.type                 'identity operation' 
_pdbx_struct_oper_list.name                 1_555 
_pdbx_struct_oper_list.symmetry_operation   x,y,z 
_pdbx_struct_oper_list.matrix[1][1]         1.0000000000 
_pdbx_struct_oper_list.matrix[1][2]         0.0000000000 
_pdbx_struct_oper_list.matrix[1][3]         0.0000000000 
_pdbx_struct_oper_list.vector[1]            0.0000000000 
_pdbx_struct_oper_list.matrix[2][1]         0.0000000000 
_pdbx_struct_oper_list.matrix[2][2]         1.0000000000 
_pdbx_struct_oper_list.matrix[2][3]         0.0000000000 
_pdbx_struct_oper_list.vector[2]            0.0000000000 
_pdbx_struct_oper_list.matrix[3][1]         0.0000000000 
_pdbx_struct_oper_list.matrix[3][2]         0.0000000000 
_pdbx_struct_oper_list.matrix[3][3]         1.0000000000 
_pdbx_struct_oper_list.vector[3]            0.0000000000 
# 
loop_
_pdbx_struct_special_symmetry.id 
_pdbx_struct_special_symmetry.PDB_model_num 
_pdbx_struct_special_symmetry.auth_asym_id 
_pdbx_struct_special_symmetry.auth_comp_id 
_pdbx_struct_special_symmetry.auth_seq_id 
_pdbx_struct_special_symmetry.PDB_ins_code 
_pdbx_struct_special_symmetry.label_asym_id 
_pdbx_struct_special_symmetry.label_comp_id 
_pdbx_struct_special_symmetry.label_seq_id 
1 1 A MG 104 ? F MG . 
2 1 B MG 103 ? I MG . 
# 
loop_
_pdbx_struct_conn_angle.id 
_pdbx_struct_conn_angle.ptnr1_label_atom_id 
_pdbx_struct_conn_angle.ptnr1_label_alt_id 
_pdbx_struct_conn_angle.ptnr1_label_asym_id 
_pdbx_struct_conn_angle.ptnr1_label_comp_id 
_pdbx_struct_conn_angle.ptnr1_label_seq_id 
_pdbx_struct_conn_angle.ptnr1_auth_atom_id 
_pdbx_struct_conn_angle.ptnr1_auth_asym_id 
_pdbx_struct_conn_angle.ptnr1_auth_comp_id 
_pdbx_struct_conn_angle.ptnr1_auth_seq_id 
_pdbx_struct_conn_angle.ptnr1_PDB_ins_code 
_pdbx_struct_conn_angle.ptnr1_symmetry 
_pdbx_struct_conn_angle.ptnr2_label_atom_id 
_pdbx_struct_conn_angle.ptnr2_label_alt_id 
_pdbx_struct_conn_angle.ptnr2_label_asym_id 
_pdbx_struct_conn_angle.ptnr2_label_comp_id 
_pdbx_struct_conn_angle.ptnr2_label_seq_id 
_pdbx_struct_conn_angle.ptnr2_auth_atom_id 
_pdbx_struct_conn_angle.ptnr2_auth_asym_id 
_pdbx_struct_conn_angle.ptnr2_auth_comp_id 
_pdbx_struct_conn_angle.ptnr2_auth_seq_id 
_pdbx_struct_conn_angle.ptnr2_PDB_ins_code 
_pdbx_struct_conn_angle.ptnr2_symmetry 
_pdbx_struct_conn_angle.ptnr3_label_atom_id 
_pdbx_struct_conn_angle.ptnr3_label_alt_id 
_pdbx_struct_conn_angle.ptnr3_label_asym_id 
_pdbx_struct_conn_angle.ptnr3_label_comp_id 
_pdbx_struct_conn_angle.ptnr3_label_seq_id 
_pdbx_struct_conn_angle.ptnr3_auth_atom_id 
_pdbx_struct_conn_angle.ptnr3_auth_asym_id 
_pdbx_struct_conn_angle.ptnr3_auth_comp_id 
_pdbx_struct_conn_angle.ptnr3_auth_seq_id 
_pdbx_struct_conn_angle.ptnr3_PDB_ins_code 
_pdbx_struct_conn_angle.ptnr3_symmetry 
_pdbx_struct_conn_angle.value 
_pdbx_struct_conn_angle.value_esd 
1  O3D ? C GP3 . ? A GP3 101 ? 1_555 MG ? H MG . ? B MG 102 ? 1_555 O2D ? C GP3 . ? A GP3 101 ? 1_555 76.8  ? 
2  O3D ? C GP3 . ? A GP3 101 ? 1_555 MG ? H MG . ? B MG 102 ? 1_555 O3D ? C GP3 . ? A GP3 101 ? 1_555 0.0   ? 
3  O2D ? C GP3 . ? A GP3 101 ? 1_555 MG ? H MG . ? B MG 102 ? 1_555 O3D ? C GP3 . ? A GP3 101 ? 1_555 76.8  ? 
4  O3D ? C GP3 . ? A GP3 101 ? 1_555 MG ? H MG . ? B MG 102 ? 1_555 O2D ? C GP3 . ? A GP3 101 ? 1_555 76.8  ? 
5  O2D ? C GP3 . ? A GP3 101 ? 1_555 MG ? H MG . ? B MG 102 ? 1_555 O2D ? C GP3 . ? A GP3 101 ? 1_555 0.0   ? 
6  O3D ? C GP3 . ? A GP3 101 ? 1_555 MG ? H MG . ? B MG 102 ? 1_555 O2D ? C GP3 . ? A GP3 101 ? 1_555 76.8  ? 
7  O3D ? G GP3 . ? B GP3 101 ? 1_555 MG ? D MG . ? A MG 102 ? 1_555 O2D ? G GP3 . ? B GP3 101 ? 1_555 78.3  ? 
8  O3D ? G GP3 . ? B GP3 101 ? 1_555 MG ? D MG . ? A MG 102 ? 1_555 O3D ? G GP3 . ? B GP3 101 ? 2_745 111.4 ? 
9  O2D ? G GP3 . ? B GP3 101 ? 1_555 MG ? D MG . ? A MG 102 ? 1_555 O3D ? G GP3 . ? B GP3 101 ? 2_745 119.5 ? 
10 O3D ? G GP3 . ? B GP3 101 ? 1_555 MG ? D MG . ? A MG 102 ? 1_555 O2D ? G GP3 . ? B GP3 101 ? 2_745 162.3 ? 
11 O2D ? G GP3 . ? B GP3 101 ? 1_555 MG ? D MG . ? A MG 102 ? 1_555 O2D ? G GP3 . ? B GP3 101 ? 2_745 90.6  ? 
12 O3D ? G GP3 . ? B GP3 101 ? 2_745 MG ? D MG . ? A MG 102 ? 1_555 O2D ? G GP3 . ? B GP3 101 ? 2_745 62.3  ? 
13 O   ? J HOH . ? A HOH 222 ? 1_555 MG ? E MG . ? A MG 103 ? 1_555 O   ? J HOH . ? A HOH 222 ? 2_745 95.1  ? 
14 O   ? J HOH . ? A HOH 222 ? 1_555 MG ? E MG . ? A MG 103 ? 1_555 O   ? K HOH . ? B HOH 225 ? 1_555 98.7  ? 
15 O   ? J HOH . ? A HOH 222 ? 2_745 MG ? E MG . ? A MG 103 ? 1_555 O   ? K HOH . ? B HOH 225 ? 1_555 157.1 ? 
16 O   ? J HOH . ? A HOH 222 ? 1_555 MG ? E MG . ? A MG 103 ? 1_555 O   ? K HOH . ? B HOH 225 ? 2_745 116.5 ? 
17 O   ? J HOH . ? A HOH 222 ? 2_745 MG ? E MG . ? A MG 103 ? 1_555 O   ? K HOH . ? B HOH 225 ? 2_745 96.2  ? 
18 O   ? K HOH . ? B HOH 225 ? 1_555 MG ? E MG . ? A MG 103 ? 1_555 O   ? K HOH . ? B HOH 225 ? 2_745 93.9  ? 
19 O   ? J HOH . ? A HOH 207 ? 1_555 MG ? F MG . ? A MG 104 ? 1_555 O   ? J HOH . ? A HOH 207 ? 3_875 91.7  ? 
20 O   ? K HOH . ? B HOH 204 ? 1_555 MG ? I MG . ? B MG 103 ? 1_555 O   ? K HOH . ? B HOH 204 ? 2_745 95.2  ? 
# 
loop_
_pdbx_audit_revision_history.ordinal 
_pdbx_audit_revision_history.data_content_type 
_pdbx_audit_revision_history.major_revision 
_pdbx_audit_revision_history.minor_revision 
_pdbx_audit_revision_history.revision_date 
1 'Structure model' 1 0 2021-09-08 
2 'Structure model' 1 1 2021-10-20 
3 'Structure model' 1 2 2022-03-23 
4 'Structure model' 1 3 2023-10-18 
# 
_pdbx_audit_revision_details.ordinal             1 
_pdbx_audit_revision_details.revision_ordinal    1 
_pdbx_audit_revision_details.data_content_type   'Structure model' 
_pdbx_audit_revision_details.provider            repository 
_pdbx_audit_revision_details.type                'Initial release' 
_pdbx_audit_revision_details.description         ? 
_pdbx_audit_revision_details.details             ? 
# 
loop_
_pdbx_audit_revision_group.ordinal 
_pdbx_audit_revision_group.revision_ordinal 
_pdbx_audit_revision_group.data_content_type 
_pdbx_audit_revision_group.group 
1 2 'Structure model' 'Database references'    
2 3 'Structure model' 'Database references'    
3 4 'Structure model' 'Data collection'        
4 4 'Structure model' 'Refinement description' 
# 
loop_
_pdbx_audit_revision_category.ordinal 
_pdbx_audit_revision_category.revision_ordinal 
_pdbx_audit_revision_category.data_content_type 
_pdbx_audit_revision_category.category 
1 2 'Structure model' citation                      
2 3 'Structure model' citation_author               
3 4 'Structure model' chem_comp_atom                
4 4 'Structure model' chem_comp_bond                
5 4 'Structure model' pdbx_initial_refinement_model 
# 
loop_
_pdbx_audit_revision_item.ordinal 
_pdbx_audit_revision_item.revision_ordinal 
_pdbx_audit_revision_item.data_content_type 
_pdbx_audit_revision_item.item 
1 2 'Structure model' '_citation.journal_volume'          
2 2 'Structure model' '_citation.page_first'              
3 2 'Structure model' '_citation.page_last'               
4 2 'Structure model' '_citation.title'                   
5 3 'Structure model' '_citation_author.identifier_ORCID' 
# 
loop_
_software.citation_id 
_software.classification 
_software.compiler_name 
_software.compiler_version 
_software.contact_author 
_software.contact_author_email 
_software.date 
_software.description 
_software.dependencies 
_software.hardware 
_software.language 
_software.location 
_software.mods 
_software.name 
_software.os 
_software.os_version 
_software.type 
_software.version 
_software.pdbx_ordinal 
? refinement       ? ? ? ? ? ? ? ? ? ? ? REFMAC   ? ? ? 5.8.0267 1 
? 'data reduction' ? ? ? ? ? ? ? ? ? ? ? HKL-2000 ? ? ? .        2 
? 'data scaling'   ? ? ? ? ? ? ? ? ? ? ? HKL-2000 ? ? ? .        3 
? phasing          ? ? ? ? ? ? ? ? ? ? ? PHASER   ? ? ? .        4 
# 
_pdbx_entry_details.entry_id                 7KUO 
_pdbx_entry_details.has_ligand_of_interest   Y 
_pdbx_entry_details.compound_details         ? 
_pdbx_entry_details.source_details           ? 
_pdbx_entry_details.nonpolymer_details       ? 
_pdbx_entry_details.sequence_details         ? 
# 
_pdbx_validate_close_contact.id               1 
_pdbx_validate_close_contact.PDB_model_num    1 
_pdbx_validate_close_contact.auth_atom_id_1   O1A 
_pdbx_validate_close_contact.auth_asym_id_1   A 
_pdbx_validate_close_contact.auth_comp_id_1   GP3 
_pdbx_validate_close_contact.auth_seq_id_1    101 
_pdbx_validate_close_contact.PDB_ins_code_1   ? 
_pdbx_validate_close_contact.label_alt_id_1   ? 
_pdbx_validate_close_contact.auth_atom_id_2   O 
_pdbx_validate_close_contact.auth_asym_id_2   A 
_pdbx_validate_close_contact.auth_comp_id_2   HOH 
_pdbx_validate_close_contact.auth_seq_id_2    201 
_pdbx_validate_close_contact.PDB_ins_code_2   ? 
_pdbx_validate_close_contact.label_alt_id_2   ? 
_pdbx_validate_close_contact.dist             2.16 
# 
loop_
_pdbx_validate_rmsd_bond.id 
_pdbx_validate_rmsd_bond.PDB_model_num 
_pdbx_validate_rmsd_bond.auth_atom_id_1 
_pdbx_validate_rmsd_bond.auth_asym_id_1 
_pdbx_validate_rmsd_bond.auth_comp_id_1 
_pdbx_validate_rmsd_bond.auth_seq_id_1 
_pdbx_validate_rmsd_bond.PDB_ins_code_1 
_pdbx_validate_rmsd_bond.label_alt_id_1 
_pdbx_validate_rmsd_bond.auth_atom_id_2 
_pdbx_validate_rmsd_bond.auth_asym_id_2 
_pdbx_validate_rmsd_bond.auth_comp_id_2 
_pdbx_validate_rmsd_bond.auth_seq_id_2 
_pdbx_validate_rmsd_bond.PDB_ins_code_2 
_pdbx_validate_rmsd_bond.label_alt_id_2 
_pdbx_validate_rmsd_bond.bond_value 
_pdbx_validate_rmsd_bond.bond_target_value 
_pdbx_validate_rmsd_bond.bond_deviation 
_pdbx_validate_rmsd_bond.bond_standard_deviation 
_pdbx_validate_rmsd_bond.linker_flag 
1 1 "O3'" A LKC 1 ? ? P A LCC 2 ? ? 1.530 1.607 -0.077 0.012 Y 
2 1 "O3'" B LKC 1 ? ? P B LCC 2 ? ? 1.535 1.607 -0.072 0.012 Y 
# 
loop_
_pdbx_validate_rmsd_angle.id 
_pdbx_validate_rmsd_angle.PDB_model_num 
_pdbx_validate_rmsd_angle.auth_atom_id_1 
_pdbx_validate_rmsd_angle.auth_asym_id_1 
_pdbx_validate_rmsd_angle.auth_comp_id_1 
_pdbx_validate_rmsd_angle.auth_seq_id_1 
_pdbx_validate_rmsd_angle.PDB_ins_code_1 
_pdbx_validate_rmsd_angle.label_alt_id_1 
_pdbx_validate_rmsd_angle.auth_atom_id_2 
_pdbx_validate_rmsd_angle.auth_asym_id_2 
_pdbx_validate_rmsd_angle.auth_comp_id_2 
_pdbx_validate_rmsd_angle.auth_seq_id_2 
_pdbx_validate_rmsd_angle.PDB_ins_code_2 
_pdbx_validate_rmsd_angle.label_alt_id_2 
_pdbx_validate_rmsd_angle.auth_atom_id_3 
_pdbx_validate_rmsd_angle.auth_asym_id_3 
_pdbx_validate_rmsd_angle.auth_comp_id_3 
_pdbx_validate_rmsd_angle.auth_seq_id_3 
_pdbx_validate_rmsd_angle.PDB_ins_code_3 
_pdbx_validate_rmsd_angle.label_alt_id_3 
_pdbx_validate_rmsd_angle.angle_value 
_pdbx_validate_rmsd_angle.angle_target_value 
_pdbx_validate_rmsd_angle.angle_deviation 
_pdbx_validate_rmsd_angle.angle_standard_deviation 
_pdbx_validate_rmsd_angle.linker_flag 
1 1 "C3'" A LKC 1 ? ? "O3'" A LKC 1 ? ? P   A LCC 2 ? ? 129.85 119.70 10.15 1.20 Y 
2 1 "C3'" A LCC 3 ? ? "O3'" A LCC 3 ? ? P   A LCG 4 ? ? 135.84 119.70 16.14 1.20 Y 
3 1 "O3'" A LCC 3 ? ? P     A LCG 4 ? ? OP1 A LCG 4 ? ? 117.81 110.50 7.31  1.10 Y 
4 1 "C3'" B LKC 1 ? ? "O3'" B LKC 1 ? ? P   B LCC 2 ? ? 128.83 119.70 9.13  1.20 Y 
5 1 "C3'" B LCC 3 ? ? "O3'" B LCC 3 ? ? P   B LCG 4 ? ? 133.55 119.70 13.85 1.20 Y 
# 
loop_
_chem_comp_atom.comp_id 
_chem_comp_atom.atom_id 
_chem_comp_atom.type_symbol 
_chem_comp_atom.pdbx_aromatic_flag 
_chem_comp_atom.pdbx_stereo_config 
_chem_comp_atom.pdbx_ordinal 
A   OP3    O  N N 1   
A   P      P  N N 2   
A   OP1    O  N N 3   
A   OP2    O  N N 4   
A   "O5'"  O  N N 5   
A   "C5'"  C  N N 6   
A   "C4'"  C  N R 7   
A   "O4'"  O  N N 8   
A   "C3'"  C  N S 9   
A   "O3'"  O  N N 10  
A   "C2'"  C  N R 11  
A   "O2'"  O  N N 12  
A   "C1'"  C  N R 13  
A   N9     N  Y N 14  
A   C8     C  Y N 15  
A   N7     N  Y N 16  
A   C5     C  Y N 17  
A   C6     C  Y N 18  
A   N6     N  N N 19  
A   N1     N  Y N 20  
A   C2     C  Y N 21  
A   N3     N  Y N 22  
A   C4     C  Y N 23  
A   HOP3   H  N N 24  
A   HOP2   H  N N 25  
A   "H5'"  H  N N 26  
A   "H5''" H  N N 27  
A   "H4'"  H  N N 28  
A   "H3'"  H  N N 29  
A   "HO3'" H  N N 30  
A   "H2'"  H  N N 31  
A   "HO2'" H  N N 32  
A   "H1'"  H  N N 33  
A   H8     H  N N 34  
A   H61    H  N N 35  
A   H62    H  N N 36  
A   H2     H  N N 37  
C   OP3    O  N N 38  
C   P      P  N N 39  
C   OP1    O  N N 40  
C   OP2    O  N N 41  
C   "O5'"  O  N N 42  
C   "C5'"  C  N N 43  
C   "C4'"  C  N R 44  
C   "O4'"  O  N N 45  
C   "C3'"  C  N S 46  
C   "O3'"  O  N N 47  
C   "C2'"  C  N R 48  
C   "O2'"  O  N N 49  
C   "C1'"  C  N R 50  
C   N1     N  N N 51  
C   C2     C  N N 52  
C   O2     O  N N 53  
C   N3     N  N N 54  
C   C4     C  N N 55  
C   N4     N  N N 56  
C   C5     C  N N 57  
C   C6     C  N N 58  
C   HOP3   H  N N 59  
C   HOP2   H  N N 60  
C   "H5'"  H  N N 61  
C   "H5''" H  N N 62  
C   "H4'"  H  N N 63  
C   "H3'"  H  N N 64  
C   "HO3'" H  N N 65  
C   "H2'"  H  N N 66  
C   "HO2'" H  N N 67  
C   "H1'"  H  N N 68  
C   H41    H  N N 69  
C   H42    H  N N 70  
C   H5     H  N N 71  
C   H6     H  N N 72  
G   OP3    O  N N 73  
G   P      P  N N 74  
G   OP1    O  N N 75  
G   OP2    O  N N 76  
G   "O5'"  O  N N 77  
G   "C5'"  C  N N 78  
G   "C4'"  C  N R 79  
G   "O4'"  O  N N 80  
G   "C3'"  C  N S 81  
G   "O3'"  O  N N 82  
G   "C2'"  C  N R 83  
G   "O2'"  O  N N 84  
G   "C1'"  C  N R 85  
G   N9     N  Y N 86  
G   C8     C  Y N 87  
G   N7     N  Y N 88  
G   C5     C  Y N 89  
G   C6     C  N N 90  
G   O6     O  N N 91  
G   N1     N  N N 92  
G   C2     C  N N 93  
G   N2     N  N N 94  
G   N3     N  N N 95  
G   C4     C  Y N 96  
G   HOP3   H  N N 97  
G   HOP2   H  N N 98  
G   "H5'"  H  N N 99  
G   "H5''" H  N N 100 
G   "H4'"  H  N N 101 
G   "H3'"  H  N N 102 
G   "HO3'" H  N N 103 
G   "H2'"  H  N N 104 
G   "HO2'" H  N N 105 
G   "H1'"  H  N N 106 
G   H8     H  N N 107 
G   H1     H  N N 108 
G   H21    H  N N 109 
G   H22    H  N N 110 
GFL O3P    O  N N 111 
GFL P      P  N N 112 
GFL O1P    O  N N 113 
GFL O2P    O  N N 114 
GFL "O5'"  O  N N 115 
GFL "C5'"  C  N N 116 
GFL "C4'"  C  N R 117 
GFL "O4'"  O  N N 118 
GFL "C3'"  C  N R 119 
GFL "O3'"  O  N N 120 
GFL "C2'"  C  N S 121 
GFL "C1'"  C  N R 122 
GFL N9     N  Y N 123 
GFL C8     C  Y N 124 
GFL N7     N  Y N 125 
GFL C5     C  Y N 126 
GFL C6     C  N N 127 
GFL O6     O  N N 128 
GFL N1     N  N N 129 
GFL C2     C  N N 130 
GFL N2     N  N N 131 
GFL N3     N  N N 132 
GFL C4     C  Y N 133 
GFL F      F  N N 134 
GFL HO3P   H  N N 135 
GFL HO2P   H  N N 136 
GFL "H5'1" H  N N 137 
GFL "H5'2" H  N N 138 
GFL "H4'"  H  N N 139 
GFL "H3'"  H  N N 140 
GFL "HO3'" H  N N 141 
GFL "H2'"  H  N N 142 
GFL "H1'"  H  N N 143 
GFL H8     H  N N 144 
GFL HN1    H  N N 145 
GFL HN21   H  N N 146 
GFL HN22   H  N N 147 
GP3 N9A    N  Y N 148 
GP3 C8A    C  Y N 149 
GP3 N7A    N  Y N 150 
GP3 C5A    C  Y N 151 
GP3 C6A    C  N N 152 
GP3 O6A    O  N N 153 
GP3 N1A    N  N N 154 
GP3 C2A    C  N N 155 
GP3 N2A    N  N N 156 
GP3 N3A    N  N N 157 
GP3 C4A    C  Y N 158 
GP3 O5D    O  N N 159 
GP3 C5D    C  N N 160 
GP3 C4D    C  N R 161 
GP3 O4D    O  N N 162 
GP3 C3D    C  N S 163 
GP3 O3D    O  N N 164 
GP3 C2D    C  N R 165 
GP3 O2D    O  N N 166 
GP3 C1D    C  N R 167 
GP3 PA     P  N R 168 
GP3 O1A    O  N N 169 
GP3 O2A    O  N N 170 
GP3 O3A    O  N N 171 
GP3 PB     P  N N 172 
GP3 O1B    O  N N 173 
GP3 O2B    O  N N 174 
GP3 O3B    O  N N 175 
GP3 PG     P  N R 176 
GP3 O1G    O  N N 177 
GP3 O2G    O  N N 178 
GP3 O5E    O  N N 179 
GP3 C5E    C  N N 180 
GP3 C4E    C  N R 181 
GP3 O4E    O  N N 182 
GP3 C3E    C  N S 183 
GP3 O3E    O  N N 184 
GP3 C2E    C  N R 185 
GP3 O2E    O  N N 186 
GP3 C1E    C  N R 187 
GP3 N9B    N  Y N 188 
GP3 C8B    C  Y N 189 
GP3 N7B    N  Y N 190 
GP3 C5B    C  Y N 191 
GP3 C6B    C  N N 192 
GP3 O6B    O  N N 193 
GP3 N1B    N  N N 194 
GP3 C2B    C  N N 195 
GP3 N2B    N  N N 196 
GP3 N3B    N  N N 197 
GP3 C4B    C  Y N 198 
GP3 H8A    H  N N 199 
GP3 H1A    H  N N 200 
GP3 H21A   H  N N 201 
GP3 H22A   H  N N 202 
GP3 H51A   H  N N 203 
GP3 H52A   H  N N 204 
GP3 H4D    H  N N 205 
GP3 H3D    H  N N 206 
GP3 HO3A   H  N N 207 
GP3 H2D    H  N N 208 
GP3 HO2A   H  N N 209 
GP3 H1D    H  N N 210 
GP3 HOA2   H  N N 211 
GP3 HOB2   H  N N 212 
GP3 HOG2   H  N N 213 
GP3 H51B   H  N N 214 
GP3 H52B   H  N N 215 
GP3 H4E    H  N N 216 
GP3 H3E    H  N N 217 
GP3 HO3B   H  N N 218 
GP3 H2E    H  N N 219 
GP3 HO2B   H  N N 220 
GP3 H1E    H  N N 221 
GP3 H8B    H  N N 222 
GP3 H1B    H  N N 223 
GP3 H21B   H  N N 224 
GP3 H22B   H  N N 225 
HOH O      O  N N 226 
HOH H1     H  N N 227 
HOH H2     H  N N 228 
LCC "O5'"  O  N N 229 
LCC "C5'"  C  N N 230 
LCC "C4'"  C  N R 231 
LCC "O4'"  O  N N 232 
LCC "C1'"  C  N R 233 
LCC N1     N  N N 234 
LCC C6     C  N N 235 
LCC C5     C  N N 236 
LCC C5M    C  N N 237 
LCC C4     C  N N 238 
LCC N4     N  N N 239 
LCC N3     N  N N 240 
LCC C2     C  N N 241 
LCC O2     O  N N 242 
LCC "C3'"  C  N S 243 
LCC "C2'"  C  N R 244 
LCC "O2'"  O  N N 245 
LCC "O3'"  O  N N 246 
LCC "C6'"  C  N N 247 
LCC P      P  N N 248 
LCC O1P    O  N N 249 
LCC O2P    O  N N 250 
LCC OXT    O  N N 251 
LCC "H5'1" H  N N 252 
LCC "H5'2" H  N N 253 
LCC "H1'"  H  N N 254 
LCC H6     H  N N 255 
LCC H5M1   H  N N 256 
LCC H5M2   H  N N 257 
LCC H5M3   H  N N 258 
LCC H41    H  N N 259 
LCC H42    H  N N 260 
LCC "H3'"  H  N N 261 
LCC "H2'1" H  N N 262 
LCC H3T    H  N N 263 
LCC "H6'1" H  N N 264 
LCC "H6'2" H  N N 265 
LCC H1P    H  N N 266 
LCC HXT    H  N N 267 
LCG P      P  N N 268 
LCG OP1    O  N N 269 
LCG "O5'"  O  N N 270 
LCG "C5'"  C  N N 271 
LCG "C3'"  C  N S 272 
LCG "C6'"  C  N N 273 
LCG N9     N  Y N 274 
LCG C8     C  Y N 275 
LCG C4     C  Y N 276 
LCG N7     N  Y N 277 
LCG C5     C  Y N 278 
LCG C6     C  N N 279 
LCG "C2'"  C  N R 280 
LCG O6     O  N N 281 
LCG "C4'"  C  N R 282 
LCG "C1'"  C  N R 283 
LCG C2     C  N N 284 
LCG N1     N  N N 285 
LCG "O4'"  O  N N 286 
LCG OP2    O  N N 287 
LCG N2     N  N N 288 
LCG N3     N  N N 289 
LCG "O2'"  O  N N 290 
LCG "O3'"  O  N N 291 
LCG OP3    O  N N 292 
LCG "H5'"  H  N N 293 
LCG "H5''" H  N N 294 
LCG "H3'"  H  N N 295 
LCG "H6'1" H  N N 296 
LCG "H6'2" H  N N 297 
LCG H8     H  N N 298 
LCG "H2'"  H  N N 299 
LCG "H1'"  H  N N 300 
LCG H1     H  N N 301 
LCG HOP2   H  N N 302 
LCG H21    H  N N 303 
LCG H22    H  N N 304 
LCG "HO3'" H  N N 305 
LCG HOP3   H  N N 306 
LKC N1     N  N N 307 
LKC C2     C  N N 308 
LKC N3     N  N N 309 
LKC C4     C  N N 310 
LKC C5     C  N N 311 
LKC C6     C  N N 312 
LKC O2     O  N N 313 
LKC N4     N  N N 314 
LKC "C1'"  C  N R 315 
LKC "C2'"  C  N R 316 
LKC "C3'"  C  N S 317 
LKC "C4'"  C  N S 318 
LKC "O4'"  O  N N 319 
LKC "O3'"  O  N N 320 
LKC "C5'"  C  N N 321 
LKC "O5'"  O  N N 322 
LKC C5A    C  N N 323 
LKC "O2'"  O  N N 324 
LKC "C6'"  C  N N 325 
LKC H6     H  N N 326 
LKC H41    H  N N 327 
LKC H42    H  N N 328 
LKC "H1'"  H  N N 329 
LKC "H2'1" H  N N 330 
LKC "H3'"  H  N N 331 
LKC H3T    H  N N 332 
LKC "H5'1" H  N N 333 
LKC "H5'2" H  N N 334 
LKC H5T    H  N N 335 
LKC H5M1   H  N N 336 
LKC H5M2   H  N N 337 
LKC H5M3   H  N N 338 
LKC "H6'1" H  N N 339 
LKC "H6'2" H  N N 340 
MG  MG     MG N N 341 
U   OP3    O  N N 342 
U   P      P  N N 343 
U   OP1    O  N N 344 
U   OP2    O  N N 345 
U   "O5'"  O  N N 346 
U   "C5'"  C  N N 347 
U   "C4'"  C  N R 348 
U   "O4'"  O  N N 349 
U   "C3'"  C  N S 350 
U   "O3'"  O  N N 351 
U   "C2'"  C  N R 352 
U   "O2'"  O  N N 353 
U   "C1'"  C  N R 354 
U   N1     N  N N 355 
U   C2     C  N N 356 
U   O2     O  N N 357 
U   N3     N  N N 358 
U   C4     C  N N 359 
U   O4     O  N N 360 
U   C5     C  N N 361 
U   C6     C  N N 362 
U   HOP3   H  N N 363 
U   HOP2   H  N N 364 
U   "H5'"  H  N N 365 
U   "H5''" H  N N 366 
U   "H4'"  H  N N 367 
U   "H3'"  H  N N 368 
U   "HO3'" H  N N 369 
U   "H2'"  H  N N 370 
U   "HO2'" H  N N 371 
U   "H1'"  H  N N 372 
U   H3     H  N N 373 
U   H5     H  N N 374 
U   H6     H  N N 375 
# 
loop_
_chem_comp_bond.comp_id 
_chem_comp_bond.atom_id_1 
_chem_comp_bond.atom_id_2 
_chem_comp_bond.value_order 
_chem_comp_bond.pdbx_aromatic_flag 
_chem_comp_bond.pdbx_stereo_config 
_chem_comp_bond.pdbx_ordinal 
A   OP3   P      sing N N 1   
A   OP3   HOP3   sing N N 2   
A   P     OP1    doub N N 3   
A   P     OP2    sing N N 4   
A   P     "O5'"  sing N N 5   
A   OP2   HOP2   sing N N 6   
A   "O5'" "C5'"  sing N N 7   
A   "C5'" "C4'"  sing N N 8   
A   "C5'" "H5'"  sing N N 9   
A   "C5'" "H5''" sing N N 10  
A   "C4'" "O4'"  sing N N 11  
A   "C4'" "C3'"  sing N N 12  
A   "C4'" "H4'"  sing N N 13  
A   "O4'" "C1'"  sing N N 14  
A   "C3'" "O3'"  sing N N 15  
A   "C3'" "C2'"  sing N N 16  
A   "C3'" "H3'"  sing N N 17  
A   "O3'" "HO3'" sing N N 18  
A   "C2'" "O2'"  sing N N 19  
A   "C2'" "C1'"  sing N N 20  
A   "C2'" "H2'"  sing N N 21  
A   "O2'" "HO2'" sing N N 22  
A   "C1'" N9     sing N N 23  
A   "C1'" "H1'"  sing N N 24  
A   N9    C8     sing Y N 25  
A   N9    C4     sing Y N 26  
A   C8    N7     doub Y N 27  
A   C8    H8     sing N N 28  
A   N7    C5     sing Y N 29  
A   C5    C6     sing Y N 30  
A   C5    C4     doub Y N 31  
A   C6    N6     sing N N 32  
A   C6    N1     doub Y N 33  
A   N6    H61    sing N N 34  
A   N6    H62    sing N N 35  
A   N1    C2     sing Y N 36  
A   C2    N3     doub Y N 37  
A   C2    H2     sing N N 38  
A   N3    C4     sing Y N 39  
C   OP3   P      sing N N 40  
C   OP3   HOP3   sing N N 41  
C   P     OP1    doub N N 42  
C   P     OP2    sing N N 43  
C   P     "O5'"  sing N N 44  
C   OP2   HOP2   sing N N 45  
C   "O5'" "C5'"  sing N N 46  
C   "C5'" "C4'"  sing N N 47  
C   "C5'" "H5'"  sing N N 48  
C   "C5'" "H5''" sing N N 49  
C   "C4'" "O4'"  sing N N 50  
C   "C4'" "C3'"  sing N N 51  
C   "C4'" "H4'"  sing N N 52  
C   "O4'" "C1'"  sing N N 53  
C   "C3'" "O3'"  sing N N 54  
C   "C3'" "C2'"  sing N N 55  
C   "C3'" "H3'"  sing N N 56  
C   "O3'" "HO3'" sing N N 57  
C   "C2'" "O2'"  sing N N 58  
C   "C2'" "C1'"  sing N N 59  
C   "C2'" "H2'"  sing N N 60  
C   "O2'" "HO2'" sing N N 61  
C   "C1'" N1     sing N N 62  
C   "C1'" "H1'"  sing N N 63  
C   N1    C2     sing N N 64  
C   N1    C6     sing N N 65  
C   C2    O2     doub N N 66  
C   C2    N3     sing N N 67  
C   N3    C4     doub N N 68  
C   C4    N4     sing N N 69  
C   C4    C5     sing N N 70  
C   N4    H41    sing N N 71  
C   N4    H42    sing N N 72  
C   C5    C6     doub N N 73  
C   C5    H5     sing N N 74  
C   C6    H6     sing N N 75  
G   OP3   P      sing N N 76  
G   OP3   HOP3   sing N N 77  
G   P     OP1    doub N N 78  
G   P     OP2    sing N N 79  
G   P     "O5'"  sing N N 80  
G   OP2   HOP2   sing N N 81  
G   "O5'" "C5'"  sing N N 82  
G   "C5'" "C4'"  sing N N 83  
G   "C5'" "H5'"  sing N N 84  
G   "C5'" "H5''" sing N N 85  
G   "C4'" "O4'"  sing N N 86  
G   "C4'" "C3'"  sing N N 87  
G   "C4'" "H4'"  sing N N 88  
G   "O4'" "C1'"  sing N N 89  
G   "C3'" "O3'"  sing N N 90  
G   "C3'" "C2'"  sing N N 91  
G   "C3'" "H3'"  sing N N 92  
G   "O3'" "HO3'" sing N N 93  
G   "C2'" "O2'"  sing N N 94  
G   "C2'" "C1'"  sing N N 95  
G   "C2'" "H2'"  sing N N 96  
G   "O2'" "HO2'" sing N N 97  
G   "C1'" N9     sing N N 98  
G   "C1'" "H1'"  sing N N 99  
G   N9    C8     sing Y N 100 
G   N9    C4     sing Y N 101 
G   C8    N7     doub Y N 102 
G   C8    H8     sing N N 103 
G   N7    C5     sing Y N 104 
G   C5    C6     sing N N 105 
G   C5    C4     doub Y N 106 
G   C6    O6     doub N N 107 
G   C6    N1     sing N N 108 
G   N1    C2     sing N N 109 
G   N1    H1     sing N N 110 
G   C2    N2     sing N N 111 
G   C2    N3     doub N N 112 
G   N2    H21    sing N N 113 
G   N2    H22    sing N N 114 
G   N3    C4     sing N N 115 
GFL O3P   P      sing N N 116 
GFL O3P   HO3P   sing N N 117 
GFL P     O1P    doub N N 118 
GFL P     O2P    sing N N 119 
GFL P     "O5'"  sing N N 120 
GFL O2P   HO2P   sing N N 121 
GFL "O5'" "C5'"  sing N N 122 
GFL "C5'" "C4'"  sing N N 123 
GFL "C5'" "H5'1" sing N N 124 
GFL "C5'" "H5'2" sing N N 125 
GFL "C4'" "O4'"  sing N N 126 
GFL "C4'" "C3'"  sing N N 127 
GFL "C4'" "H4'"  sing N N 128 
GFL "O4'" "C1'"  sing N N 129 
GFL "C3'" "O3'"  sing N N 130 
GFL "C3'" "C2'"  sing N N 131 
GFL "C3'" "H3'"  sing N N 132 
GFL "O3'" "HO3'" sing N N 133 
GFL "C2'" "C1'"  sing N N 134 
GFL "C2'" F      sing N N 135 
GFL "C2'" "H2'"  sing N N 136 
GFL "C1'" N9     sing N N 137 
GFL "C1'" "H1'"  sing N N 138 
GFL N9    C8     sing Y N 139 
GFL N9    C4     sing Y N 140 
GFL C8    N7     doub Y N 141 
GFL C8    H8     sing N N 142 
GFL N7    C5     sing Y N 143 
GFL C5    C6     sing N N 144 
GFL C5    C4     doub Y N 145 
GFL C6    O6     doub N N 146 
GFL C6    N1     sing N N 147 
GFL N1    C2     sing N N 148 
GFL N1    HN1    sing N N 149 
GFL C2    N2     sing N N 150 
GFL C2    N3     doub N N 151 
GFL N2    HN21   sing N N 152 
GFL N2    HN22   sing N N 153 
GFL N3    C4     sing N N 154 
GP3 N9A   C8A    sing Y N 155 
GP3 N9A   C4A    sing Y N 156 
GP3 N9A   C1D    sing N N 157 
GP3 C8A   N7A    doub Y N 158 
GP3 C8A   H8A    sing N N 159 
GP3 N7A   C5A    sing Y N 160 
GP3 C5A   C6A    sing N N 161 
GP3 C5A   C4A    doub Y N 162 
GP3 C6A   O6A    doub N N 163 
GP3 C6A   N1A    sing N N 164 
GP3 N1A   C2A    sing N N 165 
GP3 N1A   H1A    sing N N 166 
GP3 C2A   N2A    sing N N 167 
GP3 C2A   N3A    doub N N 168 
GP3 N2A   H21A   sing N N 169 
GP3 N2A   H22A   sing N N 170 
GP3 N3A   C4A    sing N N 171 
GP3 O5D   C5D    sing N N 172 
GP3 O5D   PA     sing N N 173 
GP3 C5D   C4D    sing N N 174 
GP3 C5D   H51A   sing N N 175 
GP3 C5D   H52A   sing N N 176 
GP3 C4D   O4D    sing N N 177 
GP3 C4D   C3D    sing N N 178 
GP3 C4D   H4D    sing N N 179 
GP3 O4D   C1D    sing N N 180 
GP3 C3D   O3D    sing N N 181 
GP3 C3D   C2D    sing N N 182 
GP3 C3D   H3D    sing N N 183 
GP3 O3D   HO3A   sing N N 184 
GP3 C2D   O2D    sing N N 185 
GP3 C2D   C1D    sing N N 186 
GP3 C2D   H2D    sing N N 187 
GP3 O2D   HO2A   sing N N 188 
GP3 C1D   H1D    sing N N 189 
GP3 PA    O1A    doub N N 190 
GP3 PA    O2A    sing N N 191 
GP3 PA    O3A    sing N N 192 
GP3 O2A   HOA2   sing N N 193 
GP3 O3A   PB     sing N N 194 
GP3 PB    O1B    doub N N 195 
GP3 PB    O2B    sing N N 196 
GP3 PB    O3B    sing N N 197 
GP3 O2B   HOB2   sing N N 198 
GP3 O3B   PG     sing N N 199 
GP3 PG    O1G    doub N N 200 
GP3 PG    O2G    sing N N 201 
GP3 PG    O5E    sing N N 202 
GP3 O2G   HOG2   sing N N 203 
GP3 O5E   C5E    sing N N 204 
GP3 C5E   C4E    sing N N 205 
GP3 C5E   H51B   sing N N 206 
GP3 C5E   H52B   sing N N 207 
GP3 C4E   O4E    sing N N 208 
GP3 C4E   C3E    sing N N 209 
GP3 C4E   H4E    sing N N 210 
GP3 O4E   C1E    sing N N 211 
GP3 C3E   O3E    sing N N 212 
GP3 C3E   C2E    sing N N 213 
GP3 C3E   H3E    sing N N 214 
GP3 O3E   HO3B   sing N N 215 
GP3 C2E   O2E    sing N N 216 
GP3 C2E   C1E    sing N N 217 
GP3 C2E   H2E    sing N N 218 
GP3 O2E   HO2B   sing N N 219 
GP3 C1E   N9B    sing N N 220 
GP3 C1E   H1E    sing N N 221 
GP3 N9B   C8B    sing Y N 222 
GP3 N9B   C4B    sing Y N 223 
GP3 C8B   N7B    doub Y N 224 
GP3 C8B   H8B    sing N N 225 
GP3 N7B   C5B    sing Y N 226 
GP3 C5B   C6B    sing N N 227 
GP3 C5B   C4B    doub Y N 228 
GP3 C6B   O6B    doub N N 229 
GP3 C6B   N1B    sing N N 230 
GP3 N1B   C2B    sing N N 231 
GP3 N1B   H1B    sing N N 232 
GP3 C2B   N2B    sing N N 233 
GP3 C2B   N3B    doub N N 234 
GP3 N2B   H21B   sing N N 235 
GP3 N2B   H22B   sing N N 236 
GP3 N3B   C4B    sing N N 237 
HOH O     H1     sing N N 238 
HOH O     H2     sing N N 239 
LCC "O5'" "C5'"  sing N N 240 
LCC "O5'" P      sing N N 241 
LCC "C5'" "C4'"  sing N N 242 
LCC "C5'" "H5'1" sing N N 243 
LCC "C5'" "H5'2" sing N N 244 
LCC "C4'" "O4'"  sing N N 245 
LCC "C4'" "C3'"  sing N N 246 
LCC "C4'" "C6'"  sing N N 247 
LCC "O4'" "C1'"  sing N N 248 
LCC "C1'" N1     sing N N 249 
LCC "C1'" "C2'"  sing N N 250 
LCC "C1'" "H1'"  sing N N 251 
LCC N1    C6     sing N N 252 
LCC N1    C2     sing N N 253 
LCC C6    C5     doub N N 254 
LCC C6    H6     sing N N 255 
LCC C5    C5M    sing N N 256 
LCC C5    C4     sing N N 257 
LCC C5M   H5M1   sing N N 258 
LCC C5M   H5M2   sing N N 259 
LCC C5M   H5M3   sing N N 260 
LCC C4    N4     sing N N 261 
LCC C4    N3     doub N N 262 
LCC N4    H41    sing N N 263 
LCC N4    H42    sing N N 264 
LCC N3    C2     sing N N 265 
LCC C2    O2     doub N N 266 
LCC "C3'" "C2'"  sing N N 267 
LCC "C3'" "O3'"  sing N N 268 
LCC "C3'" "H3'"  sing N N 269 
LCC "C2'" "O2'"  sing N N 270 
LCC "C2'" "H2'1" sing N N 271 
LCC "O2'" "C6'"  sing N N 272 
LCC "O3'" H3T    sing N N 273 
LCC "C6'" "H6'1" sing N N 274 
LCC "C6'" "H6'2" sing N N 275 
LCC P     O1P    sing N N 276 
LCC P     O2P    doub N N 277 
LCC P     OXT    sing N N 278 
LCC O1P   H1P    sing N N 279 
LCC OXT   HXT    sing N N 280 
LCG P     OP1    doub N N 281 
LCG P     "O5'"  sing N N 282 
LCG P     OP2    sing N N 283 
LCG P     OP3    sing N N 284 
LCG "O5'" "C5'"  sing N N 285 
LCG "C5'" "C4'"  sing N N 286 
LCG "C5'" "H5'"  sing N N 287 
LCG "C5'" "H5''" sing N N 288 
LCG "C3'" "C2'"  sing N N 289 
LCG "C3'" "C4'"  sing N N 290 
LCG "C3'" "O3'"  sing N N 291 
LCG "C3'" "H3'"  sing N N 292 
LCG "C6'" "C4'"  sing N N 293 
LCG "C6'" "O2'"  sing N N 294 
LCG "C6'" "H6'1" sing N N 295 
LCG "C6'" "H6'2" sing N N 296 
LCG N9    C8     sing Y N 297 
LCG N9    C4     sing Y N 298 
LCG N9    "C1'"  sing N N 299 
LCG C8    N7     doub Y N 300 
LCG C8    H8     sing N N 301 
LCG C4    C5     doub Y N 302 
LCG C4    N3     sing N N 303 
LCG N7    C5     sing Y N 304 
LCG C5    C6     sing N N 305 
LCG C6    O6     doub N N 306 
LCG C6    N1     sing N N 307 
LCG "C2'" "C1'"  sing N N 308 
LCG "C2'" "O2'"  sing N N 309 
LCG "C2'" "H2'"  sing N N 310 
LCG "C4'" "O4'"  sing N N 311 
LCG "C1'" "O4'"  sing N N 312 
LCG "C1'" "H1'"  sing N N 313 
LCG C2    N1     sing N N 314 
LCG C2    N2     sing N N 315 
LCG C2    N3     doub N N 316 
LCG N1    H1     sing N N 317 
LCG OP2   HOP2   sing N N 318 
LCG N2    H21    sing N N 319 
LCG N2    H22    sing N N 320 
LCG "O3'" "HO3'" sing N N 321 
LCG OP3   HOP3   sing N N 322 
LKC N1    C2     sing N N 323 
LKC N1    C6     sing N N 324 
LKC N1    "C1'"  sing N N 325 
LKC C2    N3     sing N N 326 
LKC C2    O2     doub N N 327 
LKC N3    C4     doub N N 328 
LKC C4    C5     sing N N 329 
LKC C4    N4     sing N N 330 
LKC C5    C6     doub N N 331 
LKC C5    C5A    sing N N 332 
LKC C6    H6     sing N N 333 
LKC N4    H41    sing N N 334 
LKC N4    H42    sing N N 335 
LKC "C1'" "C2'"  sing N N 336 
LKC "C1'" "O4'"  sing N N 337 
LKC "C1'" "H1'"  sing N N 338 
LKC "C2'" "C3'"  sing N N 339 
LKC "C2'" "O2'"  sing N N 340 
LKC "C2'" "H2'1" sing N N 341 
LKC "C3'" "C4'"  sing N N 342 
LKC "C3'" "O3'"  sing N N 343 
LKC "C3'" "H3'"  sing N N 344 
LKC "C4'" "O4'"  sing N N 345 
LKC "C4'" "C5'"  sing N N 346 
LKC "C4'" "C6'"  sing N N 347 
LKC "O3'" H3T    sing N N 348 
LKC "C5'" "O5'"  sing N N 349 
LKC "C5'" "H5'1" sing N N 350 
LKC "C5'" "H5'2" sing N N 351 
LKC "O5'" H5T    sing N N 352 
LKC C5A   H5M1   sing N N 353 
LKC C5A   H5M2   sing N N 354 
LKC C5A   H5M3   sing N N 355 
LKC "O2'" "C6'"  sing N N 356 
LKC "C6'" "H6'1" sing N N 357 
LKC "C6'" "H6'2" sing N N 358 
U   OP3   P      sing N N 359 
U   OP3   HOP3   sing N N 360 
U   P     OP1    doub N N 361 
U   P     OP2    sing N N 362 
U   P     "O5'"  sing N N 363 
U   OP2   HOP2   sing N N 364 
U   "O5'" "C5'"  sing N N 365 
U   "C5'" "C4'"  sing N N 366 
U   "C5'" "H5'"  sing N N 367 
U   "C5'" "H5''" sing N N 368 
U   "C4'" "O4'"  sing N N 369 
U   "C4'" "C3'"  sing N N 370 
U   "C4'" "H4'"  sing N N 371 
U   "O4'" "C1'"  sing N N 372 
U   "C3'" "O3'"  sing N N 373 
U   "C3'" "C2'"  sing N N 374 
U   "C3'" "H3'"  sing N N 375 
U   "O3'" "HO3'" sing N N 376 
U   "C2'" "O2'"  sing N N 377 
U   "C2'" "C1'"  sing N N 378 
U   "C2'" "H2'"  sing N N 379 
U   "O2'" "HO2'" sing N N 380 
U   "C1'" N1     sing N N 381 
U   "C1'" "H1'"  sing N N 382 
U   N1    C2     sing N N 383 
U   N1    C6     sing N N 384 
U   C2    O2     doub N N 385 
U   C2    N3     sing N N 386 
U   N3    C4     sing N N 387 
U   N3    H3     sing N N 388 
U   C4    O4     doub N N 389 
U   C4    C5     sing N N 390 
U   C5    C6     doub N N 391 
U   C5    H5     sing N N 392 
U   C6    H6     sing N N 393 
# 
_ndb_struct_conf_na.entry_id   7KUO 
_ndb_struct_conf_na.feature    'a-form double helix' 
# 
loop_
_ndb_struct_na_base_pair.model_number 
_ndb_struct_na_base_pair.i_label_asym_id 
_ndb_struct_na_base_pair.i_label_comp_id 
_ndb_struct_na_base_pair.i_label_seq_id 
_ndb_struct_na_base_pair.i_symmetry 
_ndb_struct_na_base_pair.j_label_asym_id 
_ndb_struct_na_base_pair.j_label_comp_id 
_ndb_struct_na_base_pair.j_label_seq_id 
_ndb_struct_na_base_pair.j_symmetry 
_ndb_struct_na_base_pair.shear 
_ndb_struct_na_base_pair.stretch 
_ndb_struct_na_base_pair.stagger 
_ndb_struct_na_base_pair.buckle 
_ndb_struct_na_base_pair.propeller 
_ndb_struct_na_base_pair.opening 
_ndb_struct_na_base_pair.pair_number 
_ndb_struct_na_base_pair.pair_name 
_ndb_struct_na_base_pair.i_auth_asym_id 
_ndb_struct_na_base_pair.i_auth_seq_id 
_ndb_struct_na_base_pair.i_PDB_ins_code 
_ndb_struct_na_base_pair.j_auth_asym_id 
_ndb_struct_na_base_pair.j_auth_seq_id 
_ndb_struct_na_base_pair.j_PDB_ins_code 
_ndb_struct_na_base_pair.hbond_type_28 
_ndb_struct_na_base_pair.hbond_type_12 
1 A LCG 4  1_555 B C   13 1_555 -0.289 -0.259 -0.064 -6.480 -12.685 -0.878 1  A_LCG4:C17_B A 4  ? B 17 ? 19 1 
1 A A   5  1_555 B U   12 1_555 -0.318 -0.197 -0.098 0.347  -13.400 -4.832 2  A_A9:U16_B   A 9  ? B 16 ? 20 1 
1 A C   6  1_555 B G   11 1_555 0.098  -0.102 -0.016 6.796  -14.955 0.576  3  A_C10:G15_B  A 10 ? B 15 ? 19 1 
1 A U   7  1_555 B A   10 1_555 -0.521 -0.229 0.002  0.188  -16.791 -2.964 4  A_U11:A14_B  A 11 ? B 14 ? 20 1 
1 A U   8  1_555 B A   9  1_555 0.011  -0.219 -0.153 5.257  -20.124 5.739  5  A_U12:A13_B  A 12 ? B 13 ? 20 1 
1 A A   9  1_555 B U   8  1_555 -0.030 -0.253 -0.110 -2.984 -19.620 3.413  6  A_A13:U12_B  A 13 ? B 12 ? 20 1 
1 A A   10 1_555 B U   7  1_555 0.482  -0.255 -0.025 0.003  -16.775 -4.076 7  A_A14:U11_B  A 14 ? B 11 ? 20 1 
1 A G   11 1_555 B C   6  1_555 -0.144 -0.081 -0.052 -7.985 -15.495 1.939  8  A_G15:C10_B  A 15 ? B 10 ? 19 1 
1 A U   12 1_555 B A   5  1_555 0.203  -0.220 0.021  -1.604 -13.547 -3.348 9  A_U16:A9_B   A 16 ? B 9  ? 20 1 
1 A C   13 1_555 B LCG 4  1_555 0.351  -0.258 -0.006 5.750  -13.186 -1.769 10 A_C17:LCG4_B A 17 ? B 4  ? 19 1 
# 
loop_
_ndb_struct_na_base_pair_step.model_number 
_ndb_struct_na_base_pair_step.i_label_asym_id_1 
_ndb_struct_na_base_pair_step.i_label_comp_id_1 
_ndb_struct_na_base_pair_step.i_label_seq_id_1 
_ndb_struct_na_base_pair_step.i_symmetry_1 
_ndb_struct_na_base_pair_step.j_label_asym_id_1 
_ndb_struct_na_base_pair_step.j_label_comp_id_1 
_ndb_struct_na_base_pair_step.j_label_seq_id_1 
_ndb_struct_na_base_pair_step.j_symmetry_1 
_ndb_struct_na_base_pair_step.i_label_asym_id_2 
_ndb_struct_na_base_pair_step.i_label_comp_id_2 
_ndb_struct_na_base_pair_step.i_label_seq_id_2 
_ndb_struct_na_base_pair_step.i_symmetry_2 
_ndb_struct_na_base_pair_step.j_label_asym_id_2 
_ndb_struct_na_base_pair_step.j_label_comp_id_2 
_ndb_struct_na_base_pair_step.j_label_seq_id_2 
_ndb_struct_na_base_pair_step.j_symmetry_2 
_ndb_struct_na_base_pair_step.shift 
_ndb_struct_na_base_pair_step.slide 
_ndb_struct_na_base_pair_step.rise 
_ndb_struct_na_base_pair_step.tilt 
_ndb_struct_na_base_pair_step.roll 
_ndb_struct_na_base_pair_step.twist 
_ndb_struct_na_base_pair_step.x_displacement 
_ndb_struct_na_base_pair_step.y_displacement 
_ndb_struct_na_base_pair_step.helical_rise 
_ndb_struct_na_base_pair_step.inclination 
_ndb_struct_na_base_pair_step.tip 
_ndb_struct_na_base_pair_step.helical_twist 
_ndb_struct_na_base_pair_step.step_number 
_ndb_struct_na_base_pair_step.step_name 
_ndb_struct_na_base_pair_step.i_auth_asym_id_1 
_ndb_struct_na_base_pair_step.i_auth_seq_id_1 
_ndb_struct_na_base_pair_step.i_PDB_ins_code_1 
_ndb_struct_na_base_pair_step.j_auth_asym_id_1 
_ndb_struct_na_base_pair_step.j_auth_seq_id_1 
_ndb_struct_na_base_pair_step.j_PDB_ins_code_1 
_ndb_struct_na_base_pair_step.i_auth_asym_id_2 
_ndb_struct_na_base_pair_step.i_auth_seq_id_2 
_ndb_struct_na_base_pair_step.i_PDB_ins_code_2 
_ndb_struct_na_base_pair_step.j_auth_asym_id_2 
_ndb_struct_na_base_pair_step.j_auth_seq_id_2 
_ndb_struct_na_base_pair_step.j_PDB_ins_code_2 
1 A LCG 4  1_555 B C 13 1_555 A A 5  1_555 B U   12 1_555 -0.274 -1.625 3.019 -1.078 7.190  28.908 -4.461 0.338  2.557 14.122 
2.117  29.789 1 AA_LCG4A9:U16C17_BB A 4  ? B 17 ? A 9  ? B 16 ? 
1 A A   5  1_555 B U 12 1_555 A C 6  1_555 B G   11 1_555 0.454  -1.850 3.125 -0.407 -0.005 32.944 -3.262 -0.866 3.119 -0.009 
0.717  32.947 2 AA_A9C10:G15U16_BB  A 9  ? B 16 ? A 10 ? B 15 ? 
1 A C   6  1_555 B G 11 1_555 A U 7  1_555 B A   10 1_555 -0.813 -2.069 3.371 -2.920 11.213 26.298 -6.498 1.036  2.381 23.261 
6.058  28.696 3 AA_C10U11:A14G15_BB A 10 ? B 15 ? A 11 ? B 14 ? 
1 A U   7  1_555 B A 10 1_555 A U 8  1_555 B A   9  1_555 0.201  -0.994 3.185 0.668  6.476  34.659 -2.552 -0.238 2.960 10.754 
-1.109 35.247 4 AA_U11U12:A13A14_BB A 11 ? B 14 ? A 12 ? B 13 ? 
1 A U   8  1_555 B A 9  1_555 A A 9  1_555 B U   8  1_555 -0.047 -1.094 3.371 -0.558 19.949 32.081 -4.148 0.004  2.324 32.472 
0.908  37.643 5 AA_U12A13:U12A13_BB A 12 ? B 13 ? A 13 ? B 12 ? 
1 A A   9  1_555 B U 8  1_555 A A 10 1_555 B U   7  1_555 -0.183 -1.035 3.245 -0.150 6.733  34.553 -2.679 0.281  2.997 11.204 
0.249  35.184 6 AA_A13A14:U11U12_BB A 13 ? B 12 ? A 14 ? B 11 ? 
1 A A   10 1_555 B U 7  1_555 A G 11 1_555 B C   6  1_555 0.898  -2.044 3.410 2.964  10.897 26.109 -6.513 -1.191 2.461 22.811 
-6.205 28.408 7 AA_A14G15:C10U11_BB A 14 ? B 11 ? A 15 ? B 10 ? 
1 A G   11 1_555 B C 6  1_555 A U 12 1_555 B A   5  1_555 -0.393 -1.804 3.121 -0.359 -0.015 32.329 -3.238 0.645  3.126 -0.027 
0.644  32.331 8 AA_G15U16:A9C10_BB  A 15 ? B 10 ? A 16 ? B 9  ? 
1 A U   12 1_555 B A 5  1_555 A C 13 1_555 B LCG 4  1_555 0.131  -1.653 2.997 1.178  7.225  30.190 -4.282 -0.050 2.545 13.622 
-2.221 31.045 9 AA_U16C17:LCG4A9_BB A 16 ? B 9  ? A 17 ? B 4  ? 
# 
loop_
_pdbx_audit_support.funding_organization 
_pdbx_audit_support.country 
_pdbx_audit_support.grant_number 
_pdbx_audit_support.ordinal 
'National Science Foundation (NSF, United States)' 'United States' 1607034 1 
'Howard Hughes Medical Institute (HHMI)'           'United States' ?       2 
# 
loop_
_pdbx_entity_instance_feature.ordinal 
_pdbx_entity_instance_feature.comp_id 
_pdbx_entity_instance_feature.asym_id 
_pdbx_entity_instance_feature.seq_num 
_pdbx_entity_instance_feature.auth_comp_id 
_pdbx_entity_instance_feature.auth_asym_id 
_pdbx_entity_instance_feature.auth_seq_num 
_pdbx_entity_instance_feature.feature_type 
_pdbx_entity_instance_feature.details 
1 GFL ? ? GFL ? ? 'SUBJECT OF INVESTIGATION' ? 
2 GP3 ? ? GP3 ? ? 'SUBJECT OF INVESTIGATION' ? 
# 
loop_
_pdbx_entity_nonpoly.entity_id 
_pdbx_entity_nonpoly.name 
_pdbx_entity_nonpoly.comp_id 
2 "DIGUANOSINE-5'-TRIPHOSPHATE" GP3 
3 'MAGNESIUM ION'               MG  
4 water                         HOH 
# 
_pdbx_initial_refinement_model.id               1 
_pdbx_initial_refinement_model.entity_id_list   ? 
_pdbx_initial_refinement_model.type             'experimental model' 
_pdbx_initial_refinement_model.source_name      PDB 
_pdbx_initial_refinement_model.accession_code   5UEE 
_pdbx_initial_refinement_model.details          ? 
# 
_pdbx_struct_assembly_auth_evidence.id                     1 
_pdbx_struct_assembly_auth_evidence.assembly_id            1 
_pdbx_struct_assembly_auth_evidence.experimental_support   none 
_pdbx_struct_assembly_auth_evidence.details                ? 
# 
